data_2PBI
#
_entry.id   2PBI
#
_cell.length_a   110.167
_cell.length_b   119.032
_cell.length_c   131.950
_cell.angle_alpha   90.00
_cell.angle_beta   90.00
_cell.angle_gamma   90.00
#
_symmetry.space_group_name_H-M   'P 21 21 21'
#
loop_
_entity.id
_entity.type
_entity.pdbx_description
1 polymer 'Regulator of G-protein signaling 9'
2 polymer 'Guanine nucleotide-binding protein subunit beta 5'
3 non-polymer GLYCEROL
4 water water
#
loop_
_entity_poly.entity_id
_entity_poly.type
_entity_poly.pdbx_seq_one_letter_code
_entity_poly.pdbx_strand_id
1 'polypeptide(L)'
;GAMTIRHQGQQYRPRMAFLQKIEALVKDMQNPETGVRMHNQRVLVTSVPHAMTGGDVLQWITQRLWISNLEAQNLGNFIV
KYGYIYPLQDPKNLILKPDSSLYRFQTPYFWPTQQWPAEDTDYAIYLAKRNIKKKGILEEYEKENYDFLNKKINYKWDFV
IMQAKEQYRTGKERNKADRYALDCQEKAYWLVHRSPPGMNNVLDYGLDRVTNPNEVKKQTVTAVRKEIMYYQQALMRSTV
KSSVSLGGIVKYSEQFSSNDAIMSGCLPSNPWITDDTQFWDLNAKLVEIPTKMRVERWAFNFSELIRDPKGRQSFQYFLK
KEFSGENLGFWEACEDLKYGDQSKVKEKAEEIYKLFLAPGARRWINIDGKTMDITVKGLRHPHRYVLDAAQTHIYMLMKK
DSYARYLKSPIYKEMLAKAIEPQE
;
A,C
2 'polypeptide(L)'
;GMATDGLHENETLASLKSEAESLKGKLEEERAKLHDVELHQVAERVEALGQFVMKTRRTLKGHGNKVLCMDWCKDKRRIV
SSSQDGKVIVWDSFTTNKEHAVTMPCTWVMACAYAPSGCAIACGGLDNKCSVYPLTFDKNENMAAKKKSVAMHTNYLSAC
SFTNSDMQILTASGDGTCALWDVESGQLLQSFHGHGADVLCLDLAPSETGNTFVSGGCDKKAMVWDMRSGQCVQAFETHE
SDVNSVRYYPSGDAFASGSDDATCRLYDLRADREVAIYSKESIIFGASSVDFSLSGRLLFAGYNDYTINVWDVLKGSRVS
ILFGHENRVSTLRVSPDGTAFCSGSWDHTLRVWA
;
B,D
#
# COMPACT_ATOMS: atom_id res chain seq x y z
N GLY A 9 -28.78 9.89 6.35
CA GLY A 9 -29.57 8.70 6.80
C GLY A 9 -29.03 7.39 6.23
N GLN A 10 -29.92 6.65 5.57
CA GLN A 10 -29.58 5.34 5.01
C GLN A 10 -29.85 5.37 3.50
N GLN A 11 -28.87 4.94 2.71
CA GLN A 11 -28.94 5.11 1.27
C GLN A 11 -29.14 3.83 0.47
N TYR A 12 -28.81 2.68 1.05
CA TYR A 12 -28.69 1.46 0.26
C TYR A 12 -29.65 0.33 0.61
N ARG A 13 -30.18 -0.33 -0.41
CA ARG A 13 -31.01 -1.52 -0.20
C ARG A 13 -30.19 -2.65 0.45
N PRO A 14 -30.81 -3.40 1.37
CA PRO A 14 -30.09 -4.48 2.04
C PRO A 14 -29.86 -5.67 1.12
N ARG A 15 -28.96 -6.58 1.53
CA ARG A 15 -28.79 -7.84 0.85
C ARG A 15 -30.10 -8.59 0.83
N MET A 16 -30.32 -9.35 -0.24
CA MET A 16 -31.54 -10.14 -0.39
C MET A 16 -31.16 -11.51 -0.95
N ALA A 17 -30.60 -12.33 -0.06
CA ALA A 17 -30.09 -13.66 -0.43
C ALA A 17 -31.20 -14.59 -0.96
N PHE A 18 -32.44 -14.32 -0.56
CA PHE A 18 -33.57 -15.18 -0.96
C PHE A 18 -33.81 -15.20 -2.47
N LEU A 19 -33.48 -14.11 -3.14
CA LEU A 19 -33.77 -13.97 -4.58
C LEU A 19 -33.09 -15.05 -5.41
N GLN A 20 -31.78 -15.22 -5.21
CA GLN A 20 -31.02 -16.24 -5.93
CA GLN A 20 -30.98 -16.27 -5.89
C GLN A 20 -31.61 -17.63 -5.65
N LYS A 21 -32.07 -17.83 -4.41
CA LYS A 21 -32.64 -19.12 -4.00
C LYS A 21 -34.00 -19.42 -4.64
N ILE A 22 -34.86 -18.42 -4.78
CA ILE A 22 -36.10 -18.60 -5.54
C ILE A 22 -35.79 -18.88 -7.01
N GLU A 23 -34.87 -18.09 -7.58
CA GLU A 23 -34.44 -18.25 -8.97
C GLU A 23 -33.90 -19.65 -9.28
N ALA A 24 -33.12 -20.22 -8.35
CA ALA A 24 -32.61 -21.59 -8.48
C ALA A 24 -33.76 -22.60 -8.51
N LEU A 25 -34.75 -22.40 -7.65
CA LEU A 25 -35.93 -23.26 -7.58
C LEU A 25 -36.75 -23.14 -8.86
N VAL A 26 -36.95 -21.90 -9.31
CA VAL A 26 -37.71 -21.64 -10.54
C VAL A 26 -37.04 -22.30 -11.76
N LYS A 27 -35.71 -22.19 -11.84
CA LYS A 27 -34.94 -22.88 -12.88
C LYS A 27 -35.12 -24.42 -12.80
N ASP A 28 -35.07 -24.98 -11.60
CA ASP A 28 -35.33 -26.41 -11.41
C ASP A 28 -36.73 -26.76 -11.93
N MET A 29 -37.73 -25.93 -11.61
CA MET A 29 -39.12 -26.15 -12.08
C MET A 29 -39.30 -26.15 -13.60
N GLN A 30 -38.44 -25.40 -14.30
CA GLN A 30 -38.51 -25.25 -15.76
C GLN A 30 -37.68 -26.29 -16.52
N ASN A 31 -36.99 -27.16 -15.79
CA ASN A 31 -36.20 -28.23 -16.40
C ASN A 31 -37.08 -29.12 -17.29
N PRO A 32 -36.64 -29.40 -18.53
CA PRO A 32 -37.41 -30.19 -19.49
C PRO A 32 -37.70 -31.64 -19.08
N GLU A 33 -36.81 -32.24 -18.29
CA GLU A 33 -36.98 -33.64 -17.91
C GLU A 33 -37.60 -33.86 -16.53
N THR A 34 -37.35 -32.93 -15.60
CA THR A 34 -37.71 -33.13 -14.21
C THR A 34 -38.51 -31.97 -13.59
N GLY A 35 -38.89 -30.99 -14.42
CA GLY A 35 -39.62 -29.82 -13.94
C GLY A 35 -41.10 -30.06 -13.70
N VAL A 36 -41.83 -28.97 -13.44
CA VAL A 36 -43.29 -29.02 -13.23
C VAL A 36 -43.99 -29.50 -14.52
N ARG A 37 -45.00 -30.35 -14.37
CA ARG A 37 -45.84 -30.73 -15.51
C ARG A 37 -46.47 -29.50 -16.15
N MET A 38 -46.37 -29.42 -17.47
CA MET A 38 -46.93 -28.30 -18.21
C MET A 38 -48.16 -28.73 -19.01
N HIS A 39 -48.86 -27.75 -19.56
CA HIS A 39 -50.07 -28.00 -20.34
C HIS A 39 -49.88 -27.81 -21.84
N ASN A 40 -50.67 -28.54 -22.62
CA ASN A 40 -50.85 -28.28 -24.05
C ASN A 40 -51.37 -26.86 -24.26
N GLN A 41 -51.26 -26.36 -25.48
CA GLN A 41 -51.86 -25.08 -25.82
C GLN A 41 -52.43 -25.16 -27.22
N ARG A 42 -53.74 -25.41 -27.29
CA ARG A 42 -54.44 -25.64 -28.54
C ARG A 42 -54.64 -24.34 -29.32
N VAL A 43 -54.69 -23.22 -28.60
CA VAL A 43 -54.63 -21.89 -29.22
C VAL A 43 -53.15 -21.47 -29.27
N LEU A 44 -52.71 -21.07 -30.46
CA LEU A 44 -51.31 -20.75 -30.67
C LEU A 44 -50.92 -19.42 -29.99
N VAL A 45 -50.16 -19.53 -28.90
CA VAL A 45 -49.63 -18.38 -28.16
C VAL A 45 -48.11 -18.46 -28.14
N THR A 46 -47.45 -17.52 -28.82
CA THR A 46 -45.99 -17.52 -29.02
C THR A 46 -45.18 -16.64 -28.06
N SER A 47 -45.86 -15.81 -27.28
CA SER A 47 -45.19 -14.73 -26.54
C SER A 47 -44.86 -15.07 -25.08
N VAL A 48 -45.43 -16.16 -24.56
CA VAL A 48 -45.30 -16.55 -23.16
C VAL A 48 -45.18 -18.07 -23.06
N PRO A 49 -44.66 -18.60 -21.92
CA PRO A 49 -44.60 -20.06 -21.84
C PRO A 49 -45.97 -20.71 -21.69
N HIS A 50 -46.01 -22.03 -21.82
CA HIS A 50 -47.24 -22.80 -21.59
C HIS A 50 -47.67 -22.65 -20.15
N ALA A 51 -48.96 -22.84 -19.90
CA ALA A 51 -49.53 -22.70 -18.56
C ALA A 51 -49.30 -23.99 -17.79
N MET A 52 -49.52 -23.93 -16.47
CA MET A 52 -49.42 -25.09 -15.60
C MET A 52 -50.40 -24.86 -14.46
N THR A 53 -50.84 -25.93 -13.81
CA THR A 53 -51.81 -25.76 -12.71
C THR A 53 -51.12 -25.49 -11.37
N GLY A 54 -51.81 -24.78 -10.49
CA GLY A 54 -51.33 -24.58 -9.12
C GLY A 54 -51.08 -25.89 -8.40
N GLY A 55 -51.95 -26.87 -8.59
CA GLY A 55 -51.78 -28.21 -8.00
C GLY A 55 -50.51 -28.91 -8.43
N ASP A 56 -50.18 -28.83 -9.73
CA ASP A 56 -48.94 -29.42 -10.25
C ASP A 56 -47.66 -28.71 -9.73
N VAL A 57 -47.70 -27.38 -9.60
CA VAL A 57 -46.56 -26.65 -9.01
C VAL A 57 -46.39 -27.09 -7.57
N LEU A 58 -47.50 -27.14 -6.84
CA LEU A 58 -47.46 -27.56 -5.44
C LEU A 58 -46.94 -28.99 -5.25
N GLN A 59 -47.40 -29.90 -6.10
CA GLN A 59 -46.95 -31.29 -6.05
C GLN A 59 -45.44 -31.39 -6.29
N TRP A 60 -44.96 -30.63 -7.28
CA TRP A 60 -43.54 -30.59 -7.59
C TRP A 60 -42.70 -30.11 -6.39
N ILE A 61 -43.13 -29.03 -5.74
CA ILE A 61 -42.47 -28.50 -4.53
C ILE A 61 -42.44 -29.53 -3.39
N THR A 62 -43.60 -30.11 -3.09
CA THR A 62 -43.73 -31.11 -2.03
C THR A 62 -42.77 -32.26 -2.25
N GLN A 63 -42.71 -32.75 -3.49
CA GLN A 63 -41.86 -33.88 -3.85
C GLN A 63 -40.37 -33.53 -3.90
N ARG A 64 -40.05 -32.40 -4.51
CA ARG A 64 -38.65 -31.96 -4.68
C ARG A 64 -37.98 -31.69 -3.31
N LEU A 65 -38.68 -31.00 -2.43
CA LEU A 65 -38.12 -30.56 -1.16
C LEU A 65 -38.45 -31.52 -0.03
N TRP A 66 -39.30 -32.50 -0.33
CA TRP A 66 -39.76 -33.52 0.63
C TRP A 66 -40.30 -32.89 1.91
N ILE A 67 -41.40 -32.16 1.78
CA ILE A 67 -41.96 -31.41 2.89
C ILE A 67 -43.47 -31.56 2.93
N SER A 68 -44.08 -31.17 4.05
CA SER A 68 -45.54 -31.22 4.19
C SER A 68 -46.25 -30.28 3.22
N ASN A 69 -47.52 -30.55 2.95
CA ASN A 69 -48.25 -29.69 2.04
CA ASN A 69 -48.33 -29.71 2.08
C ASN A 69 -48.39 -28.27 2.59
N LEU A 70 -48.46 -28.12 3.92
CA LEU A 70 -48.53 -26.80 4.54
C LEU A 70 -47.28 -25.98 4.25
N GLU A 71 -46.11 -26.60 4.44
CA GLU A 71 -44.84 -25.89 4.19
C GLU A 71 -44.68 -25.60 2.69
N ALA A 72 -45.05 -26.55 1.84
CA ALA A 72 -45.00 -26.34 0.39
C ALA A 72 -45.96 -25.24 -0.08
N GLN A 73 -47.14 -25.22 0.52
CA GLN A 73 -48.12 -24.16 0.26
C GLN A 73 -47.60 -22.78 0.65
N ASN A 74 -46.98 -22.66 1.82
CA ASN A 74 -46.40 -21.40 2.25
C ASN A 74 -45.32 -20.94 1.28
N LEU A 75 -44.39 -21.84 0.93
CA LEU A 75 -43.33 -21.47 0.00
C LEU A 75 -43.90 -21.12 -1.38
N GLY A 76 -44.84 -21.91 -1.87
CA GLY A 76 -45.46 -21.68 -3.18
C GLY A 76 -46.12 -20.31 -3.21
N ASN A 77 -46.78 -19.94 -2.12
CA ASN A 77 -47.39 -18.61 -1.99
C ASN A 77 -46.39 -17.49 -2.17
N PHE A 78 -45.21 -17.63 -1.54
CA PHE A 78 -44.18 -16.59 -1.70
C PHE A 78 -43.64 -16.47 -3.13
N ILE A 79 -43.50 -17.61 -3.81
CA ILE A 79 -43.05 -17.57 -5.21
C ILE A 79 -44.03 -16.72 -6.07
N VAL A 80 -45.31 -16.85 -5.78
CA VAL A 80 -46.36 -16.04 -6.43
C VAL A 80 -46.33 -14.59 -5.95
N LYS A 81 -46.23 -14.39 -4.64
CA LYS A 81 -46.25 -13.02 -4.10
C LYS A 81 -45.10 -12.17 -4.66
N TYR A 82 -43.94 -12.79 -4.87
CA TYR A 82 -42.77 -12.10 -5.44
C TYR A 82 -42.82 -11.97 -6.97
N GLY A 83 -43.80 -12.62 -7.58
CA GLY A 83 -44.08 -12.44 -9.00
C GLY A 83 -43.33 -13.34 -9.97
N TYR A 84 -42.73 -14.42 -9.46
CA TYR A 84 -42.01 -15.37 -10.33
C TYR A 84 -42.98 -16.27 -11.12
N ILE A 85 -44.14 -16.49 -10.51
CA ILE A 85 -45.24 -17.24 -11.08
C ILE A 85 -46.48 -16.39 -10.88
N TYR A 86 -47.37 -16.36 -11.87
CA TYR A 86 -48.59 -15.56 -11.76
C TYR A 86 -49.83 -16.30 -12.27
N PRO A 87 -50.99 -16.03 -11.66
CA PRO A 87 -52.25 -16.69 -12.05
C PRO A 87 -52.88 -16.11 -13.32
N LEU A 88 -53.53 -16.96 -14.11
CA LEU A 88 -54.20 -16.50 -15.33
C LEU A 88 -55.62 -15.99 -15.06
N GLN A 89 -56.19 -16.40 -13.93
CA GLN A 89 -57.52 -15.96 -13.49
C GLN A 89 -57.47 -15.48 -12.03
N ASP A 90 -58.47 -14.70 -11.61
CA ASP A 90 -58.48 -14.07 -10.26
C ASP A 90 -57.12 -13.41 -9.93
N PRO A 91 -56.62 -12.53 -10.83
CA PRO A 91 -55.21 -12.09 -10.75
C PRO A 91 -54.79 -11.30 -9.51
N LYS A 92 -55.76 -10.69 -8.84
CA LYS A 92 -55.47 -9.92 -7.62
C LYS A 92 -55.15 -10.81 -6.43
N ASN A 93 -55.43 -12.10 -6.57
CA ASN A 93 -55.25 -13.07 -5.50
C ASN A 93 -53.90 -13.77 -5.64
N LEU A 94 -52.86 -13.20 -5.00
CA LEU A 94 -51.50 -13.70 -5.15
C LEU A 94 -51.18 -14.84 -4.19
N ILE A 95 -51.85 -15.96 -4.44
CA ILE A 95 -51.58 -17.21 -3.74
C ILE A 95 -51.42 -18.29 -4.80
N LEU A 96 -50.79 -19.40 -4.44
CA LEU A 96 -50.74 -20.56 -5.32
C LEU A 96 -51.85 -21.54 -4.92
N LYS A 97 -52.93 -21.57 -5.69
CA LYS A 97 -54.09 -22.38 -5.33
C LYS A 97 -53.79 -23.85 -5.58
N PRO A 98 -54.10 -24.71 -4.61
CA PRO A 98 -53.86 -26.17 -4.76
C PRO A 98 -54.94 -26.83 -5.62
N ASP A 99 -55.08 -26.38 -6.86
CA ASP A 99 -56.18 -26.86 -7.71
C ASP A 99 -55.85 -26.71 -9.19
N SER A 100 -56.86 -26.86 -10.05
CA SER A 100 -56.64 -26.78 -11.51
C SER A 100 -56.52 -25.35 -12.07
N SER A 101 -56.53 -24.34 -11.19
CA SER A 101 -56.28 -22.94 -11.58
C SER A 101 -54.94 -22.85 -12.30
N LEU A 102 -54.90 -22.04 -13.36
CA LEU A 102 -53.73 -21.94 -14.23
C LEU A 102 -52.78 -20.79 -13.89
N TYR A 103 -51.48 -21.05 -14.09
CA TYR A 103 -50.38 -20.14 -13.79
C TYR A 103 -49.37 -20.19 -14.93
N ARG A 104 -48.55 -19.14 -15.05
CA ARG A 104 -47.42 -19.13 -15.96
C ARG A 104 -46.19 -18.61 -15.23
N PHE A 105 -45.02 -19.03 -15.69
CA PHE A 105 -43.77 -18.48 -15.21
C PHE A 105 -43.61 -17.09 -15.78
N GLN A 106 -43.22 -16.17 -14.90
CA GLN A 106 -42.91 -14.81 -15.31
C GLN A 106 -41.58 -14.83 -16.09
N THR A 107 -41.44 -13.92 -17.04
CA THR A 107 -40.19 -13.78 -17.79
C THR A 107 -39.12 -13.14 -16.86
N PRO A 108 -37.84 -13.59 -16.93
CA PRO A 108 -36.81 -13.00 -16.04
C PRO A 108 -36.70 -11.46 -16.03
N TYR A 109 -37.04 -10.81 -17.13
CA TYR A 109 -37.08 -9.35 -17.21
C TYR A 109 -37.99 -8.72 -16.13
N PHE A 110 -39.00 -9.47 -15.71
CA PHE A 110 -39.96 -8.99 -14.73
C PHE A 110 -39.75 -9.67 -13.36
N TRP A 111 -38.55 -10.18 -13.10
CA TRP A 111 -38.24 -10.67 -11.77
C TRP A 111 -37.79 -9.51 -10.87
N PRO A 112 -37.97 -9.64 -9.54
CA PRO A 112 -37.44 -8.63 -8.64
C PRO A 112 -35.92 -8.75 -8.54
N THR A 113 -35.25 -7.64 -8.24
CA THR A 113 -33.79 -7.62 -8.12
C THR A 113 -33.38 -7.03 -6.78
N GLN A 114 -32.17 -7.35 -6.31
CA GLN A 114 -31.71 -6.86 -5.01
C GLN A 114 -31.43 -5.34 -5.08
N GLN A 115 -30.77 -4.90 -6.15
CA GLN A 115 -30.22 -3.55 -6.20
C GLN A 115 -31.15 -2.49 -6.82
N TRP A 116 -32.10 -2.93 -7.65
CA TRP A 116 -32.88 -2.00 -8.47
C TRP A 116 -34.38 -2.16 -8.25
N PRO A 117 -35.05 -1.16 -7.66
CA PRO A 117 -36.52 -1.29 -7.64
C PRO A 117 -37.13 -0.94 -9.00
N ALA A 118 -38.40 -1.26 -9.19
CA ALA A 118 -39.14 -0.82 -10.38
C ALA A 118 -39.23 0.70 -10.36
N GLU A 119 -39.07 1.32 -11.52
CA GLU A 119 -38.92 2.77 -11.60
C GLU A 119 -40.21 3.48 -12.01
N ASP A 120 -40.41 4.67 -11.45
CA ASP A 120 -41.62 5.47 -11.70
C ASP A 120 -41.82 5.77 -13.20
N THR A 121 -40.74 6.01 -13.93
CA THR A 121 -40.83 6.30 -15.37
C THR A 121 -41.45 5.11 -16.12
N ASP A 122 -40.99 3.91 -15.77
CA ASP A 122 -41.48 2.67 -16.38
C ASP A 122 -42.93 2.44 -15.99
N TYR A 123 -43.29 2.76 -14.76
CA TYR A 123 -44.67 2.59 -14.32
C TYR A 123 -45.57 3.59 -15.04
N ALA A 124 -45.10 4.83 -15.22
CA ALA A 124 -45.87 5.84 -15.94
C ALA A 124 -46.15 5.40 -17.38
N ILE A 125 -45.13 4.83 -18.02
CA ILE A 125 -45.26 4.35 -19.40
C ILE A 125 -46.32 3.24 -19.47
N TYR A 126 -46.27 2.32 -18.51
CA TYR A 126 -47.24 1.23 -18.44
C TYR A 126 -48.66 1.79 -18.29
N LEU A 127 -48.85 2.71 -17.36
CA LEU A 127 -50.18 3.30 -17.13
C LEU A 127 -50.65 4.16 -18.31
N ALA A 128 -49.75 4.92 -18.93
CA ALA A 128 -50.13 5.74 -20.08
C ALA A 128 -50.54 4.85 -21.25
N LYS A 129 -49.83 3.75 -21.46
CA LYS A 129 -50.19 2.76 -22.45
C LYS A 129 -51.54 2.11 -22.20
N ARG A 130 -51.76 1.70 -20.97
CA ARG A 130 -53.03 1.11 -20.57
C ARG A 130 -54.14 2.10 -20.75
N ASN A 131 -53.90 3.33 -20.37
CA ASN A 131 -54.84 4.37 -20.66
C ASN A 131 -55.25 4.49 -22.10
N ILE A 132 -54.37 4.19 -23.02
CA ILE A 132 -54.69 4.28 -24.43
C ILE A 132 -55.52 3.10 -24.87
N LYS A 133 -55.16 1.92 -24.41
CA LYS A 133 -55.98 0.73 -24.65
C LYS A 133 -57.42 0.76 -24.15
N LYS A 134 -57.85 1.86 -23.54
CA LYS A 134 -59.21 2.09 -23.22
C LYS A 134 -59.47 3.54 -23.22
N LYS A 135 -60.44 4.02 -22.46
CA LYS A 135 -60.23 5.39 -22.06
C LYS A 135 -59.62 5.41 -20.69
N GLY A 136 -60.49 5.25 -19.68
CA GLY A 136 -60.16 4.66 -18.40
C GLY A 136 -60.60 3.27 -17.99
N ILE A 137 -60.12 2.28 -18.72
CA ILE A 137 -59.92 0.93 -18.26
C ILE A 137 -59.05 0.92 -17.04
N LEU A 138 -58.69 2.07 -16.53
CA LEU A 138 -57.81 2.11 -15.41
C LEU A 138 -58.69 1.89 -14.21
N GLU A 139 -58.19 1.09 -13.29
CA GLU A 139 -58.80 0.92 -12.02
C GLU A 139 -58.60 2.14 -11.17
N GLU A 140 -59.37 2.24 -10.11
CA GLU A 140 -59.33 3.39 -9.23
C GLU A 140 -57.94 3.72 -8.76
N TYR A 141 -57.26 2.77 -8.15
CA TYR A 141 -55.95 3.04 -7.63
C TYR A 141 -54.96 3.43 -8.72
N GLU A 142 -55.15 2.91 -9.90
CA GLU A 142 -54.28 3.18 -11.05
C GLU A 142 -54.46 4.60 -11.58
N LYS A 143 -55.71 5.09 -11.58
CA LYS A 143 -55.99 6.48 -11.93
C LYS A 143 -55.29 7.45 -10.98
N GLU A 144 -55.37 7.16 -9.68
CA GLU A 144 -54.67 7.91 -8.64
C GLU A 144 -53.16 7.90 -8.90
N ASN A 145 -52.60 6.70 -9.10
CA ASN A 145 -51.18 6.56 -9.43
C ASN A 145 -50.76 7.36 -10.67
N TYR A 146 -51.59 7.30 -11.71
CA TYR A 146 -51.31 8.00 -12.97
C TYR A 146 -51.29 9.52 -12.77
N ASP A 147 -52.29 10.03 -12.07
CA ASP A 147 -52.36 11.45 -11.74
C ASP A 147 -51.19 11.89 -10.88
N PHE A 148 -50.82 11.08 -9.89
CA PHE A 148 -49.65 11.38 -9.06
C PHE A 148 -48.39 11.54 -9.91
N LEU A 149 -48.15 10.60 -10.82
CA LEU A 149 -46.97 10.62 -11.69
C LEU A 149 -46.94 11.76 -12.70
N ASN A 150 -48.10 12.07 -13.28
CA ASN A 150 -48.24 13.20 -14.20
C ASN A 150 -47.74 14.50 -13.57
N LYS A 151 -47.86 14.61 -12.25
CA LYS A 151 -47.37 15.76 -11.49
C LYS A 151 -45.89 15.59 -11.13
N LYS A 152 -45.54 14.46 -10.53
CA LYS A 152 -44.19 14.20 -10.00
C LYS A 152 -43.09 14.22 -11.06
N ILE A 153 -43.32 13.53 -12.18
CA ILE A 153 -42.37 13.50 -13.28
C ILE A 153 -42.92 14.21 -14.52
N ASN A 154 -43.55 15.36 -14.26
CA ASN A 154 -44.11 16.24 -15.31
CA ASN A 154 -44.13 16.19 -15.32
C ASN A 154 -43.12 16.50 -16.44
N TYR A 155 -41.85 16.67 -16.07
CA TYR A 155 -40.77 16.98 -17.02
C TYR A 155 -40.45 15.84 -18.00
N LYS A 156 -40.76 14.61 -17.60
CA LYS A 156 -40.51 13.42 -18.43
C LYS A 156 -41.74 13.03 -19.25
N TRP A 157 -42.83 13.79 -19.13
CA TRP A 157 -44.12 13.33 -19.64
C TRP A 157 -44.21 13.18 -21.15
N ASP A 158 -43.58 14.09 -21.88
CA ASP A 158 -43.48 13.94 -23.33
C ASP A 158 -42.80 12.60 -23.69
N PHE A 159 -41.72 12.27 -22.98
CA PHE A 159 -41.05 10.96 -23.12
C PHE A 159 -41.95 9.78 -22.73
N VAL A 160 -42.62 9.92 -21.60
CA VAL A 160 -43.54 8.88 -21.14
C VAL A 160 -44.58 8.58 -22.22
N ILE A 161 -45.24 9.63 -22.71
CA ILE A 161 -46.30 9.49 -23.72
C ILE A 161 -45.77 8.92 -25.04
N MET A 162 -44.65 9.46 -25.52
CA MET A 162 -43.98 8.93 -26.72
C MET A 162 -43.72 7.43 -26.61
N GLN A 163 -43.18 7.00 -25.47
CA GLN A 163 -42.84 5.60 -25.27
C GLN A 163 -44.06 4.71 -25.18
N ALA A 164 -45.09 5.19 -24.50
CA ALA A 164 -46.38 4.51 -24.40
C ALA A 164 -47.00 4.31 -25.79
N LYS A 165 -47.00 5.37 -26.60
CA LYS A 165 -47.54 5.30 -27.96
C LYS A 165 -46.76 4.34 -28.83
N GLU A 166 -45.43 4.38 -28.70
CA GLU A 166 -44.52 3.46 -29.37
C GLU A 166 -44.81 1.99 -29.06
N GLN A 167 -44.93 1.65 -27.78
CA GLN A 167 -45.18 0.28 -27.33
C GLN A 167 -46.58 -0.19 -27.70
N TYR A 168 -47.56 0.70 -27.60
CA TYR A 168 -48.93 0.43 -28.02
C TYR A 168 -48.97 0.08 -29.50
N ARG A 169 -48.28 0.89 -30.31
CA ARG A 169 -48.13 0.66 -31.75
C ARG A 169 -47.55 -0.72 -32.06
N THR A 170 -46.47 -1.06 -31.36
CA THR A 170 -45.78 -2.35 -31.53
C THR A 170 -46.62 -3.53 -31.01
N GLY A 171 -47.42 -3.28 -29.99
CA GLY A 171 -48.29 -4.31 -29.43
C GLY A 171 -49.33 -4.82 -30.42
N LYS A 172 -49.69 -3.98 -31.38
CA LYS A 172 -50.71 -4.29 -32.39
C LYS A 172 -50.24 -5.24 -33.50
N GLU A 173 -48.94 -5.57 -33.53
CA GLU A 173 -48.45 -6.54 -34.52
C GLU A 173 -48.58 -7.99 -34.04
N ARG A 174 -48.97 -8.16 -32.78
CA ARG A 174 -49.28 -9.47 -32.22
C ARG A 174 -50.73 -9.81 -32.50
N ASN A 175 -51.03 -11.10 -32.67
CA ASN A 175 -52.43 -11.53 -32.81
C ASN A 175 -53.15 -11.42 -31.47
N LYS A 176 -54.46 -11.70 -31.47
CA LYS A 176 -55.30 -11.54 -30.28
C LYS A 176 -54.77 -12.30 -29.07
N ALA A 177 -54.37 -13.55 -29.30
CA ALA A 177 -53.91 -14.44 -28.22
C ALA A 177 -52.62 -13.95 -27.59
N ASP A 178 -51.67 -13.53 -28.42
CA ASP A 178 -50.39 -13.02 -27.92
C ASP A 178 -50.56 -11.71 -27.18
N ARG A 179 -51.39 -10.82 -27.71
CA ARG A 179 -51.64 -9.52 -27.09
C ARG A 179 -52.25 -9.71 -25.69
N TYR A 180 -53.25 -10.56 -25.59
CA TYR A 180 -53.90 -10.89 -24.31
C TYR A 180 -52.89 -11.45 -23.31
N ALA A 181 -52.09 -12.42 -23.76
CA ALA A 181 -51.07 -13.08 -22.93
C ALA A 181 -50.01 -12.12 -22.41
N LEU A 182 -49.51 -11.26 -23.31
CA LEU A 182 -48.52 -10.26 -22.94
C LEU A 182 -49.07 -9.23 -21.96
N ASP A 183 -50.33 -8.83 -22.16
CA ASP A 183 -50.98 -7.89 -21.24
C ASP A 183 -51.13 -8.50 -19.84
N CYS A 184 -51.47 -9.78 -19.77
CA CYS A 184 -51.58 -10.47 -18.48
C CYS A 184 -50.22 -10.50 -17.77
N GLN A 185 -49.18 -10.85 -18.52
CA GLN A 185 -47.81 -10.94 -18.00
C GLN A 185 -47.34 -9.61 -17.39
N GLU A 186 -47.58 -8.52 -18.11
CA GLU A 186 -47.11 -7.21 -17.66
C GLU A 186 -47.90 -6.70 -16.47
N LYS A 187 -49.21 -6.94 -16.49
CA LYS A 187 -50.08 -6.60 -15.37
C LYS A 187 -49.67 -7.34 -14.10
N ALA A 188 -49.23 -8.60 -14.24
CA ALA A 188 -48.82 -9.42 -13.09
C ALA A 188 -47.57 -8.81 -12.44
N TYR A 189 -46.66 -8.30 -13.26
CA TYR A 189 -45.49 -7.60 -12.73
C TYR A 189 -45.89 -6.40 -11.89
N TRP A 190 -46.70 -5.52 -12.48
CA TRP A 190 -47.09 -4.31 -11.76
C TRP A 190 -47.93 -4.53 -10.53
N LEU A 191 -48.66 -5.64 -10.47
CA LEU A 191 -49.42 -5.98 -9.28
C LEU A 191 -48.53 -6.25 -8.07
N VAL A 192 -47.31 -6.72 -8.34
CA VAL A 192 -46.31 -7.00 -7.29
C VAL A 192 -45.54 -5.73 -6.92
N HIS A 193 -45.17 -4.95 -7.94
CA HIS A 193 -44.28 -3.80 -7.73
C HIS A 193 -44.99 -2.48 -7.46
N ARG A 194 -46.28 -2.42 -7.77
CA ARG A 194 -47.12 -1.26 -7.46
C ARG A 194 -48.49 -1.80 -7.06
N SER A 195 -48.55 -2.35 -5.85
CA SER A 195 -49.71 -3.11 -5.39
C SER A 195 -50.91 -2.23 -5.11
N PRO A 196 -52.13 -2.75 -5.37
CA PRO A 196 -53.35 -2.04 -4.99
C PRO A 196 -53.32 -1.74 -3.49
N PRO A 197 -54.07 -0.72 -3.03
CA PRO A 197 -54.03 -0.43 -1.61
C PRO A 197 -54.67 -1.58 -0.83
N GLY A 198 -54.24 -1.77 0.42
CA GLY A 198 -54.83 -2.78 1.28
C GLY A 198 -54.34 -4.18 0.96
N MET A 199 -53.33 -4.24 0.09
CA MET A 199 -52.63 -5.49 -0.24
C MET A 199 -51.23 -5.43 0.33
N ASN A 200 -50.72 -6.60 0.75
CA ASN A 200 -49.39 -6.68 1.32
C ASN A 200 -48.33 -6.23 0.32
N ASN A 201 -47.39 -5.41 0.79
CA ASN A 201 -46.23 -5.07 -0.02
C ASN A 201 -45.09 -6.03 0.36
N VAL A 202 -45.03 -7.16 -0.33
CA VAL A 202 -44.00 -8.18 -0.06
C VAL A 202 -42.59 -7.61 -0.26
N LEU A 203 -42.50 -6.54 -1.05
CA LEU A 203 -41.23 -5.89 -1.34
C LEU A 203 -40.70 -4.98 -0.23
N ASP A 204 -41.50 -4.79 0.83
CA ASP A 204 -41.08 -3.98 1.99
C ASP A 204 -39.96 -4.72 2.71
N TYR A 205 -38.77 -4.13 2.76
CA TYR A 205 -37.61 -4.79 3.36
C TYR A 205 -37.16 -4.09 4.64
N GLY A 206 -37.96 -3.14 5.11
CA GLY A 206 -37.65 -2.34 6.27
C GLY A 206 -36.78 -1.15 5.91
N LEU A 207 -35.77 -0.91 6.73
CA LEU A 207 -34.88 0.22 6.55
C LEU A 207 -33.77 -0.06 5.55
N ASP A 208 -33.29 1.01 4.91
CA ASP A 208 -32.10 0.93 4.08
C ASP A 208 -30.85 0.83 4.95
N ARG A 209 -29.70 0.52 4.34
CA ARG A 209 -28.43 0.41 5.04
C ARG A 209 -27.59 1.68 4.88
N VAL A 210 -26.74 1.94 5.87
CA VAL A 210 -25.73 2.99 5.77
C VAL A 210 -24.66 2.53 4.77
N THR A 211 -24.26 1.26 4.87
CA THR A 211 -23.19 0.71 4.06
C THR A 211 -23.74 -0.05 2.86
N ASN A 212 -23.13 0.20 1.71
CA ASN A 212 -23.58 -0.40 0.47
C ASN A 212 -23.05 -1.83 0.34
N PRO A 213 -23.96 -2.84 0.35
CA PRO A 213 -23.48 -4.22 0.30
C PRO A 213 -22.85 -4.58 -1.06
N ASN A 214 -23.16 -3.79 -2.09
CA ASN A 214 -22.64 -4.04 -3.43
C ASN A 214 -21.34 -3.29 -3.73
N GLU A 215 -20.82 -2.59 -2.73
CA GLU A 215 -19.55 -1.90 -2.90
C GLU A 215 -18.36 -2.80 -2.67
N VAL A 216 -17.53 -2.91 -3.71
CA VAL A 216 -16.24 -3.59 -3.62
C VAL A 216 -15.25 -2.56 -3.10
N LYS A 217 -15.03 -2.55 -1.79
CA LYS A 217 -14.22 -1.53 -1.15
C LYS A 217 -12.75 -1.88 -1.18
N LYS A 218 -11.94 -0.94 -1.64
CA LYS A 218 -10.50 -1.07 -1.62
C LYS A 218 -10.01 -1.08 -0.17
N GLN A 219 -9.31 -2.17 0.21
CA GLN A 219 -8.68 -2.23 1.52
C GLN A 219 -7.53 -1.25 1.59
N THR A 220 -7.56 -0.38 2.63
CA THR A 220 -6.39 0.47 2.90
C THR A 220 -5.36 -0.37 3.68
N VAL A 221 -4.12 0.16 3.74
CA VAL A 221 -3.02 -0.37 4.53
C VAL A 221 -3.46 -0.55 6.00
N THR A 222 -4.04 0.52 6.57
CA THR A 222 -4.52 0.55 7.96
C THR A 222 -5.47 -0.63 8.18
N ALA A 223 -6.29 -0.92 7.18
CA ALA A 223 -7.22 -2.05 7.22
C ALA A 223 -6.47 -3.38 7.31
N VAL A 224 -5.48 -3.56 6.44
CA VAL A 224 -4.69 -4.81 6.39
C VAL A 224 -3.81 -4.97 7.63
N ARG A 225 -3.22 -3.87 8.10
CA ARG A 225 -2.46 -3.87 9.35
C ARG A 225 -3.31 -4.39 10.50
N LYS A 226 -4.56 -3.91 10.57
CA LYS A 226 -5.53 -4.30 11.60
C LYS A 226 -5.93 -5.77 11.51
N GLU A 227 -6.01 -6.28 10.28
CA GLU A 227 -6.27 -7.69 10.02
C GLU A 227 -5.11 -8.53 10.55
N ILE A 228 -3.88 -8.10 10.24
CA ILE A 228 -2.65 -8.73 10.74
C ILE A 228 -2.66 -8.79 12.27
N MET A 229 -2.96 -7.66 12.91
CA MET A 229 -3.07 -7.59 14.37
C MET A 229 -4.08 -8.59 14.94
N TYR A 230 -5.23 -8.73 14.29
CA TYR A 230 -6.20 -9.73 14.71
C TYR A 230 -5.59 -11.13 14.70
N TYR A 231 -4.96 -11.51 13.60
CA TYR A 231 -4.37 -12.86 13.49
C TYR A 231 -3.22 -13.09 14.48
N GLN A 232 -2.35 -12.11 14.63
CA GLN A 232 -1.22 -12.23 15.55
C GLN A 232 -1.75 -12.45 16.98
N GLN A 233 -2.76 -11.68 17.34
CA GLN A 233 -3.45 -11.79 18.63
C GLN A 233 -4.11 -13.17 18.78
N ALA A 234 -4.86 -13.59 17.75
CA ALA A 234 -5.56 -14.87 17.77
C ALA A 234 -4.60 -16.07 17.89
N LEU A 235 -3.47 -15.99 17.21
CA LEU A 235 -2.45 -17.04 17.28
C LEU A 235 -1.84 -17.19 18.67
N MET A 236 -1.85 -16.11 19.44
CA MET A 236 -1.39 -16.12 20.83
C MET A 236 -2.37 -16.84 21.75
N ARG A 237 -3.61 -16.99 21.29
CA ARG A 237 -4.66 -17.57 22.13
C ARG A 237 -4.69 -19.08 22.07
N SER A 238 -5.00 -19.67 23.21
CA SER A 238 -5.02 -21.12 23.35
C SER A 238 -6.40 -21.63 23.02
N THR A 239 -6.48 -22.79 22.39
CA THR A 239 -7.77 -23.46 22.19
C THR A 239 -7.68 -24.88 22.73
N VAL A 240 -8.81 -25.58 22.74
CA VAL A 240 -8.86 -26.99 23.12
C VAL A 240 -9.39 -27.83 21.96
N LYS A 241 -9.24 -29.15 22.09
CA LYS A 241 -9.74 -30.10 21.10
C LYS A 241 -11.25 -30.01 21.04
N SER A 242 -11.81 -30.25 19.85
CA SER A 242 -13.27 -30.28 19.67
C SER A 242 -13.94 -31.34 20.55
N SER A 243 -13.27 -32.47 20.77
CA SER A 243 -13.80 -33.52 21.64
C SER A 243 -14.03 -33.02 23.06
N VAL A 244 -13.14 -32.14 23.52
CA VAL A 244 -13.23 -31.51 24.83
C VAL A 244 -14.36 -30.47 24.91
N SER A 245 -14.31 -29.47 24.04
CA SER A 245 -15.31 -28.39 24.06
C SER A 245 -16.74 -28.87 23.71
N LEU A 246 -16.85 -29.69 22.66
CA LEU A 246 -18.15 -30.23 22.26
C LEU A 246 -18.68 -31.24 23.27
N GLY A 247 -17.77 -31.97 23.92
CA GLY A 247 -18.16 -32.88 24.99
C GLY A 247 -18.80 -32.11 26.12
N GLY A 248 -18.24 -30.95 26.43
CA GLY A 248 -18.76 -30.05 27.46
C GLY A 248 -20.15 -29.53 27.13
N ILE A 249 -20.34 -29.09 25.89
CA ILE A 249 -21.64 -28.62 25.41
C ILE A 249 -22.72 -29.70 25.51
N VAL A 250 -22.40 -30.89 25.04
CA VAL A 250 -23.34 -32.00 25.09
C VAL A 250 -23.68 -32.30 26.56
N LYS A 251 -22.65 -32.38 27.41
CA LYS A 251 -22.87 -32.64 28.84
C LYS A 251 -23.68 -31.55 29.55
N TYR A 252 -23.47 -30.30 29.15
CA TYR A 252 -24.20 -29.18 29.76
C TYR A 252 -25.71 -29.32 29.44
N SER A 253 -26.05 -29.55 28.17
CA SER A 253 -27.44 -29.66 27.79
C SER A 253 -28.07 -30.87 28.50
N GLU A 254 -27.35 -31.97 28.58
CA GLU A 254 -27.83 -33.16 29.28
C GLU A 254 -28.12 -32.85 30.76
N GLN A 255 -27.19 -32.15 31.40
CA GLN A 255 -27.32 -31.79 32.82
C GLN A 255 -28.55 -30.91 33.11
N PHE A 256 -28.84 -29.99 32.20
CA PHE A 256 -29.90 -29.00 32.43
C PHE A 256 -31.25 -29.41 31.82
N SER A 257 -31.28 -30.61 31.23
CA SER A 257 -32.44 -31.09 30.51
CA SER A 257 -32.45 -31.10 30.51
C SER A 257 -33.73 -31.05 31.34
N SER A 258 -33.67 -31.60 32.56
CA SER A 258 -34.86 -31.68 33.40
C SER A 258 -35.35 -30.29 33.86
N ASN A 259 -34.46 -29.30 33.83
CA ASN A 259 -34.81 -27.91 34.15
C ASN A 259 -35.36 -27.12 32.96
N ASP A 260 -35.29 -27.71 31.76
CA ASP A 260 -35.77 -27.08 30.53
C ASP A 260 -37.26 -27.40 30.40
N ALA A 261 -38.10 -26.46 30.80
CA ALA A 261 -39.55 -26.72 30.91
C ALA A 261 -40.23 -26.97 29.56
N ILE A 262 -39.77 -26.30 28.52
CA ILE A 262 -40.21 -26.58 27.14
C ILE A 262 -39.98 -28.03 26.71
N MET A 263 -38.85 -28.58 27.10
CA MET A 263 -38.56 -29.97 26.76
C MET A 263 -39.21 -30.97 27.69
N SER A 264 -39.22 -30.64 28.98
CA SER A 264 -39.43 -31.65 30.01
C SER A 264 -40.65 -31.41 30.88
N GLY A 265 -41.32 -30.26 30.69
CA GLY A 265 -42.40 -29.88 31.57
C GLY A 265 -41.89 -29.36 32.92
N CYS A 266 -42.82 -28.99 33.80
CA CYS A 266 -42.43 -28.52 35.12
C CYS A 266 -43.53 -28.81 36.13
N LEU A 267 -43.20 -28.68 37.41
CA LEU A 267 -44.12 -29.01 38.51
C LEU A 267 -44.57 -27.76 39.27
N PRO A 268 -45.87 -27.66 39.59
CA PRO A 268 -46.94 -28.62 39.29
C PRO A 268 -47.34 -28.63 37.81
N SER A 269 -47.16 -27.50 37.13
CA SER A 269 -47.49 -27.36 35.73
C SER A 269 -46.89 -26.06 35.20
N ASN A 270 -46.88 -25.93 33.88
CA ASN A 270 -46.48 -24.71 33.19
C ASN A 270 -47.60 -23.66 33.26
N PRO A 271 -47.35 -22.49 33.88
CA PRO A 271 -48.41 -21.48 33.95
C PRO A 271 -48.99 -21.07 32.59
N TRP A 272 -48.16 -21.09 31.55
CA TRP A 272 -48.63 -20.69 30.21
C TRP A 272 -49.60 -21.69 29.60
N ILE A 273 -49.58 -22.93 30.11
CA ILE A 273 -50.41 -24.00 29.56
C ILE A 273 -51.67 -24.23 30.39
N THR A 274 -51.54 -24.14 31.71
CA THR A 274 -52.65 -24.43 32.63
C THR A 274 -53.25 -23.19 33.29
N ASP A 275 -52.54 -22.07 33.19
CA ASP A 275 -52.92 -20.80 33.86
C ASP A 275 -52.80 -20.84 35.39
N ASP A 276 -52.14 -21.86 35.91
CA ASP A 276 -51.87 -21.99 37.32
C ASP A 276 -50.49 -21.37 37.58
N THR A 277 -50.44 -20.32 38.41
CA THR A 277 -49.19 -19.60 38.65
C THR A 277 -48.34 -20.17 39.78
N GLN A 278 -48.76 -21.28 40.37
CA GLN A 278 -48.01 -21.89 41.46
C GLN A 278 -46.52 -22.08 41.18
N PHE A 279 -46.18 -22.51 39.95
CA PHE A 279 -44.77 -22.69 39.54
C PHE A 279 -43.97 -21.41 39.73
N TRP A 280 -44.58 -20.27 39.39
CA TRP A 280 -43.95 -18.97 39.63
C TRP A 280 -43.90 -18.61 41.12
N ASP A 281 -44.99 -18.89 41.84
CA ASP A 281 -45.09 -18.60 43.27
C ASP A 281 -44.03 -19.35 44.04
N LEU A 282 -43.85 -20.63 43.73
CA LEU A 282 -42.89 -21.49 44.42
C LEU A 282 -41.44 -21.11 44.11
N ASN A 283 -41.25 -20.42 43.00
CA ASN A 283 -39.92 -20.04 42.52
C ASN A 283 -39.64 -18.55 42.52
N ALA A 284 -40.41 -17.81 43.32
CA ALA A 284 -40.12 -16.40 43.55
C ALA A 284 -38.65 -16.22 43.93
N LYS A 285 -38.06 -15.17 43.40
CA LYS A 285 -36.66 -14.82 43.65
C LYS A 285 -36.30 -15.01 45.12
N LEU A 286 -37.08 -14.39 46.00
CA LEU A 286 -36.82 -14.37 47.42
C LEU A 286 -37.87 -15.17 48.21
N VAL A 287 -38.22 -16.35 47.68
CA VAL A 287 -39.10 -17.29 48.37
C VAL A 287 -38.42 -17.79 49.64
N GLU A 288 -39.19 -17.96 50.71
CA GLU A 288 -38.65 -18.40 52.01
C GLU A 288 -37.95 -19.77 51.92
N ILE A 289 -38.65 -20.75 51.35
CA ILE A 289 -38.15 -22.11 51.23
C ILE A 289 -38.17 -22.50 49.75
N PRO A 290 -36.99 -22.73 49.15
CA PRO A 290 -36.91 -23.04 47.72
C PRO A 290 -37.41 -24.47 47.41
N THR A 291 -37.73 -24.73 46.14
CA THR A 291 -38.11 -26.07 45.67
C THR A 291 -36.89 -26.98 45.60
N LYS A 292 -37.12 -28.30 45.64
CA LYS A 292 -36.01 -29.23 45.57
C LYS A 292 -35.25 -29.12 44.24
N MET A 293 -35.99 -28.91 43.15
CA MET A 293 -35.36 -28.70 41.84
C MET A 293 -34.35 -27.55 41.92
N ARG A 294 -34.77 -26.43 42.51
CA ARG A 294 -33.91 -25.24 42.67
C ARG A 294 -32.63 -25.51 43.47
N VAL A 295 -32.78 -26.15 44.64
CA VAL A 295 -31.62 -26.48 45.47
C VAL A 295 -30.67 -27.43 44.75
N GLU A 296 -31.23 -28.43 44.08
CA GLU A 296 -30.44 -29.37 43.26
C GLU A 296 -29.64 -28.67 42.16
N ARG A 297 -30.25 -27.65 41.54
CA ARG A 297 -29.62 -26.90 40.46
C ARG A 297 -28.34 -26.17 40.93
N TRP A 298 -28.31 -25.76 42.19
CA TRP A 298 -27.11 -25.12 42.78
C TRP A 298 -25.86 -26.01 42.72
N ALA A 299 -26.08 -27.33 42.70
CA ALA A 299 -25.00 -28.31 42.62
C ALA A 299 -24.47 -28.54 41.20
N PHE A 300 -25.09 -27.94 40.19
CA PHE A 300 -24.70 -28.20 38.80
C PHE A 300 -23.39 -27.49 38.49
N ASN A 301 -23.29 -26.24 38.93
CA ASN A 301 -22.05 -25.49 38.80
C ASN A 301 -22.09 -24.25 39.69
N PHE A 302 -20.92 -23.67 39.94
CA PHE A 302 -20.78 -22.58 40.91
C PHE A 302 -21.61 -21.37 40.52
N SER A 303 -21.66 -21.05 39.23
CA SER A 303 -22.47 -19.91 38.77
C SER A 303 -23.96 -20.08 39.10
N GLU A 304 -24.49 -21.31 39.03
CA GLU A 304 -25.89 -21.54 39.39
C GLU A 304 -26.20 -21.15 40.84
N LEU A 305 -25.26 -21.46 41.73
CA LEU A 305 -25.37 -21.14 43.14
C LEU A 305 -25.29 -19.62 43.36
N ILE A 306 -24.24 -19.01 42.78
CA ILE A 306 -23.96 -17.58 42.96
C ILE A 306 -25.03 -16.66 42.36
N ARG A 307 -25.56 -17.04 41.21
CA ARG A 307 -26.53 -16.21 40.52
C ARG A 307 -27.94 -16.28 41.12
N ASP A 308 -28.17 -17.27 41.97
CA ASP A 308 -29.46 -17.41 42.64
C ASP A 308 -29.33 -16.74 44.01
N PRO A 309 -30.12 -15.67 44.26
CA PRO A 309 -29.98 -14.92 45.53
C PRO A 309 -30.20 -15.79 46.78
N LYS A 310 -31.12 -16.75 46.68
CA LYS A 310 -31.34 -17.73 47.75
C LYS A 310 -30.13 -18.66 47.90
N GLY A 311 -29.51 -19.01 46.78
CA GLY A 311 -28.32 -19.86 46.78
C GLY A 311 -27.13 -19.12 47.37
N ARG A 312 -26.93 -17.89 46.92
CA ARG A 312 -25.85 -17.05 47.44
C ARG A 312 -26.00 -16.78 48.94
N GLN A 313 -27.24 -16.59 49.39
CA GLN A 313 -27.54 -16.38 50.81
C GLN A 313 -27.15 -17.61 51.66
N SER A 314 -27.46 -18.80 51.13
CA SER A 314 -27.09 -20.06 51.78
C SER A 314 -25.56 -20.24 51.79
N PHE A 315 -24.93 -19.95 50.66
CA PHE A 315 -23.48 -20.05 50.53
C PHE A 315 -22.76 -19.06 51.47
N GLN A 316 -23.29 -17.84 51.58
CA GLN A 316 -22.73 -16.85 52.50
C GLN A 316 -22.78 -17.31 53.95
N TYR A 317 -23.86 -17.98 54.33
CA TYR A 317 -24.00 -18.51 55.70
C TYR A 317 -22.90 -19.55 55.99
N PHE A 318 -22.65 -20.42 55.01
CA PHE A 318 -21.54 -21.38 55.05
C PHE A 318 -20.18 -20.70 55.21
N LEU A 319 -19.93 -19.69 54.39
CA LEU A 319 -18.67 -18.94 54.46
C LEU A 319 -18.46 -18.21 55.79
N LYS A 320 -19.50 -17.53 56.28
CA LYS A 320 -19.41 -16.82 57.57
C LYS A 320 -19.03 -17.78 58.70
N LYS A 321 -19.60 -18.98 58.67
CA LYS A 321 -19.29 -19.99 59.66
C LYS A 321 -17.82 -20.42 59.63
N GLU A 322 -17.20 -20.32 58.46
CA GLU A 322 -15.81 -20.67 58.25
C GLU A 322 -14.89 -19.44 58.33
N PHE A 323 -15.46 -18.30 58.73
CA PHE A 323 -14.74 -17.02 58.84
C PHE A 323 -14.22 -16.52 57.49
N SER A 324 -15.01 -16.77 56.45
CA SER A 324 -14.73 -16.33 55.10
C SER A 324 -15.87 -15.44 54.60
N GLY A 325 -16.68 -14.93 55.52
CA GLY A 325 -17.89 -14.15 55.18
C GLY A 325 -17.66 -12.72 54.67
N GLU A 326 -16.44 -12.42 54.19
CA GLU A 326 -16.15 -11.12 53.53
C GLU A 326 -15.77 -11.30 52.06
N ASN A 327 -15.43 -12.53 51.68
CA ASN A 327 -15.08 -12.86 50.29
C ASN A 327 -16.19 -12.48 49.32
N LEU A 328 -17.41 -12.81 49.72
CA LEU A 328 -18.58 -12.58 48.90
C LEU A 328 -18.90 -11.09 48.90
N GLY A 329 -18.75 -10.44 50.05
CA GLY A 329 -18.88 -8.99 50.13
C GLY A 329 -17.88 -8.25 49.24
N PHE A 330 -16.63 -8.71 49.24
CA PHE A 330 -15.60 -8.16 48.34
C PHE A 330 -15.93 -8.39 46.86
N TRP A 331 -16.32 -9.62 46.52
CA TRP A 331 -16.73 -9.94 45.15
C TRP A 331 -17.90 -9.04 44.69
N GLU A 332 -18.89 -8.84 45.56
CA GLU A 332 -20.01 -7.95 45.24
C GLU A 332 -19.61 -6.49 45.09
N ALA A 333 -18.69 -6.03 45.93
CA ALA A 333 -18.16 -4.67 45.82
C ALA A 333 -17.47 -4.44 44.47
N CYS A 334 -16.71 -5.44 44.00
CA CYS A 334 -16.00 -5.34 42.73
C CYS A 334 -16.96 -5.39 41.53
N GLU A 335 -18.03 -6.17 41.68
CA GLU A 335 -19.10 -6.25 40.68
C GLU A 335 -19.77 -4.88 40.53
N ASP A 336 -20.13 -4.25 41.65
CA ASP A 336 -20.71 -2.90 41.60
C ASP A 336 -19.75 -1.84 41.04
N LEU A 337 -18.47 -1.94 41.37
CA LEU A 337 -17.47 -1.04 40.82
C LEU A 337 -17.46 -1.09 39.30
N LYS A 338 -17.36 -2.30 38.77
CA LYS A 338 -17.26 -2.58 37.34
C LYS A 338 -18.52 -2.20 36.57
N TYR A 339 -19.69 -2.48 37.13
CA TYR A 339 -20.96 -2.30 36.39
C TYR A 339 -21.81 -1.14 36.83
N GLY A 340 -21.40 -0.46 37.91
CA GLY A 340 -22.19 0.63 38.44
C GLY A 340 -21.84 1.98 37.87
N ASP A 341 -22.32 3.00 38.58
CA ASP A 341 -22.16 4.39 38.23
C ASP A 341 -20.67 4.71 38.09
N GLN A 342 -20.27 5.36 37.00
CA GLN A 342 -18.85 5.54 36.72
C GLN A 342 -18.23 6.89 37.16
N SER A 343 -19.08 7.86 37.51
CA SER A 343 -18.62 9.14 38.06
C SER A 343 -17.82 8.90 39.35
N LYS A 344 -18.18 7.81 40.01
CA LYS A 344 -17.66 7.36 41.30
C LYS A 344 -16.35 6.55 41.24
N VAL A 345 -16.11 5.83 40.14
CA VAL A 345 -15.09 4.75 40.11
C VAL A 345 -13.79 4.96 40.87
N LYS A 346 -13.15 6.11 40.68
CA LYS A 346 -11.85 6.37 41.29
C LYS A 346 -11.93 6.28 42.82
N GLU A 347 -12.90 6.98 43.39
CA GLU A 347 -13.13 6.94 44.85
C GLU A 347 -13.58 5.57 45.31
N LYS A 348 -14.44 4.94 44.53
CA LYS A 348 -14.98 3.65 44.88
C LYS A 348 -13.88 2.59 44.93
N ALA A 349 -13.00 2.60 43.91
CA ALA A 349 -11.89 1.67 43.84
C ALA A 349 -10.98 1.80 45.05
N GLU A 350 -10.63 3.05 45.39
CA GLU A 350 -9.76 3.35 46.53
CA GLU A 350 -9.73 3.27 46.54
C GLU A 350 -10.38 2.93 47.87
N GLU A 351 -11.70 3.12 47.98
CA GLU A 351 -12.37 2.76 49.23
CA GLU A 351 -12.44 2.76 49.21
C GLU A 351 -12.52 1.25 49.39
N ILE A 352 -12.68 0.52 48.28
CA ILE A 352 -12.72 -0.95 48.34
C ILE A 352 -11.35 -1.50 48.78
N TYR A 353 -10.28 -0.98 48.20
CA TYR A 353 -8.93 -1.37 48.62
C TYR A 353 -8.74 -1.13 50.12
N LYS A 354 -9.05 0.07 50.59
CA LYS A 354 -8.91 0.42 52.01
C LYS A 354 -9.74 -0.44 52.96
N LEU A 355 -10.91 -0.88 52.48
CA LEU A 355 -11.87 -1.63 53.31
C LEU A 355 -11.58 -3.13 53.37
N PHE A 356 -11.13 -3.70 52.26
CA PHE A 356 -11.00 -5.15 52.13
C PHE A 356 -9.55 -5.63 52.01
N LEU A 357 -8.67 -4.84 51.41
CA LEU A 357 -7.36 -5.35 50.98
C LEU A 357 -6.14 -4.81 51.73
N ALA A 358 -6.20 -3.56 52.21
CA ALA A 358 -5.08 -2.89 52.84
C ALA A 358 -4.71 -3.56 54.16
N PRO A 359 -3.43 -3.45 54.57
CA PRO A 359 -3.07 -3.95 55.91
C PRO A 359 -3.96 -3.32 56.98
N GLY A 360 -4.46 -4.15 57.90
CA GLY A 360 -5.34 -3.68 58.97
C GLY A 360 -6.78 -3.40 58.54
N ALA A 361 -7.14 -3.78 57.32
CA ALA A 361 -8.47 -3.52 56.77
C ALA A 361 -9.59 -4.04 57.67
N ARG A 362 -10.73 -3.33 57.70
CA ARG A 362 -11.84 -3.64 58.61
C ARG A 362 -12.76 -4.70 58.07
N ARG A 363 -12.60 -5.05 56.79
CA ARG A 363 -13.23 -6.23 56.20
C ARG A 363 -12.16 -7.05 55.45
N TRP A 364 -11.04 -7.27 56.13
CA TRP A 364 -9.85 -7.84 55.51
C TRP A 364 -10.07 -9.23 54.94
N ILE A 365 -9.63 -9.42 53.68
CA ILE A 365 -9.50 -10.74 53.10
C ILE A 365 -8.09 -10.91 52.50
N ASN A 366 -7.66 -12.16 52.41
CA ASN A 366 -6.33 -12.46 51.91
C ASN A 366 -6.34 -12.69 50.41
N ILE A 367 -5.41 -12.05 49.71
CA ILE A 367 -5.10 -12.38 48.32
C ILE A 367 -3.61 -12.62 48.21
N ASP A 368 -3.19 -13.43 47.24
CA ASP A 368 -1.77 -13.74 47.12
C ASP A 368 -0.93 -12.54 46.66
N GLY A 369 0.39 -12.66 46.84
CA GLY A 369 1.34 -11.60 46.54
C GLY A 369 1.25 -11.00 45.15
N LYS A 370 1.15 -11.87 44.13
CA LYS A 370 1.04 -11.41 42.74
C LYS A 370 -0.22 -10.60 42.47
N THR A 371 -1.35 -11.08 42.99
CA THR A 371 -2.64 -10.42 42.76
C THR A 371 -2.67 -9.04 43.40
N MET A 372 -2.10 -8.96 44.61
CA MET A 372 -1.96 -7.71 45.35
C MET A 372 -1.13 -6.68 44.57
N ASP A 373 -0.06 -7.16 43.94
CA ASP A 373 0.85 -6.27 43.22
C ASP A 373 0.17 -5.72 41.97
N ILE A 374 -0.52 -6.59 41.23
CA ILE A 374 -1.33 -6.20 40.07
C ILE A 374 -2.37 -5.14 40.47
N THR A 375 -3.01 -5.36 41.61
CA THR A 375 -4.01 -4.45 42.15
C THR A 375 -3.40 -3.10 42.55
N VAL A 376 -2.30 -3.15 43.32
CA VAL A 376 -1.67 -1.92 43.83
C VAL A 376 -1.11 -1.06 42.69
N LYS A 377 -0.41 -1.69 41.76
CA LYS A 377 0.10 -0.99 40.57
C LYS A 377 -1.04 -0.37 39.75
N GLY A 378 -2.13 -1.10 39.59
CA GLY A 378 -3.30 -0.60 38.86
C GLY A 378 -3.93 0.59 39.55
N LEU A 379 -4.02 0.53 40.89
CA LEU A 379 -4.63 1.60 41.67
C LEU A 379 -3.88 2.93 41.61
N ARG A 380 -2.69 2.93 41.03
CA ARG A 380 -1.94 4.17 40.78
CA ARG A 380 -1.94 4.17 40.78
C ARG A 380 -2.69 5.02 39.76
N HIS A 381 -3.59 4.37 39.01
CA HIS A 381 -4.42 5.02 38.00
C HIS A 381 -5.78 4.31 37.97
N PRO A 382 -6.63 4.57 38.98
CA PRO A 382 -7.83 3.75 39.15
C PRO A 382 -8.81 3.84 37.97
N HIS A 383 -9.44 2.70 37.65
CA HIS A 383 -10.41 2.60 36.57
C HIS A 383 -11.36 1.47 36.90
N ARG A 384 -12.40 1.26 36.10
CA ARG A 384 -13.46 0.33 36.51
C ARG A 384 -13.07 -1.16 36.53
N TYR A 385 -11.98 -1.51 35.84
CA TYR A 385 -11.48 -2.88 35.83
C TYR A 385 -10.24 -3.07 36.72
N VAL A 386 -9.95 -2.09 37.57
CA VAL A 386 -8.74 -2.11 38.39
C VAL A 386 -8.73 -3.22 39.46
N LEU A 387 -9.91 -3.68 39.86
CA LEU A 387 -10.01 -4.76 40.85
C LEU A 387 -10.36 -6.12 40.20
N ASP A 388 -10.30 -6.18 38.88
CA ASP A 388 -10.71 -7.36 38.13
C ASP A 388 -9.86 -8.58 38.50
N ALA A 389 -8.54 -8.39 38.63
CA ALA A 389 -7.63 -9.48 39.00
C ALA A 389 -7.90 -10.01 40.40
N ALA A 390 -8.09 -9.11 41.36
CA ALA A 390 -8.46 -9.50 42.72
C ALA A 390 -9.83 -10.18 42.77
N GLN A 391 -10.79 -9.66 42.00
CA GLN A 391 -12.14 -10.23 41.95
C GLN A 391 -12.13 -11.65 41.40
N THR A 392 -11.38 -11.86 40.32
CA THR A 392 -11.24 -13.19 39.70
C THR A 392 -10.55 -14.16 40.65
N HIS A 393 -9.47 -13.70 41.27
CA HIS A 393 -8.73 -14.48 42.25
C HIS A 393 -9.65 -15.01 43.35
N ILE A 394 -10.45 -14.12 43.92
CA ILE A 394 -11.36 -14.48 44.99
C ILE A 394 -12.52 -15.37 44.50
N TYR A 395 -13.06 -15.08 43.31
CA TYR A 395 -14.11 -15.90 42.73
C TYR A 395 -13.61 -17.34 42.49
N MET A 396 -12.43 -17.48 41.88
CA MET A 396 -11.90 -18.82 41.57
C MET A 396 -11.55 -19.61 42.83
N LEU A 397 -11.07 -18.93 43.85
CA LEU A 397 -10.80 -19.55 45.15
C LEU A 397 -12.05 -20.13 45.77
N MET A 398 -13.13 -19.34 45.77
CA MET A 398 -14.44 -19.81 46.20
C MET A 398 -14.89 -21.01 45.38
N LYS A 399 -14.78 -20.89 44.05
CA LYS A 399 -15.16 -21.98 43.13
C LYS A 399 -14.38 -23.28 43.37
N LYS A 400 -13.06 -23.16 43.51
CA LYS A 400 -12.19 -24.33 43.60
C LYS A 400 -12.18 -24.96 44.98
N ASP A 401 -12.23 -24.14 46.02
CA ASP A 401 -12.13 -24.64 47.38
C ASP A 401 -13.52 -24.80 48.00
N SER A 402 -14.17 -23.66 48.21
CA SER A 402 -15.35 -23.56 49.07
C SER A 402 -16.61 -24.18 48.50
N TYR A 403 -16.79 -24.07 47.19
CA TYR A 403 -17.99 -24.60 46.52
C TYR A 403 -18.23 -26.08 46.81
N ALA A 404 -17.24 -26.92 46.49
CA ALA A 404 -17.41 -28.38 46.67
C ALA A 404 -17.64 -28.73 48.14
N ARG A 405 -16.97 -28.02 49.03
CA ARG A 405 -17.14 -28.23 50.46
C ARG A 405 -18.52 -27.75 50.95
N TYR A 406 -19.01 -26.66 50.37
CA TYR A 406 -20.39 -26.23 50.60
C TYR A 406 -21.40 -27.34 50.26
N LEU A 407 -21.23 -27.98 49.11
CA LEU A 407 -22.15 -29.03 48.65
C LEU A 407 -22.12 -30.26 49.54
N LYS A 408 -20.98 -30.44 50.22
CA LYS A 408 -20.80 -31.55 51.15
C LYS A 408 -21.19 -31.19 52.60
N SER A 409 -21.61 -29.94 52.82
CA SER A 409 -21.84 -29.41 54.17
C SER A 409 -23.23 -29.75 54.71
N PRO A 410 -23.39 -29.76 56.05
CA PRO A 410 -24.74 -29.89 56.61
C PRO A 410 -25.69 -28.77 56.18
N ILE A 411 -25.14 -27.60 55.87
CA ILE A 411 -25.93 -26.44 55.44
C ILE A 411 -26.66 -26.74 54.12
N TYR A 412 -25.92 -27.18 53.10
CA TYR A 412 -26.55 -27.60 51.87
C TYR A 412 -27.47 -28.82 52.09
N LYS A 413 -27.02 -29.79 52.89
CA LYS A 413 -27.79 -31.01 53.09
C LYS A 413 -29.14 -30.73 53.76
N GLU A 414 -29.14 -29.84 54.74
CA GLU A 414 -30.37 -29.39 55.40
C GLU A 414 -31.28 -28.62 54.44
N MET A 415 -30.68 -27.83 53.55
CA MET A 415 -31.42 -27.11 52.53
C MET A 415 -32.15 -28.06 51.58
N LEU A 416 -31.42 -29.07 51.10
CA LEU A 416 -32.01 -30.14 50.28
C LEU A 416 -33.15 -30.85 50.99
N ALA A 417 -32.97 -31.09 52.29
CA ALA A 417 -33.93 -31.86 53.09
C ALA A 417 -35.25 -31.13 53.34
N LYS A 418 -35.17 -29.80 53.51
CA LYS A 418 -36.37 -29.00 53.79
C LYS A 418 -37.02 -28.43 52.53
N ALA A 419 -36.34 -28.58 51.39
CA ALA A 419 -36.81 -28.03 50.11
C ALA A 419 -38.16 -28.61 49.69
N ILE A 420 -38.98 -27.77 49.06
CA ILE A 420 -40.34 -28.13 48.68
C ILE A 420 -40.38 -29.04 47.45
N GLU A 421 -41.15 -30.12 47.55
CA GLU A 421 -41.44 -30.98 46.40
C GLU A 421 -42.90 -30.77 45.97
N PRO A 422 -43.13 -30.08 44.84
CA PRO A 422 -44.50 -29.78 44.41
C PRO A 422 -45.27 -30.96 43.80
N GLN A 423 -45.85 -30.76 42.62
CA GLN A 423 -46.70 -31.73 41.91
C GLN A 423 -48.12 -31.74 42.48
N ASN B 10 1.11 -0.19 -5.29
CA ASN B 10 1.56 -0.03 -3.87
C ASN B 10 2.19 -1.32 -3.33
N GLU B 11 3.51 -1.32 -3.22
CA GLU B 11 4.28 -2.50 -2.79
C GLU B 11 4.05 -2.86 -1.33
N THR B 12 3.97 -1.84 -0.47
CA THR B 12 3.66 -2.02 0.95
C THR B 12 2.31 -2.71 1.15
N LEU B 13 1.30 -2.24 0.42
CA LEU B 13 -0.04 -2.82 0.50
C LEU B 13 -0.03 -4.28 0.04
N ALA B 14 0.63 -4.53 -1.10
CA ALA B 14 0.70 -5.87 -1.67
C ALA B 14 1.39 -6.86 -0.73
N SER B 15 2.48 -6.41 -0.08
CA SER B 15 3.23 -7.23 0.88
C SER B 15 2.43 -7.50 2.16
N LEU B 16 1.76 -6.49 2.67
CA LEU B 16 0.91 -6.62 3.86
C LEU B 16 -0.23 -7.62 3.65
N LYS B 17 -0.87 -7.54 2.48
CA LYS B 17 -1.96 -8.45 2.11
C LYS B 17 -1.47 -9.89 2.01
N SER B 18 -0.25 -10.07 1.48
CA SER B 18 0.39 -11.37 1.41
C SER B 18 0.70 -11.92 2.81
N GLU B 19 1.13 -11.05 3.71
CA GLU B 19 1.39 -11.41 5.11
C GLU B 19 0.10 -11.76 5.86
N ALA B 20 -0.95 -10.97 5.64
CA ALA B 20 -2.25 -11.20 6.25
C ALA B 20 -2.85 -12.55 5.82
N GLU B 21 -2.68 -12.90 4.54
CA GLU B 21 -3.14 -14.20 4.04
C GLU B 21 -2.30 -15.35 4.60
N SER B 22 -1.00 -15.13 4.72
CA SER B 22 -0.09 -16.09 5.35
C SER B 22 -0.54 -16.44 6.78
N LEU B 23 -0.83 -15.40 7.56
CA LEU B 23 -1.25 -15.56 8.96
C LEU B 23 -2.65 -16.15 9.10
N LYS B 24 -3.53 -15.81 8.16
CA LYS B 24 -4.88 -16.37 8.13
C LYS B 24 -4.79 -17.89 7.95
N GLY B 25 -3.92 -18.33 7.04
CA GLY B 25 -3.70 -19.75 6.76
C GLY B 25 -2.99 -20.49 7.88
N LYS B 26 -2.08 -19.80 8.57
CA LYS B 26 -1.38 -20.34 9.73
C LYS B 26 -2.34 -20.52 10.91
N LEU B 27 -3.22 -19.53 11.11
CA LEU B 27 -4.24 -19.61 12.15
C LEU B 27 -5.22 -20.73 11.85
N GLU B 28 -5.64 -20.83 10.58
CA GLU B 28 -6.51 -21.91 10.13
C GLU B 28 -5.89 -23.27 10.46
N GLU B 29 -4.60 -23.42 10.18
CA GLU B 29 -3.94 -24.69 10.38
C GLU B 29 -3.67 -25.02 11.85
N GLU B 30 -3.41 -23.99 12.66
CA GLU B 30 -3.21 -24.17 14.09
C GLU B 30 -4.49 -24.63 14.79
N ARG B 31 -5.61 -24.11 14.32
CA ARG B 31 -6.93 -24.48 14.83
C ARG B 31 -7.33 -25.86 14.36
N ALA B 32 -7.00 -26.18 13.11
CA ALA B 32 -7.37 -27.47 12.48
C ALA B 32 -6.75 -28.69 13.16
N LYS B 33 -5.56 -28.51 13.73
CA LYS B 33 -4.87 -29.57 14.49
C LYS B 33 -5.72 -30.17 15.61
N LEU B 34 -6.54 -29.34 16.25
CA LEU B 34 -7.38 -29.79 17.37
C LEU B 34 -8.84 -30.13 17.01
N HIS B 35 -9.17 -30.01 15.72
CA HIS B 35 -10.51 -30.35 15.23
CA HIS B 35 -10.52 -30.36 15.27
C HIS B 35 -10.61 -31.85 14.94
N ASP B 36 -10.79 -32.64 15.99
CA ASP B 36 -10.74 -34.09 15.92
C ASP B 36 -12.10 -34.78 15.79
N VAL B 37 -13.19 -34.04 15.99
CA VAL B 37 -14.54 -34.62 15.97
C VAL B 37 -15.58 -33.56 15.58
N GLU B 38 -16.71 -34.02 15.04
CA GLU B 38 -17.84 -33.14 14.66
C GLU B 38 -18.94 -33.23 15.71
N LEU B 39 -19.73 -32.16 15.86
CA LEU B 39 -20.78 -32.14 16.90
C LEU B 39 -21.79 -33.28 16.72
N HIS B 40 -22.17 -33.57 15.48
CA HIS B 40 -23.16 -34.62 15.24
C HIS B 40 -22.66 -36.01 15.70
N GLN B 41 -21.35 -36.20 15.69
CA GLN B 41 -20.71 -37.42 16.22
C GLN B 41 -20.72 -37.44 17.75
N VAL B 42 -20.32 -36.33 18.38
CA VAL B 42 -20.34 -36.24 19.85
C VAL B 42 -21.75 -36.44 20.39
N ALA B 43 -22.74 -36.01 19.61
CA ALA B 43 -24.15 -36.09 20.02
C ALA B 43 -24.84 -37.35 19.51
N GLU B 44 -24.07 -38.29 18.95
CA GLU B 44 -24.57 -39.52 18.36
C GLU B 44 -25.54 -40.30 19.23
N ARG B 45 -25.38 -40.17 20.55
CA ARG B 45 -26.18 -40.97 21.49
C ARG B 45 -26.91 -40.12 22.54
N VAL B 46 -27.13 -38.84 22.26
CA VAL B 46 -28.01 -38.05 23.13
C VAL B 46 -29.44 -38.57 22.99
N GLU B 47 -30.22 -38.45 24.06
CA GLU B 47 -31.60 -38.92 24.04
C GLU B 47 -32.46 -38.11 23.07
N ALA B 48 -33.34 -38.81 22.36
CA ALA B 48 -34.27 -38.16 21.45
C ALA B 48 -35.22 -37.28 22.22
N LEU B 49 -35.74 -36.28 21.53
CA LEU B 49 -36.74 -35.40 22.09
C LEU B 49 -38.09 -36.10 22.13
N GLY B 50 -38.98 -35.66 23.01
CA GLY B 50 -40.39 -36.07 22.97
C GLY B 50 -41.13 -35.35 21.85
N GLN B 51 -42.43 -35.63 21.73
CA GLN B 51 -43.25 -35.01 20.70
C GLN B 51 -43.30 -33.49 20.90
N PHE B 52 -43.20 -32.74 19.80
CA PHE B 52 -43.29 -31.28 19.86
C PHE B 52 -44.76 -30.87 19.81
N VAL B 53 -45.16 -30.04 20.76
CA VAL B 53 -46.59 -29.75 20.97
C VAL B 53 -46.86 -28.28 21.33
N MET B 54 -45.96 -27.38 20.97
CA MET B 54 -46.12 -25.97 21.34
C MET B 54 -47.19 -25.27 20.52
N LYS B 55 -47.95 -24.42 21.20
CA LYS B 55 -48.93 -23.59 20.50
C LYS B 55 -49.04 -22.22 21.13
N THR B 56 -49.69 -21.31 20.41
CA THR B 56 -49.88 -19.96 20.86
C THR B 56 -50.79 -19.96 22.08
N ARG B 57 -50.31 -19.39 23.17
CA ARG B 57 -51.06 -19.30 24.43
C ARG B 57 -51.60 -17.88 24.66
N ARG B 58 -50.89 -16.89 24.14
CA ARG B 58 -51.27 -15.47 24.28
C ARG B 58 -51.01 -14.75 22.97
N THR B 59 -51.90 -13.84 22.62
CA THR B 59 -51.68 -12.95 21.50
C THR B 59 -51.77 -11.53 22.02
N LEU B 60 -50.67 -10.79 21.90
CA LEU B 60 -50.61 -9.42 22.40
C LEU B 60 -50.90 -8.44 21.25
N LYS B 61 -52.08 -7.85 21.33
CA LYS B 61 -52.58 -6.92 20.32
C LYS B 61 -52.62 -5.52 20.92
N GLY B 62 -52.11 -4.54 20.18
CA GLY B 62 -52.12 -3.17 20.67
C GLY B 62 -51.19 -2.25 19.90
N HIS B 63 -50.08 -2.78 19.38
CA HIS B 63 -49.21 -2.00 18.51
C HIS B 63 -49.94 -1.61 17.21
N GLY B 64 -49.65 -0.42 16.72
CA GLY B 64 -50.37 0.09 15.55
C GLY B 64 -49.65 -0.17 14.24
N ASN B 65 -48.47 -0.79 14.31
CA ASN B 65 -47.64 -1.05 13.12
C ASN B 65 -46.65 -2.19 13.46
N LYS B 66 -45.71 -2.50 12.56
CA LYS B 66 -44.76 -3.61 12.76
C LYS B 66 -44.15 -3.63 14.16
N VAL B 67 -44.15 -4.79 14.82
CA VAL B 67 -43.36 -4.99 16.03
C VAL B 67 -41.93 -5.29 15.59
N LEU B 68 -40.95 -4.63 16.21
CA LEU B 68 -39.56 -4.70 15.79
C LEU B 68 -38.63 -5.39 16.79
N CYS B 69 -39.00 -5.35 18.07
CA CYS B 69 -38.14 -5.90 19.11
C CYS B 69 -38.97 -6.16 20.34
N MET B 70 -38.57 -7.14 21.13
CA MET B 70 -39.14 -7.38 22.45
C MET B 70 -38.06 -7.94 23.38
N ASP B 71 -38.31 -7.86 24.68
CA ASP B 71 -37.41 -8.39 25.72
C ASP B 71 -38.27 -8.74 26.91
N TRP B 72 -38.00 -9.88 27.53
CA TRP B 72 -38.72 -10.25 28.76
C TRP B 72 -38.14 -9.55 29.99
N CYS B 73 -39.00 -9.22 30.94
CA CYS B 73 -38.60 -8.88 32.29
C CYS B 73 -38.13 -10.14 33.03
N LYS B 74 -37.13 -9.98 33.89
CA LYS B 74 -36.68 -11.08 34.73
C LYS B 74 -37.74 -11.64 35.69
N ASP B 75 -38.86 -10.92 35.86
CA ASP B 75 -40.00 -11.45 36.65
C ASP B 75 -40.75 -12.58 35.92
N LYS B 76 -40.33 -12.87 34.68
CA LYS B 76 -40.82 -14.01 33.89
C LYS B 76 -42.17 -13.79 33.20
N ARG B 77 -42.81 -12.63 33.42
CA ARG B 77 -44.14 -12.39 32.83
C ARG B 77 -44.30 -11.07 32.07
N ARG B 78 -43.63 -10.02 32.53
CA ARG B 78 -43.64 -8.72 31.84
C ARG B 78 -42.78 -8.76 30.60
N ILE B 79 -43.20 -8.00 29.60
CA ILE B 79 -42.51 -7.92 28.30
C ILE B 79 -42.49 -6.46 27.86
N VAL B 80 -41.36 -6.00 27.34
CA VAL B 80 -41.34 -4.70 26.67
C VAL B 80 -41.28 -4.98 25.16
N SER B 81 -42.01 -4.21 24.36
CA SER B 81 -41.99 -4.34 22.90
C SER B 81 -42.09 -2.98 22.25
N SER B 82 -41.53 -2.86 21.04
CA SER B 82 -41.43 -1.59 20.35
C SER B 82 -41.81 -1.74 18.89
N SER B 83 -42.28 -0.64 18.32
CA SER B 83 -42.93 -0.67 17.01
C SER B 83 -42.38 0.36 16.03
N GLN B 84 -42.63 0.12 14.74
CA GLN B 84 -42.30 1.09 13.68
C GLN B 84 -42.93 2.45 13.91
N ASP B 85 -44.11 2.50 14.52
CA ASP B 85 -44.79 3.79 14.71
C ASP B 85 -44.28 4.63 15.87
N GLY B 86 -43.23 4.16 16.53
CA GLY B 86 -42.56 4.89 17.59
C GLY B 86 -43.02 4.52 18.97
N LYS B 87 -44.00 3.61 19.07
CA LYS B 87 -44.62 3.25 20.35
C LYS B 87 -43.90 2.09 21.02
N VAL B 88 -43.77 2.20 22.34
CA VAL B 88 -43.18 1.16 23.16
C VAL B 88 -44.22 0.76 24.21
N ILE B 89 -44.47 -0.53 24.37
CA ILE B 89 -45.48 -0.98 25.32
C ILE B 89 -44.86 -1.95 26.33
N VAL B 90 -45.22 -1.82 27.60
CA VAL B 90 -44.88 -2.86 28.59
C VAL B 90 -46.16 -3.60 28.96
N TRP B 91 -46.15 -4.91 28.75
CA TRP B 91 -47.30 -5.78 29.00
C TRP B 91 -47.02 -6.69 30.19
N ASP B 92 -48.06 -7.02 30.95
CA ASP B 92 -48.03 -8.26 31.74
C ASP B 92 -48.53 -9.30 30.77
N SER B 93 -47.64 -10.07 30.16
CA SER B 93 -48.05 -10.98 29.10
C SER B 93 -48.96 -12.12 29.58
N PHE B 94 -48.92 -12.43 30.87
CA PHE B 94 -49.72 -13.50 31.42
C PHE B 94 -51.22 -13.15 31.41
N THR B 95 -51.55 -11.92 31.80
CA THR B 95 -52.94 -11.43 31.72
C THR B 95 -53.24 -10.70 30.40
N THR B 96 -52.17 -10.30 29.70
CA THR B 96 -52.17 -9.43 28.50
C THR B 96 -52.39 -7.94 28.78
N ASN B 97 -52.55 -7.59 30.05
CA ASN B 97 -52.75 -6.20 30.47
C ASN B 97 -51.58 -5.30 30.10
N LYS B 98 -51.86 -4.14 29.52
CA LYS B 98 -50.82 -3.15 29.23
C LYS B 98 -50.54 -2.34 30.49
N GLU B 99 -49.28 -2.31 30.91
CA GLU B 99 -48.94 -1.65 32.16
C GLU B 99 -48.27 -0.29 31.98
N HIS B 100 -47.56 -0.12 30.86
CA HIS B 100 -46.86 1.13 30.55
C HIS B 100 -46.88 1.35 29.04
N ALA B 101 -46.86 2.61 28.63
CA ALA B 101 -46.84 2.95 27.20
C ALA B 101 -46.19 4.32 27.00
N VAL B 102 -45.32 4.40 26.01
CA VAL B 102 -44.68 5.65 25.66
C VAL B 102 -44.51 5.72 24.15
N THR B 103 -44.75 6.90 23.58
CA THR B 103 -44.42 7.17 22.19
C THR B 103 -43.10 7.93 22.10
N MET B 104 -42.13 7.34 21.42
CA MET B 104 -40.84 7.97 21.22
C MET B 104 -40.96 9.10 20.18
N PRO B 105 -40.06 10.11 20.25
CA PRO B 105 -40.15 11.18 19.26
C PRO B 105 -39.76 10.78 17.82
N CYS B 106 -39.36 9.52 17.61
CA CYS B 106 -39.06 9.06 16.26
CA CYS B 106 -38.92 8.97 16.32
C CYS B 106 -39.73 7.73 15.94
N THR B 107 -39.76 7.39 14.66
CA THR B 107 -40.32 6.12 14.21
C THR B 107 -39.24 5.04 14.22
N TRP B 108 -39.62 3.81 13.92
CA TRP B 108 -38.67 2.70 13.74
C TRP B 108 -37.83 2.50 15.01
N VAL B 109 -38.53 2.21 16.11
CA VAL B 109 -37.87 1.90 17.38
C VAL B 109 -37.47 0.45 17.28
N MET B 110 -36.27 0.23 16.74
CA MET B 110 -35.81 -1.11 16.38
C MET B 110 -35.25 -1.90 17.55
N ALA B 111 -34.99 -1.21 18.65
CA ALA B 111 -34.34 -1.82 19.80
C ALA B 111 -35.06 -1.47 21.08
N CYS B 112 -35.28 -2.47 21.92
CA CYS B 112 -35.71 -2.26 23.29
C CYS B 112 -35.16 -3.36 24.22
N ALA B 113 -34.94 -3.00 25.49
CA ALA B 113 -34.38 -3.91 26.47
C ALA B 113 -35.02 -3.64 27.83
N TYR B 114 -35.18 -4.69 28.62
CA TYR B 114 -35.67 -4.54 30.01
C TYR B 114 -34.47 -4.46 30.95
N ALA B 115 -34.49 -3.52 31.90
CA ALA B 115 -33.45 -3.46 32.92
C ALA B 115 -33.58 -4.62 33.91
N PRO B 116 -32.46 -5.15 34.41
CA PRO B 116 -32.53 -6.31 35.33
C PRO B 116 -33.29 -6.05 36.64
N SER B 117 -33.37 -4.79 37.06
CA SER B 117 -34.15 -4.41 38.25
C SER B 117 -35.65 -4.54 38.00
N GLY B 118 -36.02 -4.54 36.72
CA GLY B 118 -37.40 -4.47 36.29
C GLY B 118 -38.01 -3.09 36.52
N CYS B 119 -37.18 -2.07 36.73
CA CYS B 119 -37.68 -0.72 37.04
C CYS B 119 -37.38 0.29 35.95
N ALA B 120 -36.87 -0.19 34.82
CA ALA B 120 -36.54 0.66 33.69
C ALA B 120 -36.48 -0.13 32.40
N ILE B 121 -36.61 0.58 31.28
CA ILE B 121 -36.45 -0.01 29.97
C ILE B 121 -35.55 0.91 29.17
N ALA B 122 -34.91 0.38 28.13
CA ALA B 122 -34.13 1.21 27.20
C ALA B 122 -34.61 0.98 25.78
N CYS B 123 -34.53 2.00 24.93
CA CYS B 123 -34.96 1.87 23.54
C CYS B 123 -34.47 2.99 22.64
N GLY B 124 -34.59 2.77 21.33
CA GLY B 124 -34.18 3.76 20.33
C GLY B 124 -34.19 3.14 18.96
N GLY B 125 -33.74 3.90 17.96
CA GLY B 125 -33.85 3.44 16.58
C GLY B 125 -33.39 4.53 15.63
N LEU B 126 -34.33 5.01 14.81
CA LEU B 126 -34.06 6.09 13.87
C LEU B 126 -33.65 7.41 14.50
N ASP B 127 -33.81 7.53 15.82
CA ASP B 127 -33.34 8.73 16.52
C ASP B 127 -31.83 8.77 16.73
N ASN B 128 -31.13 7.71 16.32
CA ASN B 128 -29.68 7.58 16.48
C ASN B 128 -29.23 7.56 17.94
N LYS B 129 -30.14 7.20 18.84
CA LYS B 129 -29.91 7.27 20.27
C LYS B 129 -30.43 6.01 20.94
N CYS B 130 -30.00 5.80 22.18
CA CYS B 130 -30.65 4.86 23.06
C CYS B 130 -31.00 5.58 24.34
N SER B 131 -32.25 5.49 24.74
CA SER B 131 -32.76 6.27 25.86
C SER B 131 -33.30 5.36 26.94
N VAL B 132 -33.18 5.75 28.20
CA VAL B 132 -33.71 4.95 29.30
C VAL B 132 -34.95 5.64 29.90
N TYR B 133 -36.01 4.85 30.12
CA TYR B 133 -37.23 5.31 30.77
C TYR B 133 -37.44 4.53 32.06
N PRO B 134 -37.73 5.22 33.18
CA PRO B 134 -38.07 4.48 34.40
C PRO B 134 -39.50 4.00 34.33
N LEU B 135 -39.79 2.91 35.04
CA LEU B 135 -41.15 2.40 35.15
C LEU B 135 -41.59 2.68 36.57
N THR B 136 -42.78 3.27 36.70
CA THR B 136 -43.29 3.68 38.01
C THR B 136 -44.71 3.18 38.20
N PHE B 137 -45.22 3.31 39.42
CA PHE B 137 -46.62 2.99 39.70
C PHE B 137 -47.46 4.27 39.81
N ASP B 138 -47.00 5.32 39.13
CA ASP B 138 -47.73 6.59 39.04
C ASP B 138 -49.05 6.35 38.31
N LYS B 139 -50.12 6.94 38.83
CA LYS B 139 -51.47 6.77 38.28
C LYS B 139 -51.61 7.25 36.83
N ASN B 140 -51.34 8.54 36.60
CA ASN B 140 -51.37 9.08 35.24
C ASN B 140 -49.95 9.15 34.69
N GLU B 141 -49.29 8.00 34.61
CA GLU B 141 -47.85 7.98 34.38
C GLU B 141 -47.42 8.71 33.12
N ASN B 142 -46.46 9.62 33.28
CA ASN B 142 -45.89 10.33 32.15
C ASN B 142 -44.46 9.89 31.87
N MET B 143 -44.31 8.86 31.04
CA MET B 143 -42.99 8.29 30.73
C MET B 143 -42.14 9.22 29.90
N ALA B 144 -42.76 9.86 28.90
CA ALA B 144 -42.06 10.74 27.96
C ALA B 144 -41.32 11.87 28.68
N ALA B 145 -41.90 12.32 29.79
CA ALA B 145 -41.34 13.38 30.63
C ALA B 145 -40.08 12.95 31.38
N LYS B 146 -39.79 11.66 31.36
CA LYS B 146 -38.71 11.10 32.16
C LYS B 146 -37.64 10.44 31.28
N LYS B 147 -37.75 10.61 29.97
CA LYS B 147 -36.77 10.07 29.03
C LYS B 147 -35.38 10.58 29.38
N LYS B 148 -34.42 9.67 29.48
CA LYS B 148 -33.03 10.04 29.62
C LYS B 148 -32.20 9.51 28.44
N SER B 149 -31.69 10.41 27.61
CA SER B 149 -30.87 10.02 26.46
C SER B 149 -29.49 9.59 26.94
N VAL B 150 -29.11 8.36 26.62
CA VAL B 150 -27.86 7.80 27.11
C VAL B 150 -26.82 7.66 25.99
N ALA B 151 -27.17 6.90 24.95
CA ALA B 151 -26.28 6.67 23.84
C ALA B 151 -26.54 7.63 22.68
N MET B 152 -25.46 8.00 21.99
CA MET B 152 -25.53 8.81 20.78
C MET B 152 -24.63 8.22 19.70
N HIS B 153 -25.24 7.82 18.60
CA HIS B 153 -24.54 7.25 17.46
C HIS B 153 -24.70 8.20 16.26
N THR B 154 -23.93 7.99 15.20
CA THR B 154 -24.03 8.84 14.01
C THR B 154 -25.06 8.31 13.01
N ASN B 155 -25.57 7.11 13.28
CA ASN B 155 -26.71 6.58 12.53
C ASN B 155 -27.56 5.68 13.43
N TYR B 156 -28.51 4.96 12.84
CA TYR B 156 -29.60 4.32 13.60
C TYR B 156 -29.13 3.34 14.64
N LEU B 157 -29.87 3.26 15.74
CA LEU B 157 -29.66 2.21 16.73
C LEU B 157 -30.36 0.94 16.26
N SER B 158 -29.64 -0.19 16.26
CA SER B 158 -30.21 -1.46 15.84
C SER B 158 -30.51 -2.38 17.02
N ALA B 159 -29.80 -2.19 18.13
CA ALA B 159 -29.83 -3.13 19.24
C ALA B 159 -29.32 -2.48 20.50
N CYS B 160 -29.84 -2.92 21.64
CA CYS B 160 -29.33 -2.47 22.92
C CYS B 160 -29.58 -3.52 24.00
N SER B 161 -28.83 -3.40 25.08
CA SER B 161 -28.98 -4.27 26.23
C SER B 161 -28.41 -3.56 27.43
N PHE B 162 -29.01 -3.80 28.58
CA PHE B 162 -28.37 -3.44 29.85
C PHE B 162 -27.23 -4.42 30.08
N THR B 163 -26.23 -4.05 30.86
CA THR B 163 -25.21 -5.02 31.21
C THR B 163 -25.74 -5.77 32.42
N ASN B 164 -24.90 -5.93 33.43
CA ASN B 164 -25.29 -6.64 34.63
C ASN B 164 -25.84 -5.69 35.70
N SER B 165 -26.32 -4.53 35.27
CA SER B 165 -26.90 -3.54 36.17
C SER B 165 -27.83 -2.63 35.38
N ASP B 166 -28.52 -1.75 36.08
CA ASP B 166 -29.36 -0.72 35.45
C ASP B 166 -28.51 0.48 35.01
N MET B 167 -27.21 0.46 35.34
CA MET B 167 -26.37 1.65 35.23
C MET B 167 -25.50 1.71 33.96
N GLN B 168 -25.50 0.62 33.19
CA GLN B 168 -24.66 0.52 31.99
C GLN B 168 -25.44 -0.14 30.87
N ILE B 169 -25.13 0.30 29.65
CA ILE B 169 -25.86 -0.10 28.46
C ILE B 169 -24.89 -0.35 27.30
N LEU B 170 -25.20 -1.38 26.50
CA LEU B 170 -24.46 -1.75 25.31
C LEU B 170 -25.34 -1.45 24.11
N THR B 171 -24.80 -0.78 23.10
CA THR B 171 -25.58 -0.47 21.91
C THR B 171 -24.88 -0.96 20.65
N ALA B 172 -25.66 -1.20 19.59
CA ALA B 172 -25.13 -1.46 18.26
C ALA B 172 -25.80 -0.52 17.27
N SER B 173 -25.08 -0.15 16.22
CA SER B 173 -25.57 0.87 15.31
C SER B 173 -25.29 0.62 13.83
N GLY B 174 -26.12 1.20 12.97
CA GLY B 174 -25.88 1.22 11.53
C GLY B 174 -24.62 1.98 11.18
N ASP B 175 -24.10 2.74 12.15
CA ASP B 175 -22.86 3.51 11.94
C ASP B 175 -21.62 2.60 11.96
N GLY B 176 -21.84 1.31 12.19
CA GLY B 176 -20.77 0.32 12.10
C GLY B 176 -20.11 -0.02 13.43
N THR B 177 -20.62 0.55 14.51
CA THR B 177 -19.98 0.38 15.82
C THR B 177 -20.94 -0.14 16.85
N CYS B 178 -20.36 -0.71 17.91
CA CYS B 178 -21.01 -0.98 19.15
C CYS B 178 -20.37 -0.06 20.18
N ALA B 179 -21.07 0.17 21.28
CA ALA B 179 -20.53 1.04 22.32
C ALA B 179 -21.11 0.68 23.67
N LEU B 180 -20.31 0.86 24.70
CA LEU B 180 -20.73 0.70 26.08
C LEU B 180 -20.84 2.07 26.75
N TRP B 181 -21.93 2.28 27.48
CA TRP B 181 -22.28 3.62 28.02
C TRP B 181 -22.62 3.58 29.51
N ASP B 182 -22.33 4.69 30.17
CA ASP B 182 -22.76 4.95 31.53
C ASP B 182 -24.10 5.67 31.47
N VAL B 183 -25.12 5.07 32.09
CA VAL B 183 -26.49 5.59 32.01
C VAL B 183 -26.63 6.97 32.67
N GLU B 184 -26.07 7.11 33.87
CA GLU B 184 -26.27 8.34 34.65
C GLU B 184 -25.68 9.59 33.98
N SER B 185 -24.50 9.44 33.36
CA SER B 185 -23.80 10.57 32.77
C SER B 185 -23.98 10.65 31.26
N GLY B 186 -24.27 9.50 30.65
CA GLY B 186 -24.31 9.40 29.20
C GLY B 186 -22.91 9.31 28.61
N GLN B 187 -21.90 9.08 29.44
CA GLN B 187 -20.53 9.00 28.95
C GLN B 187 -20.26 7.68 28.22
N LEU B 188 -19.58 7.80 27.08
CA LEU B 188 -19.10 6.66 26.34
C LEU B 188 -17.96 6.02 27.13
N LEU B 189 -18.15 4.77 27.53
CA LEU B 189 -17.12 4.04 28.27
C LEU B 189 -16.13 3.37 27.33
N GLN B 190 -16.65 2.81 26.23
CA GLN B 190 -15.83 2.11 25.25
C GLN B 190 -16.56 1.99 23.93
N SER B 191 -15.85 2.28 22.83
CA SER B 191 -16.35 2.02 21.47
C SER B 191 -15.74 0.75 20.91
N PHE B 192 -16.47 0.07 20.03
CA PHE B 192 -16.01 -1.17 19.41
C PHE B 192 -16.06 -1.04 17.89
N HIS B 193 -14.90 -0.84 17.29
CA HIS B 193 -14.76 -0.68 15.85
C HIS B 193 -14.17 -1.96 15.25
N GLY B 194 -14.71 -2.39 14.11
CA GLY B 194 -14.23 -3.59 13.46
C GLY B 194 -15.16 -4.11 12.38
N HIS B 195 -16.47 -4.05 12.61
CA HIS B 195 -17.44 -4.43 11.58
C HIS B 195 -17.26 -3.53 10.38
N GLY B 196 -17.38 -4.11 9.19
CA GLY B 196 -17.17 -3.35 7.96
C GLY B 196 -18.37 -2.51 7.58
N ALA B 197 -19.48 -2.72 8.31
CA ALA B 197 -20.79 -2.25 7.89
C ALA B 197 -21.76 -2.16 9.07
N ASP B 198 -23.03 -1.89 8.77
CA ASP B 198 -24.11 -1.77 9.75
C ASP B 198 -24.10 -2.93 10.75
N VAL B 199 -24.10 -2.62 12.04
CA VAL B 199 -24.19 -3.65 13.07
C VAL B 199 -25.67 -3.81 13.41
N LEU B 200 -26.13 -5.07 13.46
CA LEU B 200 -27.56 -5.35 13.57
C LEU B 200 -28.02 -5.95 14.89
N CYS B 201 -27.08 -6.53 15.64
CA CYS B 201 -27.44 -7.33 16.82
C CYS B 201 -26.28 -7.49 17.80
N LEU B 202 -26.62 -7.79 19.05
CA LEU B 202 -25.61 -8.09 20.04
C LEU B 202 -26.19 -8.93 21.17
N ASP B 203 -25.30 -9.57 21.92
CA ASP B 203 -25.71 -10.33 23.10
C ASP B 203 -24.53 -10.38 24.07
N LEU B 204 -24.81 -10.18 25.36
CA LEU B 204 -23.79 -10.19 26.41
C LEU B 204 -23.50 -11.65 26.79
N ALA B 205 -22.23 -11.97 27.02
CA ALA B 205 -21.82 -13.33 27.37
C ALA B 205 -22.22 -13.63 28.81
N PRO B 206 -22.79 -14.82 29.06
CA PRO B 206 -23.17 -15.22 30.41
C PRO B 206 -22.02 -15.90 31.17
N SER B 207 -20.79 -15.68 30.71
CA SER B 207 -19.59 -16.29 31.29
CA SER B 207 -19.59 -16.29 31.29
C SER B 207 -19.30 -15.81 32.72
N GLU B 208 -18.53 -16.61 33.46
CA GLU B 208 -18.18 -16.29 34.86
C GLU B 208 -17.34 -15.03 34.98
N THR B 209 -16.48 -14.80 33.99
CA THR B 209 -15.67 -13.60 33.85
C THR B 209 -16.53 -12.36 33.57
N GLY B 210 -17.43 -12.48 32.60
CA GLY B 210 -18.35 -11.39 32.25
C GLY B 210 -17.70 -10.19 31.58
N ASN B 211 -16.67 -10.43 30.79
CA ASN B 211 -15.93 -9.35 30.12
C ASN B 211 -16.14 -9.24 28.60
N THR B 212 -17.06 -10.04 28.05
CA THR B 212 -17.20 -10.11 26.60
C THR B 212 -18.65 -10.02 26.13
N PHE B 213 -18.82 -9.67 24.85
CA PHE B 213 -20.11 -9.77 24.19
C PHE B 213 -19.87 -10.07 22.72
N VAL B 214 -20.93 -10.49 22.03
CA VAL B 214 -20.85 -10.85 20.61
C VAL B 214 -21.79 -9.93 19.82
N SER B 215 -21.38 -9.57 18.61
CA SER B 215 -22.21 -8.73 17.74
C SER B 215 -22.22 -9.31 16.34
N GLY B 216 -23.23 -8.95 15.54
CA GLY B 216 -23.33 -9.44 14.18
C GLY B 216 -23.73 -8.31 13.26
N GLY B 217 -23.26 -8.37 12.02
CA GLY B 217 -23.61 -7.29 11.12
C GLY B 217 -23.63 -7.58 9.64
N CYS B 218 -23.67 -6.50 8.88
CA CYS B 218 -23.79 -6.54 7.43
C CYS B 218 -22.45 -6.70 6.72
N ASP B 219 -21.38 -7.00 7.47
CA ASP B 219 -20.16 -7.50 6.88
C ASP B 219 -20.18 -9.03 6.87
N LYS B 220 -21.35 -9.59 7.23
CA LYS B 220 -21.55 -11.04 7.28
C LYS B 220 -20.73 -11.71 8.39
N LYS B 221 -20.26 -10.93 9.36
CA LYS B 221 -19.43 -11.49 10.45
C LYS B 221 -20.10 -11.37 11.79
N ALA B 222 -19.74 -12.29 12.69
CA ALA B 222 -20.03 -12.17 14.12
C ALA B 222 -18.68 -11.99 14.81
N MET B 223 -18.60 -11.02 15.74
CA MET B 223 -17.35 -10.63 16.39
C MET B 223 -17.54 -10.68 17.88
N VAL B 224 -16.60 -11.32 18.59
CA VAL B 224 -16.59 -11.34 20.05
C VAL B 224 -15.60 -10.28 20.52
N TRP B 225 -16.05 -9.43 21.43
CA TRP B 225 -15.29 -8.26 21.88
C TRP B 225 -14.88 -8.38 23.34
N ASP B 226 -13.70 -7.87 23.66
CA ASP B 226 -13.26 -7.65 25.04
C ASP B 226 -13.66 -6.23 25.45
N MET B 227 -14.60 -6.14 26.39
CA MET B 227 -15.15 -4.85 26.82
C MET B 227 -14.13 -3.93 27.50
N ARG B 228 -13.08 -4.54 28.07
CA ARG B 228 -12.02 -3.76 28.71
C ARG B 228 -11.09 -3.07 27.73
N SER B 229 -10.86 -3.68 26.58
CA SER B 229 -9.85 -3.16 25.65
C SER B 229 -10.42 -2.61 24.37
N GLY B 230 -11.67 -2.95 24.07
CA GLY B 230 -12.29 -2.55 22.83
C GLY B 230 -11.90 -3.44 21.64
N GLN B 231 -11.07 -4.45 21.90
CA GLN B 231 -10.56 -5.28 20.81
C GLN B 231 -11.50 -6.45 20.49
N CYS B 232 -11.57 -6.79 19.20
CA CYS B 232 -12.23 -8.02 18.79
C CYS B 232 -11.21 -9.14 19.04
N VAL B 233 -11.59 -10.11 19.86
CA VAL B 233 -10.70 -11.22 20.18
C VAL B 233 -10.95 -12.47 19.33
N GLN B 234 -12.17 -12.59 18.80
CA GLN B 234 -12.57 -13.73 17.97
C GLN B 234 -13.58 -13.30 16.96
N ALA B 235 -13.36 -13.62 15.69
CA ALA B 235 -14.26 -13.23 14.63
C ALA B 235 -14.66 -14.46 13.81
N PHE B 236 -15.89 -14.49 13.33
CA PHE B 236 -16.39 -15.62 12.56
C PHE B 236 -17.03 -15.11 11.27
N GLU B 237 -16.61 -15.69 10.17
CA GLU B 237 -17.05 -15.22 8.87
C GLU B 237 -17.41 -16.37 7.95
N THR B 238 -18.50 -17.06 8.28
CA THR B 238 -18.96 -18.18 7.45
C THR B 238 -20.36 -17.97 6.85
N HIS B 239 -21.13 -17.01 7.38
CA HIS B 239 -22.43 -16.71 6.77
C HIS B 239 -22.24 -16.13 5.38
N GLU B 240 -23.24 -16.33 4.52
CA GLU B 240 -23.18 -15.83 3.15
C GLU B 240 -23.92 -14.52 2.95
N SER B 241 -24.60 -14.05 3.99
CA SER B 241 -25.30 -12.76 3.97
C SER B 241 -25.30 -12.15 5.37
N ASP B 242 -26.06 -11.05 5.53
CA ASP B 242 -26.14 -10.30 6.80
C ASP B 242 -26.42 -11.18 8.01
N VAL B 243 -25.72 -10.90 9.11
CA VAL B 243 -25.99 -11.58 10.37
C VAL B 243 -26.99 -10.72 11.15
N ASN B 244 -28.22 -11.20 11.25
CA ASN B 244 -29.35 -10.48 11.85
C ASN B 244 -29.51 -10.68 13.36
N SER B 245 -29.07 -11.82 13.86
CA SER B 245 -29.25 -12.18 15.26
C SER B 245 -28.04 -12.97 15.78
N VAL B 246 -27.67 -12.74 17.04
CA VAL B 246 -26.64 -13.53 17.73
C VAL B 246 -27.10 -13.82 19.15
N ARG B 247 -26.72 -14.98 19.68
CA ARG B 247 -27.17 -15.37 21.01
C ARG B 247 -26.22 -16.38 21.58
N TYR B 248 -25.74 -16.10 22.79
CA TYR B 248 -24.88 -17.06 23.49
C TYR B 248 -25.67 -18.29 23.89
N TYR B 249 -25.03 -19.44 23.75
CA TYR B 249 -25.43 -20.70 24.36
C TYR B 249 -25.29 -20.51 25.89
N PRO B 250 -26.22 -21.06 26.68
CA PRO B 250 -26.26 -20.77 28.11
C PRO B 250 -24.97 -20.96 28.93
N SER B 251 -24.07 -21.85 28.54
CA SER B 251 -22.82 -22.00 29.29
C SER B 251 -21.81 -20.87 29.00
N GLY B 252 -22.07 -20.12 27.93
CA GLY B 252 -21.13 -19.08 27.50
C GLY B 252 -20.01 -19.56 26.57
N ASP B 253 -19.95 -20.86 26.30
CA ASP B 253 -18.82 -21.41 25.54
C ASP B 253 -19.10 -21.59 24.06
N ALA B 254 -20.29 -21.17 23.64
CA ALA B 254 -20.68 -21.17 22.25
C ALA B 254 -21.70 -20.07 22.03
N PHE B 255 -21.96 -19.73 20.77
CA PHE B 255 -23.06 -18.83 20.46
C PHE B 255 -23.67 -19.23 19.12
N ALA B 256 -24.92 -18.84 18.91
CA ALA B 256 -25.59 -19.08 17.64
C ALA B 256 -25.82 -17.77 16.93
N SER B 257 -25.93 -17.84 15.61
CA SER B 257 -26.31 -16.67 14.81
C SER B 257 -27.43 -17.05 13.84
N GLY B 258 -28.22 -16.06 13.44
CA GLY B 258 -29.23 -16.21 12.39
C GLY B 258 -28.93 -15.19 11.31
N SER B 259 -29.11 -15.57 10.05
CA SER B 259 -28.68 -14.73 8.92
C SER B 259 -29.72 -14.63 7.80
N ASP B 260 -29.61 -13.54 7.04
CA ASP B 260 -30.31 -13.35 5.80
C ASP B 260 -30.11 -14.53 4.84
N ASP B 261 -29.01 -15.28 5.03
CA ASP B 261 -28.73 -16.40 4.13
C ASP B 261 -29.60 -17.64 4.42
N ALA B 262 -30.60 -17.48 5.29
CA ALA B 262 -31.58 -18.52 5.67
C ALA B 262 -31.03 -19.63 6.58
N THR B 263 -29.79 -19.46 7.05
CA THR B 263 -29.25 -20.43 7.99
C THR B 263 -29.13 -19.86 9.39
N CYS B 264 -29.16 -20.76 10.36
CA CYS B 264 -28.61 -20.45 11.69
C CYS B 264 -27.36 -21.29 11.86
N ARG B 265 -26.39 -20.79 12.64
CA ARG B 265 -25.11 -21.48 12.79
C ARG B 265 -24.67 -21.45 14.25
N LEU B 266 -23.93 -22.47 14.66
CA LEU B 266 -23.41 -22.55 16.02
C LEU B 266 -21.90 -22.49 15.96
N TYR B 267 -21.33 -21.64 16.81
CA TYR B 267 -19.87 -21.47 16.87
C TYR B 267 -19.35 -21.86 18.23
N ASP B 268 -18.31 -22.68 18.24
CA ASP B 268 -17.67 -23.21 19.44
C ASP B 268 -16.53 -22.26 19.77
N LEU B 269 -16.64 -21.56 20.89
CA LEU B 269 -15.67 -20.52 21.24
C LEU B 269 -14.37 -21.08 21.80
N ARG B 270 -14.45 -22.25 22.42
CA ARG B 270 -13.28 -22.85 23.06
C ARG B 270 -12.35 -23.54 22.06
N ALA B 271 -12.94 -24.15 21.03
CA ALA B 271 -12.19 -24.75 19.94
C ALA B 271 -12.05 -23.76 18.78
N ASP B 272 -12.85 -22.69 18.83
CA ASP B 272 -12.75 -21.56 17.88
C ASP B 272 -13.11 -22.02 16.46
N ARG B 273 -14.36 -22.44 16.27
CA ARG B 273 -14.78 -23.09 15.02
C ARG B 273 -16.30 -23.05 14.90
N GLU B 274 -16.81 -22.92 13.67
CA GLU B 274 -18.21 -23.19 13.38
C GLU B 274 -18.40 -24.69 13.54
N VAL B 275 -19.44 -25.10 14.27
CA VAL B 275 -19.66 -26.52 14.53
C VAL B 275 -21.01 -27.07 14.05
N ALA B 276 -21.93 -26.19 13.65
CA ALA B 276 -23.23 -26.64 13.16
C ALA B 276 -23.83 -25.59 12.24
N ILE B 277 -24.52 -26.04 11.21
CA ILE B 277 -25.31 -25.18 10.32
C ILE B 277 -26.71 -25.77 10.31
N TYR B 278 -27.69 -24.98 10.75
CA TYR B 278 -29.07 -25.43 10.80
C TYR B 278 -29.78 -24.83 9.59
N SER B 279 -30.13 -25.70 8.66
CA SER B 279 -30.68 -25.26 7.37
C SER B 279 -31.45 -26.40 6.71
N LYS B 280 -32.35 -26.03 5.80
CA LYS B 280 -33.10 -26.98 4.97
C LYS B 280 -33.31 -26.34 3.60
N GLU B 281 -33.37 -27.16 2.54
CA GLU B 281 -33.62 -26.64 1.19
C GLU B 281 -34.96 -25.89 1.10
N SER B 282 -35.92 -26.23 1.96
CA SER B 282 -37.24 -25.60 1.95
C SER B 282 -37.29 -24.27 2.68
N ILE B 283 -36.18 -23.91 3.34
CA ILE B 283 -36.07 -22.71 4.14
C ILE B 283 -35.11 -21.78 3.40
N ILE B 284 -35.67 -20.81 2.69
CA ILE B 284 -34.88 -19.96 1.79
C ILE B 284 -34.94 -18.48 2.17
N PHE B 285 -35.78 -18.15 3.16
CA PHE B 285 -35.89 -16.77 3.62
C PHE B 285 -35.08 -16.54 4.88
N GLY B 286 -34.73 -15.28 5.14
CA GLY B 286 -33.82 -14.94 6.24
C GLY B 286 -34.33 -15.23 7.63
N ALA B 287 -33.40 -15.58 8.52
CA ALA B 287 -33.67 -15.75 9.95
C ALA B 287 -33.39 -14.39 10.57
N SER B 288 -34.39 -13.83 11.25
CA SER B 288 -34.25 -12.49 11.85
C SER B 288 -33.83 -12.51 13.32
N SER B 289 -34.00 -13.65 13.99
CA SER B 289 -33.94 -13.71 15.44
C SER B 289 -33.73 -15.15 15.89
N VAL B 290 -32.84 -15.37 16.86
CA VAL B 290 -32.60 -16.72 17.43
C VAL B 290 -32.52 -16.69 18.94
N ASP B 291 -32.96 -17.75 19.60
CA ASP B 291 -32.75 -17.85 21.06
C ASP B 291 -32.77 -19.32 21.46
N PHE B 292 -32.12 -19.62 22.58
CA PHE B 292 -31.97 -20.99 23.10
C PHE B 292 -33.01 -21.30 24.17
N SER B 293 -33.43 -22.56 24.22
CA SER B 293 -34.18 -23.05 25.37
C SER B 293 -33.21 -23.01 26.56
N LEU B 294 -33.74 -23.11 27.78
CA LEU B 294 -32.92 -22.98 28.97
C LEU B 294 -31.68 -23.89 28.98
N SER B 295 -31.82 -25.15 28.54
CA SER B 295 -30.71 -26.11 28.55
C SER B 295 -29.79 -25.96 27.35
N GLY B 296 -30.16 -25.13 26.40
CA GLY B 296 -29.40 -25.00 25.15
C GLY B 296 -29.64 -26.12 24.12
N ARG B 297 -30.56 -27.05 24.41
CA ARG B 297 -30.82 -28.17 23.48
C ARG B 297 -31.58 -27.70 22.22
N LEU B 298 -32.41 -26.67 22.38
CA LEU B 298 -33.26 -26.21 21.28
C LEU B 298 -32.92 -24.80 20.92
N LEU B 299 -32.95 -24.51 19.62
CA LEU B 299 -32.76 -23.17 19.11
C LEU B 299 -34.01 -22.77 18.34
N PHE B 300 -34.66 -21.69 18.78
CA PHE B 300 -35.87 -21.15 18.14
C PHE B 300 -35.45 -20.01 17.22
N ALA B 301 -35.97 -19.98 16.00
CA ALA B 301 -35.61 -18.90 15.09
C ALA B 301 -36.83 -18.40 14.33
N GLY B 302 -36.93 -17.08 14.17
CA GLY B 302 -38.03 -16.45 13.45
C GLY B 302 -37.52 -16.07 12.07
N TYR B 303 -38.41 -16.15 11.07
CA TYR B 303 -37.99 -15.99 9.67
C TYR B 303 -38.84 -15.00 8.93
N ASN B 304 -38.27 -14.48 7.84
CA ASN B 304 -38.93 -13.48 7.00
C ASN B 304 -40.12 -14.02 6.20
N ASP B 305 -40.30 -15.34 6.22
CA ASP B 305 -41.47 -15.95 5.58
C ASP B 305 -42.58 -16.24 6.58
N TYR B 306 -42.50 -15.56 7.72
CA TYR B 306 -43.59 -15.52 8.71
C TYR B 306 -43.62 -16.73 9.61
N THR B 307 -42.61 -17.60 9.50
CA THR B 307 -42.62 -18.85 10.25
C THR B 307 -41.59 -18.83 11.37
N ILE B 308 -41.72 -19.80 12.28
CA ILE B 308 -40.70 -20.06 13.26
C ILE B 308 -40.21 -21.48 13.01
N ASN B 309 -38.90 -21.65 12.97
CA ASN B 309 -38.34 -22.99 12.86
C ASN B 309 -37.58 -23.29 14.15
N VAL B 310 -37.75 -24.51 14.64
CA VAL B 310 -37.13 -24.94 15.89
C VAL B 310 -36.12 -26.05 15.59
N TRP B 311 -34.90 -25.89 16.07
CA TRP B 311 -33.78 -26.77 15.74
C TRP B 311 -33.28 -27.55 16.95
N ASP B 312 -32.89 -28.80 16.72
CA ASP B 312 -32.15 -29.57 17.70
C ASP B 312 -30.70 -29.14 17.61
N VAL B 313 -30.25 -28.35 18.58
CA VAL B 313 -28.87 -27.79 18.56
C VAL B 313 -27.77 -28.87 18.39
N LEU B 314 -27.97 -29.99 19.06
CA LEU B 314 -26.97 -31.05 19.16
C LEU B 314 -26.99 -32.02 17.98
N LYS B 315 -28.21 -32.37 17.54
CA LYS B 315 -28.40 -33.33 16.45
C LYS B 315 -28.45 -32.65 15.07
N GLY B 316 -28.81 -31.37 15.04
CA GLY B 316 -28.76 -30.54 13.84
C GLY B 316 -30.02 -30.54 12.97
N SER B 317 -31.00 -31.36 13.34
CA SER B 317 -32.23 -31.52 12.56
C SER B 317 -33.30 -30.54 12.99
N ARG B 318 -34.23 -30.24 12.10
CA ARG B 318 -35.34 -29.41 12.51
C ARG B 318 -36.28 -30.23 13.38
N VAL B 319 -36.75 -29.60 14.45
CA VAL B 319 -37.68 -30.22 15.39
C VAL B 319 -39.12 -29.89 14.96
N SER B 320 -39.34 -28.65 14.52
CA SER B 320 -40.66 -28.27 14.00
C SER B 320 -40.69 -26.93 13.29
N ILE B 321 -41.76 -26.71 12.53
CA ILE B 321 -42.04 -25.42 11.91
C ILE B 321 -43.39 -24.93 12.43
N LEU B 322 -43.44 -23.68 12.84
CA LEU B 322 -44.62 -23.14 13.49
C LEU B 322 -45.19 -22.02 12.64
N PHE B 323 -46.48 -22.14 12.32
CA PHE B 323 -47.17 -21.15 11.50
C PHE B 323 -48.14 -20.36 12.39
N GLY B 324 -48.49 -19.16 11.95
CA GLY B 324 -49.45 -18.35 12.72
C GLY B 324 -49.35 -16.87 12.40
N HIS B 325 -48.14 -16.33 12.48
CA HIS B 325 -47.96 -14.91 12.15
C HIS B 325 -48.32 -14.65 10.70
N GLU B 326 -48.77 -13.43 10.40
CA GLU B 326 -49.26 -13.07 9.06
C GLU B 326 -48.31 -12.11 8.32
N ASN B 327 -47.12 -11.92 8.91
CA ASN B 327 -46.04 -11.17 8.27
C ASN B 327 -44.73 -11.59 8.96
N ARG B 328 -43.60 -11.00 8.58
CA ARG B 328 -42.30 -11.43 9.10
C ARG B 328 -42.29 -11.61 10.61
N VAL B 329 -41.63 -12.65 11.10
CA VAL B 329 -41.27 -12.75 12.50
C VAL B 329 -39.96 -11.96 12.68
N SER B 330 -40.01 -10.86 13.43
CA SER B 330 -38.88 -9.93 13.53
C SER B 330 -38.04 -10.08 14.79
N THR B 331 -38.59 -10.73 15.80
CA THR B 331 -37.98 -10.79 17.12
C THR B 331 -38.48 -12.05 17.82
N LEU B 332 -37.59 -12.69 18.60
CA LEU B 332 -37.95 -13.93 19.28
C LEU B 332 -37.05 -14.11 20.51
N ARG B 333 -37.66 -14.16 21.69
CA ARG B 333 -36.93 -14.49 22.93
C ARG B 333 -37.62 -15.57 23.73
N VAL B 334 -36.81 -16.47 24.28
CA VAL B 334 -37.28 -17.48 25.21
C VAL B 334 -37.42 -16.82 26.59
N SER B 335 -38.44 -17.21 27.36
CA SER B 335 -38.70 -16.53 28.64
C SER B 335 -37.59 -16.85 29.64
N PRO B 336 -37.39 -15.97 30.66
CA PRO B 336 -36.31 -16.12 31.63
C PRO B 336 -36.31 -17.44 32.40
N ASP B 337 -37.46 -18.08 32.55
CA ASP B 337 -37.48 -19.35 33.29
C ASP B 337 -37.68 -20.53 32.34
N GLY B 338 -37.61 -20.25 31.05
CA GLY B 338 -37.58 -21.30 30.03
C GLY B 338 -38.89 -22.05 29.81
N THR B 339 -40.01 -21.45 30.23
CA THR B 339 -41.33 -22.09 30.12
C THR B 339 -42.07 -21.73 28.81
N ALA B 340 -41.60 -20.70 28.13
CA ALA B 340 -42.29 -20.17 26.95
C ALA B 340 -41.33 -19.39 26.08
N PHE B 341 -41.80 -19.00 24.89
CA PHE B 341 -41.07 -18.00 24.11
C PHE B 341 -42.03 -17.03 23.48
N CYS B 342 -41.53 -15.84 23.17
CA CYS B 342 -42.35 -14.80 22.59
C CYS B 342 -41.81 -14.50 21.22
N SER B 343 -42.71 -14.40 20.24
CA SER B 343 -42.36 -13.93 18.90
C SER B 343 -43.05 -12.61 18.64
N GLY B 344 -42.34 -11.68 18.00
CA GLY B 344 -42.96 -10.43 17.55
C GLY B 344 -42.91 -10.40 16.03
N SER B 345 -43.85 -9.69 15.43
CA SER B 345 -44.06 -9.75 14.00
C SER B 345 -44.43 -8.42 13.37
N TRP B 346 -44.07 -8.28 12.10
CA TRP B 346 -44.54 -7.18 11.27
C TRP B 346 -46.07 -7.21 11.09
N ASP B 347 -46.74 -8.26 11.56
CA ASP B 347 -48.18 -8.28 11.56
C ASP B 347 -48.83 -7.43 12.69
N HIS B 348 -48.00 -6.70 13.44
CA HIS B 348 -48.41 -5.78 14.54
C HIS B 348 -48.64 -6.51 15.86
N THR B 349 -48.41 -7.82 15.90
CA THR B 349 -48.69 -8.59 17.11
C THR B 349 -47.47 -9.26 17.70
N LEU B 350 -47.61 -9.67 18.95
CA LEU B 350 -46.71 -10.66 19.52
C LEU B 350 -47.50 -11.87 19.97
N ARG B 351 -46.84 -13.02 20.00
CA ARG B 351 -47.44 -14.25 20.49
C ARG B 351 -46.52 -14.87 21.55
N VAL B 352 -47.13 -15.40 22.61
CA VAL B 352 -46.41 -16.25 23.56
C VAL B 352 -46.81 -17.70 23.33
N TRP B 353 -45.80 -18.55 23.14
CA TRP B 353 -45.98 -19.96 22.84
C TRP B 353 -45.45 -20.81 23.97
N ALA B 354 -46.12 -21.95 24.20
CA ALA B 354 -45.66 -22.96 25.15
C ALA B 354 -46.28 -24.29 24.79
N GLY C 9 30.98 34.35 -23.29
CA GLY C 9 30.00 33.36 -23.84
C GLY C 9 30.67 32.19 -24.52
N GLN C 10 29.91 31.47 -25.33
CA GLN C 10 30.39 30.27 -26.02
C GLN C 10 30.09 30.38 -27.51
N GLN C 11 31.04 29.96 -28.35
CA GLN C 11 31.00 30.26 -29.79
C GLN C 11 30.93 29.06 -30.73
N TYR C 12 31.48 27.93 -30.30
CA TYR C 12 31.81 26.85 -31.21
C TYR C 12 30.99 25.58 -30.99
N ARG C 13 30.64 24.93 -32.09
CA ARG C 13 29.92 23.66 -32.04
C ARG C 13 30.84 22.59 -31.45
N PRO C 14 30.29 21.71 -30.59
CA PRO C 14 31.13 20.70 -29.98
C PRO C 14 31.51 19.61 -30.99
N ARG C 15 32.47 18.76 -30.64
CA ARG C 15 32.76 17.55 -31.44
C ARG C 15 31.54 16.66 -31.54
N MET C 16 31.40 15.96 -32.67
CA MET C 16 30.28 15.06 -32.93
C MET C 16 30.81 13.77 -33.56
N ALA C 17 31.44 12.94 -32.74
CA ALA C 17 32.10 11.71 -33.19
C ALA C 17 31.12 10.71 -33.80
N PHE C 18 29.85 10.82 -33.44
CA PHE C 18 28.85 9.85 -33.85
C PHE C 18 28.59 9.87 -35.35
N LEU C 19 28.86 11.02 -35.98
CA LEU C 19 28.55 11.21 -37.41
C LEU C 19 29.30 10.23 -38.33
N GLN C 20 30.61 10.09 -38.13
CA GLN C 20 31.42 9.15 -38.91
CA GLN C 20 31.43 9.13 -38.89
C GLN C 20 30.91 7.70 -38.71
N LYS C 21 30.51 7.39 -37.49
CA LYS C 21 30.07 6.05 -37.12
C LYS C 21 28.74 5.68 -37.78
N ILE C 22 27.79 6.60 -37.78
CA ILE C 22 26.53 6.40 -38.51
C ILE C 22 26.82 6.29 -40.00
N GLU C 23 27.63 7.22 -40.51
CA GLU C 23 28.00 7.23 -41.91
C GLU C 23 28.60 5.90 -42.35
N ALA C 24 29.48 5.34 -41.52
CA ALA C 24 30.09 4.03 -41.79
C ALA C 24 29.02 2.95 -41.90
N LEU C 25 28.07 2.98 -40.97
CA LEU C 25 27.00 1.99 -40.93
C LEU C 25 26.05 2.09 -42.15
N VAL C 26 25.66 3.32 -42.49
CA VAL C 26 24.81 3.58 -43.65
C VAL C 26 25.46 3.12 -44.95
N LYS C 27 26.75 3.40 -45.11
CA LYS C 27 27.51 2.94 -46.28
C LYS C 27 27.51 1.41 -46.42
N ASP C 28 27.56 0.71 -45.28
CA ASP C 28 27.42 -0.75 -45.25
C ASP C 28 26.01 -1.23 -45.61
N MET C 29 25.01 -0.45 -45.21
CA MET C 29 23.60 -0.74 -45.53
C MET C 29 23.30 -0.55 -47.02
N GLN C 30 24.10 0.30 -47.67
CA GLN C 30 23.92 0.66 -49.08
C GLN C 30 24.69 -0.27 -50.02
N ASN C 31 25.55 -1.11 -49.44
CA ASN C 31 26.34 -2.06 -50.19
C ASN C 31 25.44 -2.94 -51.07
N PRO C 32 25.74 -3.01 -52.38
CA PRO C 32 24.92 -3.76 -53.34
C PRO C 32 24.77 -5.24 -53.02
N GLU C 33 25.82 -5.84 -52.43
CA GLU C 33 25.84 -7.29 -52.16
C GLU C 33 25.42 -7.69 -50.75
N THR C 34 25.80 -6.89 -49.74
CA THR C 34 25.51 -7.24 -48.35
C THR C 34 24.63 -6.22 -47.63
N GLY C 35 24.22 -5.18 -48.37
CA GLY C 35 23.34 -4.16 -47.81
C GLY C 35 21.91 -4.65 -47.64
N VAL C 36 21.00 -3.71 -47.36
CA VAL C 36 19.60 -4.03 -47.15
C VAL C 36 18.95 -4.46 -48.47
N ARG C 37 18.13 -5.51 -48.38
CA ARG C 37 17.28 -5.93 -49.49
C ARG C 37 16.48 -4.73 -49.99
N MET C 38 16.55 -4.47 -51.29
CA MET C 38 15.79 -3.37 -51.88
C MET C 38 14.41 -3.87 -52.30
N HIS C 39 13.43 -2.99 -52.32
CA HIS C 39 12.04 -3.39 -52.39
C HIS C 39 11.54 -3.92 -53.72
N ASN C 40 11.37 -3.05 -54.69
CA ASN C 40 10.82 -3.42 -56.00
C ASN C 40 11.86 -3.27 -57.11
N GLN C 41 12.22 -4.40 -57.73
CA GLN C 41 13.26 -4.44 -58.77
C GLN C 41 12.86 -3.84 -60.12
N ARG C 42 11.67 -3.21 -60.18
CA ARG C 42 11.06 -2.80 -61.44
C ARG C 42 10.89 -1.29 -61.65
N VAL C 43 10.66 -0.56 -60.57
CA VAL C 43 10.25 0.86 -60.63
C VAL C 43 11.27 1.80 -61.32
N LEU C 44 10.77 2.63 -62.23
CA LEU C 44 11.61 3.49 -63.08
C LEU C 44 11.95 4.86 -62.47
N VAL C 45 12.51 4.84 -61.25
CA VAL C 45 13.03 6.05 -60.61
C VAL C 45 14.54 5.92 -60.41
N THR C 46 15.31 6.83 -61.01
CA THR C 46 16.77 6.78 -60.96
C THR C 46 17.44 8.00 -60.31
N SER C 47 16.66 9.06 -60.06
CA SER C 47 17.20 10.29 -59.47
C SER C 47 17.53 10.15 -57.99
N VAL C 48 16.97 9.10 -57.38
CA VAL C 48 17.19 8.81 -55.95
C VAL C 48 17.41 7.31 -55.78
N PRO C 49 17.99 6.88 -54.63
CA PRO C 49 18.09 5.45 -54.31
C PRO C 49 16.73 4.76 -54.30
N HIS C 50 16.69 3.47 -54.64
CA HIS C 50 15.47 2.67 -54.58
C HIS C 50 14.97 2.53 -53.14
N ALA C 51 13.67 2.31 -52.98
CA ALA C 51 13.06 2.20 -51.66
C ALA C 51 13.32 0.83 -51.02
N MET C 52 13.28 0.81 -49.69
CA MET C 52 13.38 -0.41 -48.90
C MET C 52 12.35 -0.39 -47.77
N THR C 53 11.93 -1.56 -47.30
CA THR C 53 10.96 -1.60 -46.20
C THR C 53 11.65 -1.36 -44.86
N GLY C 54 10.89 -0.84 -43.88
CA GLY C 54 11.39 -0.65 -42.53
C GLY C 54 11.70 -1.95 -41.82
N GLY C 55 10.93 -3.00 -42.13
CA GLY C 55 11.18 -4.35 -41.60
C GLY C 55 12.51 -4.93 -42.07
N ASP C 56 12.80 -4.75 -43.36
CA ASP C 56 14.07 -5.19 -43.95
C ASP C 56 15.28 -4.44 -43.37
N VAL C 57 15.12 -3.14 -43.11
CA VAL C 57 16.14 -2.34 -42.42
C VAL C 57 16.39 -2.85 -41.00
N LEU C 58 15.32 -3.04 -40.24
CA LEU C 58 15.40 -3.60 -38.88
C LEU C 58 16.13 -4.95 -38.88
N GLN C 59 15.70 -5.86 -39.75
CA GLN C 59 16.29 -7.19 -39.90
C GLN C 59 17.79 -7.15 -40.20
N TRP C 60 18.20 -6.22 -41.07
CA TRP C 60 19.60 -6.06 -41.47
C TRP C 60 20.47 -5.59 -40.31
N ILE C 61 19.97 -4.61 -39.54
CA ILE C 61 20.69 -4.09 -38.38
C ILE C 61 20.93 -5.20 -37.34
N THR C 62 19.87 -5.94 -37.01
CA THR C 62 19.96 -7.01 -36.01
C THR C 62 21.00 -8.07 -36.39
N GLN C 63 21.07 -8.39 -37.67
CA GLN C 63 21.96 -9.44 -38.15
C GLN C 63 23.41 -8.96 -38.27
N ARG C 64 23.59 -7.75 -38.79
CA ARG C 64 24.90 -7.12 -38.95
C ARG C 64 25.61 -6.87 -37.60
N LEU C 65 24.81 -6.46 -36.62
CA LEU C 65 25.32 -6.09 -35.30
C LEU C 65 25.17 -7.18 -34.24
N TRP C 66 24.36 -8.19 -34.54
CA TRP C 66 24.08 -9.31 -33.62
C TRP C 66 23.53 -8.81 -32.28
N ILE C 67 22.39 -8.12 -32.36
CA ILE C 67 21.76 -7.47 -31.21
C ILE C 67 20.26 -7.74 -31.15
N SER C 68 19.66 -7.36 -30.03
CA SER C 68 18.23 -7.56 -29.81
C SER C 68 17.41 -6.70 -30.76
N ASN C 69 16.14 -7.05 -30.95
CA ASN C 69 15.25 -6.23 -31.76
C ASN C 69 15.03 -4.85 -31.12
N LEU C 70 14.92 -4.83 -29.80
CA LEU C 70 14.81 -3.58 -29.03
C LEU C 70 16.00 -2.65 -29.31
N GLU C 71 17.22 -3.18 -29.23
CA GLU C 71 18.42 -2.36 -29.47
C GLU C 71 18.52 -1.92 -30.93
N ALA C 72 18.19 -2.82 -31.86
CA ALA C 72 18.22 -2.50 -33.28
C ALA C 72 17.15 -1.49 -33.66
N GLN C 73 15.98 -1.60 -33.04
CA GLN C 73 14.91 -0.65 -33.26
C GLN C 73 15.31 0.75 -32.78
N ASN C 74 15.99 0.82 -31.64
CA ASN C 74 16.44 2.10 -31.10
C ASN C 74 17.45 2.77 -32.06
N LEU C 75 18.46 2.01 -32.50
CA LEU C 75 19.47 2.51 -33.43
C LEU C 75 18.84 2.91 -34.77
N GLY C 76 17.95 2.07 -35.28
CA GLY C 76 17.23 2.35 -36.53
C GLY C 76 16.46 3.66 -36.45
N ASN C 77 15.84 3.91 -35.29
CA ASN C 77 15.16 5.18 -35.08
C ASN C 77 16.06 6.40 -35.27
N PHE C 78 17.28 6.34 -34.70
CA PHE C 78 18.18 7.48 -34.80
C PHE C 78 18.70 7.71 -36.22
N ILE C 79 18.83 6.62 -36.99
CA ILE C 79 19.19 6.74 -38.42
C ILE C 79 18.13 7.59 -39.15
N VAL C 80 16.86 7.41 -38.80
CA VAL C 80 15.75 8.19 -39.37
C VAL C 80 15.75 9.61 -38.81
N LYS C 81 15.95 9.73 -37.49
CA LYS C 81 15.88 11.01 -36.80
C LYS C 81 16.90 12.01 -37.35
N TYR C 82 18.10 11.52 -37.64
CA TYR C 82 19.19 12.35 -38.16
C TYR C 82 19.12 12.54 -39.69
N GLY C 83 18.21 11.84 -40.35
CA GLY C 83 17.93 12.07 -41.76
C GLY C 83 18.72 11.24 -42.77
N TYR C 84 19.41 10.21 -42.30
CA TYR C 84 20.16 9.32 -43.20
C TYR C 84 19.24 8.44 -44.07
N ILE C 85 18.09 8.08 -43.52
CA ILE C 85 17.02 7.45 -44.28
C ILE C 85 15.73 8.19 -43.94
N TYR C 86 14.78 8.21 -44.86
CA TYR C 86 13.52 8.91 -44.61
C TYR C 86 12.31 8.10 -45.09
N PRO C 87 11.16 8.19 -44.38
CA PRO C 87 9.95 7.49 -44.77
C PRO C 87 9.27 8.08 -46.01
N LEU C 88 8.59 7.23 -46.77
CA LEU C 88 7.81 7.68 -47.94
C LEU C 88 6.31 7.84 -47.63
N GLN C 89 5.95 7.63 -46.37
CA GLN C 89 4.60 7.86 -45.87
C GLN C 89 4.71 8.39 -44.44
N ASP C 90 3.72 9.16 -43.99
CA ASP C 90 3.73 9.75 -42.65
C ASP C 90 5.10 10.43 -42.42
N PRO C 91 5.46 11.37 -43.32
CA PRO C 91 6.82 11.93 -43.40
C PRO C 91 7.25 12.73 -42.16
N LYS C 92 6.29 13.17 -41.36
CA LYS C 92 6.58 13.89 -40.11
C LYS C 92 6.91 12.95 -38.95
N ASN C 93 6.69 11.65 -39.14
CA ASN C 93 6.92 10.67 -38.09
C ASN C 93 8.29 10.01 -38.32
N LEU C 94 9.31 10.60 -37.70
CA LEU C 94 10.67 10.15 -37.94
C LEU C 94 11.04 9.00 -37.03
N ILE C 95 10.48 7.83 -37.35
CA ILE C 95 10.77 6.58 -36.67
C ILE C 95 10.93 5.50 -37.73
N LEU C 96 11.60 4.41 -37.37
CA LEU C 96 11.65 3.23 -38.21
C LEU C 96 10.50 2.32 -37.81
N LYS C 97 9.55 2.17 -38.71
CA LYS C 97 8.44 1.24 -38.53
C LYS C 97 8.88 -0.11 -39.08
N PRO C 98 8.91 -1.15 -38.21
CA PRO C 98 9.42 -2.46 -38.60
C PRO C 98 8.39 -3.29 -39.40
N ASP C 99 7.84 -2.71 -40.46
CA ASP C 99 6.88 -3.40 -41.33
C ASP C 99 7.12 -3.09 -42.81
N SER C 100 6.06 -3.15 -43.63
CA SER C 100 6.17 -2.90 -45.07
C SER C 100 6.23 -1.41 -45.46
N SER C 101 6.19 -0.52 -44.47
CA SER C 101 6.41 0.92 -44.69
C SER C 101 7.71 1.15 -45.44
N LEU C 102 7.69 2.06 -46.41
CA LEU C 102 8.87 2.31 -47.28
C LEU C 102 9.77 3.45 -46.83
N TYR C 103 11.07 3.28 -47.08
CA TYR C 103 12.12 4.24 -46.72
C TYR C 103 13.10 4.37 -47.88
N ARG C 104 13.76 5.52 -47.97
CA ARG C 104 14.88 5.70 -48.91
C ARG C 104 16.10 6.23 -48.18
N PHE C 105 17.28 5.84 -48.66
CA PHE C 105 18.53 6.43 -48.19
C PHE C 105 18.61 7.87 -48.66
N GLN C 106 18.97 8.77 -47.75
CA GLN C 106 19.23 10.17 -48.11
C GLN C 106 20.59 10.26 -48.83
N THR C 107 20.72 11.21 -49.75
CA THR C 107 21.98 11.47 -50.46
C THR C 107 23.00 12.17 -49.53
N PRO C 108 24.31 11.83 -49.64
CA PRO C 108 25.28 12.41 -48.70
C PRO C 108 25.35 13.93 -48.64
N TYR C 109 24.93 14.61 -49.71
CA TYR C 109 24.80 16.07 -49.72
C TYR C 109 23.87 16.57 -48.60
N PHE C 110 22.91 15.73 -48.22
CA PHE C 110 21.91 16.11 -47.24
C PHE C 110 22.13 15.41 -45.87
N TRP C 111 23.34 14.92 -45.63
CA TRP C 111 23.71 14.32 -44.34
C TRP C 111 24.18 15.43 -43.40
N PRO C 112 24.04 15.24 -42.06
CA PRO C 112 24.50 16.29 -41.13
C PRO C 112 26.03 16.40 -41.09
N THR C 113 26.54 17.57 -40.71
CA THR C 113 27.99 17.76 -40.56
C THR C 113 28.31 18.34 -39.18
N GLN C 114 29.53 18.13 -38.72
CA GLN C 114 29.91 18.63 -37.41
C GLN C 114 30.04 20.15 -37.42
N GLN C 115 30.72 20.68 -38.44
CA GLN C 115 31.16 22.07 -38.42
C GLN C 115 30.11 23.03 -38.94
N TRP C 116 29.19 22.52 -39.76
CA TRP C 116 28.32 23.39 -40.53
C TRP C 116 26.84 23.09 -40.34
N PRO C 117 26.12 23.97 -39.62
CA PRO C 117 24.66 23.79 -39.57
C PRO C 117 24.05 24.22 -40.90
N ALA C 118 22.81 23.79 -41.17
CA ALA C 118 22.08 24.23 -42.35
C ALA C 118 21.92 25.75 -42.27
N GLU C 119 22.04 26.40 -43.42
CA GLU C 119 22.09 27.86 -43.47
C GLU C 119 20.73 28.45 -43.80
N ASP C 120 20.46 29.63 -43.24
CA ASP C 120 19.19 30.33 -43.44
C ASP C 120 18.93 30.66 -44.90
N THR C 121 19.98 31.01 -45.64
CA THR C 121 19.86 31.38 -47.06
C THR C 121 19.38 30.19 -47.90
N ASP C 122 19.93 29.02 -47.63
CA ASP C 122 19.54 27.80 -48.33
C ASP C 122 18.10 27.38 -47.98
N TYR C 123 17.71 27.60 -46.73
CA TYR C 123 16.33 27.38 -46.30
C TYR C 123 15.39 28.38 -46.95
N ALA C 124 15.85 29.61 -47.13
CA ALA C 124 15.08 30.64 -47.84
C ALA C 124 14.84 30.29 -49.32
N ILE C 125 15.88 29.80 -49.99
CA ILE C 125 15.81 29.36 -51.39
C ILE C 125 14.87 28.16 -51.52
N TYR C 126 14.93 27.25 -50.56
CA TYR C 126 14.04 26.10 -50.52
C TYR C 126 12.56 26.50 -50.39
N LEU C 127 12.27 27.37 -49.42
CA LEU C 127 10.90 27.82 -49.18
C LEU C 127 10.37 28.70 -50.32
N ALA C 128 11.26 29.51 -50.90
CA ALA C 128 10.93 30.32 -52.07
C ALA C 128 10.51 29.44 -53.26
N LYS C 129 11.24 28.35 -53.46
CA LYS C 129 10.94 27.39 -54.52
C LYS C 129 9.62 26.67 -54.27
N ARG C 130 9.39 26.29 -53.01
CA ARG C 130 8.11 25.69 -52.60
C ARG C 130 6.91 26.62 -52.73
N ASN C 131 7.15 27.92 -52.60
CA ASN C 131 6.11 28.92 -52.78
C ASN C 131 5.77 29.15 -54.26
N ILE C 132 6.73 28.86 -55.13
CA ILE C 132 6.50 28.92 -56.58
C ILE C 132 5.75 27.67 -57.06
N LYS C 133 6.10 26.51 -56.51
CA LYS C 133 5.48 25.23 -56.89
C LYS C 133 3.95 25.29 -56.89
N LYS C 134 3.37 25.67 -55.75
CA LYS C 134 1.95 26.05 -55.71
C LYS C 134 1.75 27.21 -54.74
N LYS C 135 1.28 28.33 -55.29
CA LYS C 135 1.00 29.57 -54.55
C LYS C 135 0.28 29.02 -53.30
N GLY C 136 0.91 29.21 -52.15
CA GLY C 136 0.38 28.72 -50.87
C GLY C 136 0.29 27.24 -50.55
N ILE C 137 1.34 26.48 -50.89
CA ILE C 137 1.44 25.06 -50.51
C ILE C 137 2.28 24.92 -49.23
N LEU C 138 2.80 26.06 -48.76
CA LEU C 138 3.57 26.13 -47.53
C LEU C 138 2.70 25.81 -46.33
N GLU C 139 3.21 24.95 -45.45
CA GLU C 139 2.56 24.67 -44.17
C GLU C 139 2.63 25.90 -43.28
N GLU C 140 1.79 25.92 -42.24
CA GLU C 140 1.74 27.04 -41.30
C GLU C 140 3.11 27.48 -40.76
N TYR C 141 3.87 26.52 -40.24
CA TYR C 141 5.21 26.81 -39.70
C TYR C 141 6.20 27.21 -40.80
N GLU C 142 5.90 26.83 -42.03
CA GLU C 142 6.73 27.19 -43.19
C GLU C 142 6.41 28.61 -43.68
N LYS C 143 5.16 29.02 -43.53
CA LYS C 143 4.75 30.40 -43.84
C LYS C 143 5.39 31.37 -42.83
N GLU C 144 5.35 31.00 -41.56
CA GLU C 144 6.04 31.72 -40.49
C GLU C 144 7.53 31.85 -40.78
N ASN C 145 8.16 30.72 -41.10
CA ASN C 145 9.58 30.66 -41.39
C ASN C 145 9.98 31.53 -42.58
N TYR C 146 9.15 31.50 -43.63
CA TYR C 146 9.39 32.29 -44.83
C TYR C 146 9.35 33.80 -44.55
N ASP C 147 8.39 34.22 -43.74
CA ASP C 147 8.21 35.62 -43.36
C ASP C 147 9.30 36.10 -42.40
N PHE C 148 9.77 35.20 -41.54
CA PHE C 148 10.90 35.50 -40.66
C PHE C 148 12.17 35.77 -41.46
N LEU C 149 12.48 34.86 -42.40
CA LEU C 149 13.67 34.95 -43.25
C LEU C 149 13.64 36.16 -44.18
N ASN C 150 12.47 36.44 -44.75
CA ASN C 150 12.26 37.61 -45.61
C ASN C 150 12.56 38.94 -44.90
N LYS C 151 12.38 38.96 -43.58
CA LYS C 151 12.73 40.12 -42.76
C LYS C 151 14.20 40.12 -42.34
N LYS C 152 14.76 38.93 -42.11
CA LYS C 152 16.13 38.80 -41.62
C LYS C 152 17.21 38.96 -42.69
N ILE C 153 17.08 38.23 -43.79
CA ILE C 153 18.10 38.26 -44.85
C ILE C 153 17.63 38.99 -46.11
N ASN C 154 16.94 40.11 -45.91
CA ASN C 154 16.34 40.88 -47.00
C ASN C 154 17.36 41.48 -47.99
N TYR C 155 18.57 41.73 -47.51
CA TYR C 155 19.67 42.21 -48.36
C TYR C 155 20.10 41.14 -49.39
N LYS C 156 19.95 39.87 -49.00
CA LYS C 156 20.30 38.73 -49.86
C LYS C 156 19.17 38.31 -50.79
N TRP C 157 17.98 38.88 -50.57
CA TRP C 157 16.76 38.42 -51.23
C TRP C 157 16.80 38.45 -52.77
N ASP C 158 17.80 39.13 -53.32
CA ASP C 158 18.06 39.13 -54.76
C ASP C 158 18.60 37.76 -55.19
N PHE C 159 19.54 37.24 -54.40
CA PHE C 159 20.21 35.97 -54.68
C PHE C 159 19.30 34.76 -54.50
N VAL C 160 18.40 34.83 -53.51
CA VAL C 160 17.51 33.71 -53.20
C VAL C 160 16.50 33.47 -54.34
N ILE C 161 15.92 34.55 -54.86
CA ILE C 161 14.96 34.46 -55.96
C ILE C 161 15.59 33.88 -57.22
N MET C 162 16.83 34.22 -57.53
CA MET C 162 17.45 33.79 -58.78
C MET C 162 17.87 32.31 -58.76
N GLN C 163 18.30 31.89 -57.60
CA GLN C 163 18.60 30.47 -57.46
C GLN C 163 17.35 29.60 -57.39
N ALA C 164 16.27 30.15 -56.84
CA ALA C 164 14.99 29.46 -56.77
C ALA C 164 14.40 29.27 -58.18
N LYS C 165 14.42 30.35 -58.96
CA LYS C 165 13.92 30.33 -60.34
C LYS C 165 14.76 29.43 -61.24
N GLU C 166 16.07 29.44 -61.03
CA GLU C 166 17.00 28.57 -61.77
C GLU C 166 16.81 27.09 -61.43
N GLN C 167 16.53 26.81 -60.15
CA GLN C 167 16.30 25.44 -59.69
C GLN C 167 14.94 24.91 -60.16
N TYR C 168 13.92 25.77 -60.11
CA TYR C 168 12.58 25.42 -60.57
C TYR C 168 12.54 25.23 -62.10
N ARG C 169 13.38 25.98 -62.81
CA ARG C 169 13.50 25.84 -64.26
C ARG C 169 14.18 24.50 -64.61
N THR C 170 15.28 24.20 -63.91
CA THR C 170 16.02 22.94 -64.07
C THR C 170 15.18 21.73 -63.67
N GLY C 171 14.36 21.88 -62.63
CA GLY C 171 13.51 20.81 -62.12
C GLY C 171 12.47 20.29 -63.09
N LYS C 172 12.12 21.10 -64.09
CA LYS C 172 11.12 20.73 -65.09
C LYS C 172 11.70 19.96 -66.28
N GLU C 173 13.04 19.82 -66.32
CA GLU C 173 13.71 19.08 -67.39
C GLU C 173 13.57 17.56 -67.20
N ARG C 174 13.34 17.14 -65.95
CA ARG C 174 13.23 15.72 -65.56
C ARG C 174 11.77 15.22 -65.62
N ASN C 175 11.54 13.90 -65.59
CA ASN C 175 10.16 13.43 -65.66
C ASN C 175 9.45 13.66 -64.32
N LYS C 176 8.16 13.39 -64.31
CA LYS C 176 7.32 13.65 -63.17
C LYS C 176 7.78 12.84 -61.97
N ALA C 177 8.08 11.58 -62.19
CA ALA C 177 8.49 10.66 -61.13
C ALA C 177 9.80 11.09 -60.46
N ASP C 178 10.76 11.53 -61.27
CA ASP C 178 12.05 11.99 -60.79
C ASP C 178 11.95 13.34 -60.08
N ARG C 179 11.09 14.22 -60.58
CA ARG C 179 10.85 15.52 -59.96
C ARG C 179 10.21 15.36 -58.59
N TYR C 180 9.23 14.47 -58.50
CA TYR C 180 8.57 14.15 -57.23
C TYR C 180 9.55 13.53 -56.22
N ALA C 181 10.33 12.55 -56.68
CA ALA C 181 11.31 11.87 -55.83
C ALA C 181 12.38 12.84 -55.29
N LEU C 182 12.83 13.76 -56.15
CA LEU C 182 13.80 14.79 -55.74
C LEU C 182 13.23 15.80 -54.73
N ASP C 183 11.95 16.15 -54.89
CA ASP C 183 11.28 17.06 -53.95
C ASP C 183 11.11 16.42 -52.57
N CYS C 184 10.78 15.14 -52.56
CA CYS C 184 10.62 14.36 -51.33
CA CYS C 184 10.62 14.38 -51.32
C CYS C 184 11.94 14.25 -50.58
N GLN C 185 13.02 14.06 -51.34
CA GLN C 185 14.37 13.99 -50.79
C GLN C 185 14.77 15.29 -50.09
N GLU C 186 14.51 16.43 -50.72
CA GLU C 186 14.87 17.74 -50.16
C GLU C 186 13.97 18.10 -48.97
N LYS C 187 12.71 17.69 -49.05
CA LYS C 187 11.74 17.92 -47.97
C LYS C 187 12.19 17.15 -46.72
N ALA C 188 12.68 15.93 -46.92
CA ALA C 188 13.14 15.06 -45.82
C ALA C 188 14.34 15.65 -45.08
N TYR C 189 15.21 16.33 -45.82
CA TYR C 189 16.36 17.03 -45.22
C TYR C 189 15.89 18.16 -44.29
N TRP C 190 15.00 19.01 -44.80
CA TRP C 190 14.56 20.18 -44.07
C TRP C 190 13.66 19.87 -42.88
N LEU C 191 13.03 18.70 -42.92
CA LEU C 191 12.29 18.18 -41.78
C LEU C 191 13.20 17.95 -40.59
N VAL C 192 14.44 17.56 -40.85
CA VAL C 192 15.42 17.31 -39.78
C VAL C 192 16.09 18.62 -39.36
N HIS C 193 16.42 19.46 -40.34
CA HIS C 193 17.22 20.66 -40.08
C HIS C 193 16.43 21.91 -39.73
N ARG C 194 15.15 21.92 -40.09
CA ARG C 194 14.21 22.98 -39.71
C ARG C 194 12.90 22.32 -39.32
N SER C 195 12.95 21.65 -38.18
CA SER C 195 11.85 20.83 -37.71
C SER C 195 10.65 21.68 -37.33
N PRO C 196 9.43 21.15 -37.52
CA PRO C 196 8.22 21.83 -37.07
C PRO C 196 8.26 22.07 -35.57
N PRO C 197 7.56 23.12 -35.08
CA PRO C 197 7.56 23.36 -33.64
C PRO C 197 6.97 22.16 -32.89
N GLY C 198 7.43 21.92 -31.67
CA GLY C 198 6.93 20.82 -30.86
C GLY C 198 7.51 19.47 -31.20
N MET C 199 8.25 19.39 -32.31
CA MET C 199 8.96 18.18 -32.71
C MET C 199 10.38 18.26 -32.19
N ASN C 200 10.91 17.13 -31.71
CA ASN C 200 12.25 17.11 -31.13
C ASN C 200 13.32 17.51 -32.13
N ASN C 201 14.24 18.35 -31.66
CA ASN C 201 15.37 18.79 -32.44
C ASN C 201 16.52 17.85 -32.08
N VAL C 202 16.74 16.87 -32.95
CA VAL C 202 17.78 15.87 -32.72
C VAL C 202 19.15 16.52 -32.83
N LEU C 203 19.20 17.68 -33.49
CA LEU C 203 20.45 18.42 -33.66
C LEU C 203 20.80 19.31 -32.47
N ASP C 204 19.92 19.36 -31.47
CA ASP C 204 20.22 20.04 -30.21
C ASP C 204 21.39 19.31 -29.55
N TYR C 205 22.52 20.00 -29.47
CA TYR C 205 23.73 19.44 -28.85
C TYR C 205 24.05 20.06 -27.49
N GLY C 206 23.17 20.95 -27.01
CA GLY C 206 23.36 21.62 -25.74
C GLY C 206 24.08 22.94 -25.92
N LEU C 207 25.03 23.24 -25.03
CA LEU C 207 25.76 24.50 -25.13
C LEU C 207 26.88 24.43 -26.15
N ASP C 208 27.27 25.59 -26.67
CA ASP C 208 28.46 25.72 -27.50
C ASP C 208 29.71 25.61 -26.63
N ARG C 209 30.87 25.48 -27.27
CA ARG C 209 32.14 25.41 -26.56
C ARG C 209 32.83 26.76 -26.56
N VAL C 210 33.65 26.99 -25.54
CA VAL C 210 34.54 28.15 -25.47
C VAL C 210 35.69 27.96 -26.45
N THR C 211 36.24 26.74 -26.48
CA THR C 211 37.37 26.41 -27.33
C THR C 211 36.89 25.68 -28.60
N ASN C 212 37.37 26.10 -29.76
CA ASN C 212 37.04 25.46 -31.03
C ASN C 212 37.76 24.10 -31.18
N PRO C 213 37.01 22.97 -31.18
CA PRO C 213 37.68 21.69 -31.34
C PRO C 213 38.34 21.54 -32.73
N ASN C 214 37.95 22.40 -33.67
CA ASN C 214 38.57 22.41 -35.01
C ASN C 214 39.72 23.40 -35.15
N GLU C 215 40.01 24.16 -34.08
CA GLU C 215 41.11 25.14 -34.08
C GLU C 215 42.46 24.43 -33.91
N VAL C 216 43.41 24.74 -34.77
CA VAL C 216 44.76 24.32 -34.51
C VAL C 216 45.40 25.48 -33.84
N LYS C 217 45.75 25.24 -32.60
CA LYS C 217 46.36 26.24 -31.77
C LYS C 217 47.84 26.11 -31.97
N LYS C 218 48.50 27.17 -32.37
CA LYS C 218 49.95 27.13 -32.34
C LYS C 218 50.40 27.12 -30.89
N GLN C 219 51.48 26.39 -30.61
CA GLN C 219 52.02 26.28 -29.26
C GLN C 219 52.84 27.52 -28.89
N THR C 220 52.51 28.12 -27.75
CA THR C 220 53.28 29.24 -27.21
C THR C 220 54.48 28.70 -26.45
N VAL C 221 55.50 29.54 -26.27
CA VAL C 221 56.64 29.18 -25.42
C VAL C 221 56.18 28.79 -24.01
N THR C 222 55.23 29.55 -23.45
CA THR C 222 54.67 29.27 -22.11
C THR C 222 54.06 27.87 -22.00
N ALA C 223 53.41 27.41 -23.06
CA ALA C 223 52.73 26.11 -23.06
C ALA C 223 53.69 24.93 -23.22
N VAL C 224 54.69 25.07 -24.10
CA VAL C 224 55.69 24.01 -24.29
C VAL C 224 56.51 23.81 -23.00
N ARG C 225 56.85 24.92 -22.34
CA ARG C 225 57.55 24.90 -21.05
C ARG C 225 56.77 24.10 -20.00
N LYS C 226 55.45 24.28 -19.99
CA LYS C 226 54.57 23.62 -19.03
C LYS C 226 54.50 22.11 -19.31
N GLU C 227 54.47 21.78 -20.60
CA GLU C 227 54.52 20.41 -21.08
C GLU C 227 55.79 19.71 -20.61
N ILE C 228 56.93 20.38 -20.80
CA ILE C 228 58.23 19.89 -20.32
C ILE C 228 58.20 19.58 -18.83
N MET C 229 57.65 20.51 -18.05
CA MET C 229 57.51 20.32 -16.60
C MET C 229 56.68 19.09 -16.24
N TYR C 230 55.60 18.85 -16.97
CA TYR C 230 54.79 17.65 -16.75
C TYR C 230 55.63 16.38 -16.91
N TYR C 231 56.31 16.25 -18.05
CA TYR C 231 57.12 15.06 -18.32
C TYR C 231 58.26 14.91 -17.31
N GLN C 232 58.89 16.03 -16.93
CA GLN C 232 59.96 16.02 -15.94
C GLN C 232 59.50 15.40 -14.60
N GLN C 233 58.35 15.84 -14.09
CA GLN C 233 57.84 15.32 -12.83
C GLN C 233 57.32 13.87 -12.99
N ALA C 234 56.71 13.56 -14.12
CA ALA C 234 56.22 12.20 -14.40
C ALA C 234 57.34 11.15 -14.39
N LEU C 235 58.51 11.53 -14.90
CA LEU C 235 59.68 10.65 -14.93
C LEU C 235 60.20 10.33 -13.53
N MET C 236 59.93 11.20 -12.57
CA MET C 236 60.40 10.97 -11.22
CA MET C 236 60.36 11.06 -11.18
C MET C 236 59.42 10.18 -10.35
N ARG C 237 58.26 9.87 -10.92
CA ARG C 237 57.28 9.03 -10.24
C ARG C 237 57.51 7.56 -10.56
N SER C 238 57.42 6.71 -9.54
CA SER C 238 57.64 5.28 -9.74
C SER C 238 56.28 4.62 -9.99
N THR C 239 56.31 3.50 -10.70
CA THR C 239 55.10 2.73 -10.96
C THR C 239 55.35 1.30 -10.54
N VAL C 240 54.30 0.49 -10.57
CA VAL C 240 54.39 -0.93 -10.29
C VAL C 240 53.96 -1.70 -11.53
N LYS C 241 54.29 -2.99 -11.59
CA LYS C 241 53.94 -3.81 -12.74
C LYS C 241 52.43 -3.97 -12.84
N SER C 242 51.94 -4.05 -14.07
CA SER C 242 50.53 -4.29 -14.37
C SER C 242 49.96 -5.52 -13.65
N SER C 243 50.77 -6.59 -13.54
CA SER C 243 50.35 -7.79 -12.80
C SER C 243 50.00 -7.46 -11.35
N VAL C 244 50.77 -6.57 -10.75
CA VAL C 244 50.54 -6.18 -9.37
C VAL C 244 49.29 -5.31 -9.24
N SER C 245 49.25 -4.20 -9.98
CA SER C 245 48.16 -3.23 -9.83
C SER C 245 46.81 -3.83 -10.25
N LEU C 246 46.79 -4.52 -11.40
CA LEU C 246 45.56 -5.18 -11.88
C LEU C 246 45.13 -6.34 -11.00
N GLY C 247 46.11 -7.02 -10.40
CA GLY C 247 45.81 -8.08 -9.44
C GLY C 247 45.04 -7.53 -8.25
N GLY C 248 45.43 -6.33 -7.81
CA GLY C 248 44.77 -5.63 -6.71
C GLY C 248 43.34 -5.22 -7.04
N ILE C 249 43.12 -4.72 -8.26
CA ILE C 249 41.79 -4.37 -8.74
C ILE C 249 40.86 -5.60 -8.76
N VAL C 250 41.32 -6.71 -9.33
CA VAL C 250 40.53 -7.95 -9.32
C VAL C 250 40.19 -8.40 -7.90
N LYS C 251 41.20 -8.44 -7.03
CA LYS C 251 41.01 -8.83 -5.62
C LYS C 251 40.02 -7.93 -4.88
N TYR C 252 40.17 -6.61 -5.05
CA TYR C 252 39.21 -5.64 -4.48
C TYR C 252 37.75 -5.91 -4.90
N SER C 253 37.49 -5.97 -6.20
CA SER C 253 36.10 -6.21 -6.67
C SER C 253 35.53 -7.54 -6.18
N GLU C 254 36.36 -8.57 -6.17
CA GLU C 254 35.97 -9.89 -5.62
C GLU C 254 35.63 -9.80 -4.12
N GLN C 255 36.49 -9.11 -3.36
CA GLN C 255 36.30 -8.98 -1.92
C GLN C 255 35.00 -8.25 -1.55
N PHE C 256 34.66 -7.22 -2.32
CA PHE C 256 33.51 -6.37 -2.04
C PHE C 256 32.19 -6.79 -2.71
N SER C 257 32.24 -7.85 -3.53
CA SER C 257 31.06 -8.24 -4.34
C SER C 257 29.78 -8.60 -3.54
N SER C 258 29.92 -9.32 -2.43
CA SER C 258 28.74 -9.67 -1.62
C SER C 258 28.08 -8.46 -0.94
N ASN C 259 28.85 -7.38 -0.81
CA ASN C 259 28.39 -6.11 -0.26
C ASN C 259 27.81 -5.16 -1.30
N ASP C 260 27.91 -5.56 -2.55
CA ASP C 260 27.42 -4.81 -3.70
C ASP C 260 26.00 -5.28 -3.98
N ALA C 261 25.01 -4.48 -3.58
CA ALA C 261 23.59 -4.93 -3.62
C ALA C 261 23.04 -5.10 -5.04
N ILE C 262 23.57 -4.32 -5.98
CA ILE C 262 23.15 -4.42 -7.39
C ILE C 262 23.53 -5.80 -7.94
N MET C 263 24.65 -6.33 -7.47
CA MET C 263 25.10 -7.65 -7.90
C MET C 263 24.63 -8.81 -7.04
N SER C 264 24.49 -8.56 -5.74
CA SER C 264 24.32 -9.64 -4.78
C SER C 264 23.02 -9.57 -3.98
N GLY C 265 22.21 -8.55 -4.27
CA GLY C 265 21.03 -8.26 -3.46
C GLY C 265 21.42 -7.88 -2.05
N CYS C 266 20.41 -7.72 -1.18
CA CYS C 266 20.66 -7.43 0.22
C CYS C 266 19.51 -7.90 1.09
N LEU C 267 19.76 -7.97 2.40
CA LEU C 267 18.79 -8.54 3.32
C LEU C 267 18.33 -7.50 4.33
N PRO C 268 17.03 -7.51 4.68
CA PRO C 268 16.00 -8.47 4.25
C PRO C 268 15.60 -8.34 2.78
N SER C 269 15.73 -7.13 2.23
CA SER C 269 15.32 -6.83 0.88
C SER C 269 15.88 -5.47 0.48
N ASN C 270 15.94 -5.20 -0.81
CA ASN C 270 16.36 -3.89 -1.32
C ASN C 270 15.18 -2.93 -1.22
N PRO C 271 15.30 -1.86 -0.41
CA PRO C 271 14.19 -0.91 -0.21
C PRO C 271 13.58 -0.37 -1.51
N TRP C 272 14.41 -0.19 -2.54
CA TRP C 272 13.94 0.31 -3.83
C TRP C 272 13.04 -0.65 -4.58
N ILE C 273 13.23 -1.95 -4.32
CA ILE C 273 12.46 -3.02 -4.97
C ILE C 273 11.17 -3.38 -4.20
N THR C 274 11.27 -3.46 -2.88
CA THR C 274 10.14 -3.90 -2.03
C THR C 274 9.41 -2.77 -1.31
N ASP C 275 10.02 -1.58 -1.27
CA ASP C 275 9.53 -0.45 -0.49
C ASP C 275 9.63 -0.66 1.04
N ASP C 276 10.37 -1.70 1.45
CA ASP C 276 10.65 -1.96 2.87
C ASP C 276 11.94 -1.26 3.27
N THR C 277 11.87 -0.30 4.19
CA THR C 277 13.07 0.42 4.61
C THR C 277 13.91 -0.26 5.68
N GLN C 278 13.55 -1.48 6.08
CA GLN C 278 14.28 -2.20 7.13
C GLN C 278 15.81 -2.25 6.88
N PHE C 279 16.21 -2.47 5.62
CA PHE C 279 17.65 -2.50 5.28
C PHE C 279 18.36 -1.21 5.71
N TRP C 280 17.73 -0.07 5.45
CA TRP C 280 18.27 1.21 5.87
C TRP C 280 18.25 1.40 7.39
N ASP C 281 17.18 0.96 8.02
CA ASP C 281 17.05 1.10 9.47
C ASP C 281 18.09 0.23 10.18
N LEU C 282 18.34 -0.95 9.66
CA LEU C 282 19.35 -1.86 10.22
C LEU C 282 20.77 -1.34 10.00
N ASN C 283 20.94 -0.52 8.97
CA ASN C 283 22.25 0.00 8.60
C ASN C 283 22.41 1.49 8.84
N ALA C 284 21.59 2.02 9.74
CA ALA C 284 21.75 3.40 10.21
C ALA C 284 23.17 3.59 10.71
N LYS C 285 23.68 4.82 10.54
CA LYS C 285 25.05 5.16 10.89
C LYS C 285 25.37 4.80 12.34
N LEU C 286 24.44 5.15 13.24
CA LEU C 286 24.60 4.95 14.67
C LEU C 286 23.60 3.94 15.24
N VAL C 287 23.23 2.96 14.42
CA VAL C 287 22.38 1.87 14.87
C VAL C 287 23.05 1.22 16.08
N GLU C 288 22.28 0.74 17.05
CA GLU C 288 22.88 0.19 18.27
C GLU C 288 23.72 -1.07 18.01
N ILE C 289 23.18 -2.02 17.25
CA ILE C 289 23.89 -3.25 16.94
C ILE C 289 24.01 -3.35 15.43
N PRO C 290 25.25 -3.24 14.89
CA PRO C 290 25.45 -3.34 13.44
C PRO C 290 25.14 -4.74 12.92
N THR C 291 24.87 -4.85 11.62
CA THR C 291 24.63 -6.14 10.97
C THR C 291 25.94 -6.90 10.81
N LYS C 292 25.86 -8.23 10.67
CA LYS C 292 27.08 -9.05 10.53
C LYS C 292 27.89 -8.67 9.28
N MET C 293 27.20 -8.44 8.17
CA MET C 293 27.83 -7.97 6.93
C MET C 293 28.66 -6.69 7.15
N ARG C 294 28.10 -5.74 7.89
CA ARG C 294 28.80 -4.48 8.17
C ARG C 294 30.05 -4.72 9.01
N VAL C 295 29.91 -5.52 10.08
CA VAL C 295 31.07 -5.85 10.92
C VAL C 295 32.16 -6.62 10.12
N GLU C 296 31.73 -7.55 9.26
CA GLU C 296 32.68 -8.29 8.41
C GLU C 296 33.45 -7.37 7.46
N ARG C 297 32.75 -6.34 6.97
CA ARG C 297 33.36 -5.41 6.01
C ARG C 297 34.52 -4.64 6.65
N TRP C 298 34.48 -4.43 7.96
CA TRP C 298 35.57 -3.73 8.68
C TRP C 298 36.92 -4.44 8.53
N ALA C 299 36.88 -5.76 8.32
CA ALA C 299 38.08 -6.58 8.15
C ALA C 299 38.64 -6.57 6.73
N PHE C 300 37.98 -5.87 5.80
CA PHE C 300 38.40 -5.91 4.40
C PHE C 300 39.64 -5.06 4.24
N ASN C 301 39.60 -3.86 4.82
CA ASN C 301 40.76 -2.99 4.87
C ASN C 301 40.55 -1.90 5.92
N PHE C 302 41.63 -1.23 6.28
CA PHE C 302 41.62 -0.27 7.40
C PHE C 302 40.66 0.88 7.14
N SER C 303 40.60 1.36 5.89
CA SER C 303 39.72 2.49 5.59
C SER C 303 38.24 2.14 5.85
N GLU C 304 37.86 0.87 5.67
CA GLU C 304 36.50 0.44 5.94
C GLU C 304 36.15 0.58 7.42
N LEU C 305 37.08 0.21 8.29
CA LEU C 305 36.89 0.32 9.73
C LEU C 305 36.79 1.79 10.14
N ILE C 306 37.73 2.60 9.64
CA ILE C 306 37.85 4.02 10.01
C ILE C 306 36.68 4.89 9.52
N ARG C 307 36.16 4.57 8.33
CA ARG C 307 35.13 5.37 7.71
C ARG C 307 33.72 5.07 8.24
N ASP C 308 33.59 3.98 8.99
CA ASP C 308 32.32 3.60 9.63
C ASP C 308 32.36 4.08 11.08
N PRO C 309 31.43 4.99 11.48
CA PRO C 309 31.44 5.56 12.85
C PRO C 309 31.40 4.48 13.93
N LYS C 310 30.61 3.43 13.71
CA LYS C 310 30.52 2.33 14.67
C LYS C 310 31.82 1.53 14.69
N GLY C 311 32.45 1.39 13.53
CA GLY C 311 33.74 0.71 13.44
C GLY C 311 34.82 1.49 14.15
N ARG C 312 34.88 2.80 13.88
CA ARG C 312 35.89 3.65 14.51
C ARG C 312 35.70 3.70 16.03
N GLN C 313 34.46 3.74 16.48
CA GLN C 313 34.15 3.69 17.92
C GLN C 313 34.69 2.41 18.58
N SER C 314 34.49 1.28 17.91
CA SER C 314 35.01 0.00 18.35
C SER C 314 36.56 0.01 18.37
N PHE C 315 37.15 0.53 17.31
CA PHE C 315 38.62 0.62 17.21
C PHE C 315 39.20 1.50 18.33
N GLN C 316 38.57 2.67 18.55
CA GLN C 316 38.98 3.58 19.62
C GLN C 316 38.89 2.90 20.99
N TYR C 317 37.81 2.16 21.24
CA TYR C 317 37.64 1.38 22.47
C TYR C 317 38.80 0.40 22.68
N PHE C 318 39.17 -0.31 21.62
CA PHE C 318 40.31 -1.23 21.63
C PHE C 318 41.63 -0.50 21.92
N LEU C 319 41.84 0.64 21.26
CA LEU C 319 43.05 1.44 21.48
C LEU C 319 43.17 1.97 22.91
N LYS C 320 42.07 2.49 23.46
CA LYS C 320 42.05 2.97 24.85
C LYS C 320 42.44 1.88 25.83
N LYS C 321 41.95 0.66 25.57
CA LYS C 321 42.19 -0.50 26.42
C LYS C 321 43.68 -0.87 26.50
N GLU C 322 44.41 -0.66 25.40
CA GLU C 322 45.86 -0.90 25.41
C GLU C 322 46.65 0.40 25.61
N PHE C 323 46.01 1.37 26.26
CA PHE C 323 46.62 2.65 26.64
C PHE C 323 47.18 3.43 25.45
N SER C 324 46.52 3.27 24.31
CA SER C 324 46.88 3.99 23.10
C SER C 324 45.72 4.94 22.78
N GLY C 325 45.52 5.28 21.51
CA GLY C 325 44.36 6.09 21.17
C GLY C 325 44.69 7.53 20.88
N GLU C 326 45.81 8.02 21.43
CA GLU C 326 46.30 9.35 21.08
CA GLU C 326 46.30 9.35 21.08
C GLU C 326 46.66 9.40 19.59
N ASN C 327 47.10 8.26 19.04
CA ASN C 327 47.34 8.16 17.60
C ASN C 327 46.09 8.43 16.74
N LEU C 328 44.94 7.90 17.16
CA LEU C 328 43.69 8.13 16.43
C LEU C 328 43.15 9.54 16.67
N GLY C 329 43.34 10.04 17.90
CA GLY C 329 42.99 11.42 18.22
C GLY C 329 43.75 12.43 17.37
N PHE C 330 45.05 12.18 17.20
CA PHE C 330 45.89 13.00 16.32
C PHE C 330 45.43 12.99 14.86
N TRP C 331 45.11 11.79 14.36
CA TRP C 331 44.68 11.62 12.97
C TRP C 331 43.37 12.38 12.72
N GLU C 332 42.42 12.24 13.64
CA GLU C 332 41.18 13.01 13.60
C GLU C 332 41.39 14.52 13.63
N ALA C 333 42.33 14.99 14.47
CA ALA C 333 42.67 16.42 14.52
C ALA C 333 43.20 16.90 13.16
N CYS C 334 44.08 16.11 12.54
CA CYS C 334 44.64 16.44 11.24
C CYS C 334 43.57 16.49 10.15
N GLU C 335 42.59 15.59 10.22
CA GLU C 335 41.46 15.60 9.28
C GLU C 335 40.65 16.88 9.37
N ASP C 336 40.36 17.30 10.60
CA ASP C 336 39.62 18.54 10.86
C ASP C 336 40.40 19.76 10.37
N LEU C 337 41.71 19.76 10.58
CA LEU C 337 42.55 20.82 10.06
C LEU C 337 42.47 20.92 8.53
N LYS C 338 42.65 19.79 7.87
CA LYS C 338 42.85 19.72 6.42
C LYS C 338 41.61 20.13 5.63
N TYR C 339 40.43 19.81 6.17
CA TYR C 339 39.19 20.08 5.45
C TYR C 339 38.36 21.21 6.07
N GLY C 340 38.90 21.86 7.10
CA GLY C 340 38.17 22.90 7.81
C GLY C 340 38.32 24.25 7.16
N ASP C 341 37.74 25.27 7.81
CA ASP C 341 37.86 26.66 7.37
C ASP C 341 39.30 27.12 7.30
N GLN C 342 39.64 27.85 6.24
CA GLN C 342 40.98 28.37 6.07
CA GLN C 342 40.98 28.42 6.03
C GLN C 342 41.35 29.38 7.15
N SER C 343 40.35 30.06 7.72
CA SER C 343 40.59 31.03 8.78
C SER C 343 41.09 30.37 10.07
N LYS C 344 40.79 29.08 10.22
CA LYS C 344 41.15 28.34 11.44
C LYS C 344 42.44 27.53 11.32
N VAL C 345 43.06 27.53 10.14
CA VAL C 345 44.22 26.67 9.87
C VAL C 345 45.43 26.96 10.77
N LYS C 346 45.80 28.24 10.86
CA LYS C 346 46.99 28.63 11.62
C LYS C 346 46.87 28.24 13.10
N GLU C 347 45.79 28.65 13.76
CA GLU C 347 45.53 28.31 15.16
C GLU C 347 45.40 26.81 15.41
N LYS C 348 44.73 26.09 14.50
CA LYS C 348 44.56 24.65 14.66
C LYS C 348 45.89 23.89 14.56
N ALA C 349 46.74 24.29 13.61
CA ALA C 349 47.98 23.54 13.34
C ALA C 349 48.92 23.66 14.53
N GLU C 350 49.01 24.88 15.06
CA GLU C 350 49.90 25.19 16.17
C GLU C 350 49.43 24.47 17.44
N GLU C 351 48.11 24.42 17.66
CA GLU C 351 47.55 23.72 18.81
C GLU C 351 47.71 22.19 18.72
N ILE C 352 47.51 21.62 17.53
CA ILE C 352 47.71 20.18 17.34
C ILE C 352 49.15 19.81 17.70
N TYR C 353 50.11 20.59 17.20
CA TYR C 353 51.52 20.34 17.51
C TYR C 353 51.75 20.31 19.03
N LYS C 354 51.26 21.36 19.72
CA LYS C 354 51.38 21.48 21.19
C LYS C 354 50.69 20.37 21.97
N LEU C 355 49.58 19.86 21.45
CA LEU C 355 48.78 18.84 22.15
C LEU C 355 49.34 17.44 21.93
N PHE C 356 49.84 17.18 20.73
CA PHE C 356 50.23 15.82 20.33
C PHE C 356 51.72 15.59 20.06
N LEU C 357 52.45 16.60 19.63
CA LEU C 357 53.78 16.35 19.05
C LEU C 357 54.97 16.92 19.82
N ALA C 358 54.76 18.07 20.46
CA ALA C 358 55.82 18.77 21.20
C ALA C 358 56.38 17.92 22.35
N PRO C 359 57.66 18.10 22.71
CA PRO C 359 58.11 17.47 23.95
C PRO C 359 57.18 17.85 25.11
N GLY C 360 56.75 16.84 25.87
CA GLY C 360 55.91 17.06 27.05
C GLY C 360 54.42 17.22 26.76
N ALA C 361 54.04 17.12 25.49
CA ALA C 361 52.64 17.22 25.06
C ALA C 361 51.73 16.29 25.85
N ARG C 362 50.59 16.83 26.29
CA ARG C 362 49.63 16.05 27.08
C ARG C 362 49.20 14.74 26.39
N ARG C 363 48.95 14.82 25.09
CA ARG C 363 48.57 13.66 24.29
C ARG C 363 49.72 13.24 23.36
N TRP C 364 50.93 13.23 23.92
CA TRP C 364 52.14 12.95 23.15
C TRP C 364 52.09 11.63 22.38
N ILE C 365 52.50 11.69 21.12
CA ILE C 365 52.75 10.50 20.30
C ILE C 365 54.11 10.59 19.63
N ASN C 366 54.67 9.43 19.27
CA ASN C 366 55.96 9.40 18.60
C ASN C 366 55.80 9.46 17.09
N ILE C 367 56.64 10.26 16.45
CA ILE C 367 56.80 10.23 15.00
C ILE C 367 58.30 10.19 14.76
N ASP C 368 58.74 9.60 13.65
CA ASP C 368 60.19 9.49 13.43
C ASP C 368 60.85 10.82 13.10
N GLY C 369 62.18 10.87 13.21
CA GLY C 369 62.96 12.09 12.98
C GLY C 369 62.68 12.79 11.67
N LYS C 370 62.63 12.02 10.58
CA LYS C 370 62.37 12.58 9.24
C LYS C 370 61.03 13.32 9.18
N THR C 371 59.99 12.68 9.72
CA THR C 371 58.62 13.24 9.73
C THR C 371 58.50 14.47 10.64
N MET C 372 59.19 14.44 11.78
CA MET C 372 59.20 15.59 12.67
C MET C 372 59.87 16.79 11.99
N ASP C 373 60.96 16.53 11.28
CA ASP C 373 61.68 17.57 10.55
C ASP C 373 60.77 18.21 9.48
N ILE C 374 60.12 17.38 8.67
CA ILE C 374 59.15 17.86 7.69
C ILE C 374 58.07 18.72 8.36
N THR C 375 57.58 18.24 9.50
CA THR C 375 56.49 18.90 10.23
C THR C 375 56.90 20.26 10.82
N VAL C 376 58.01 20.28 11.56
CA VAL C 376 58.48 21.53 12.18
C VAL C 376 58.89 22.58 11.14
N LYS C 377 59.55 22.13 10.07
CA LYS C 377 59.91 23.02 8.96
C LYS C 377 58.65 23.56 8.28
N GLY C 378 57.62 22.72 8.17
CA GLY C 378 56.34 23.15 7.60
C GLY C 378 55.61 24.17 8.47
N LEU C 379 55.65 23.98 9.78
CA LEU C 379 54.96 24.86 10.74
C LEU C 379 55.55 26.27 10.82
N ARG C 380 56.66 26.50 10.14
CA ARG C 380 57.23 27.84 9.99
C ARG C 380 56.22 28.77 9.30
N HIS C 381 55.46 28.18 8.37
CA HIS C 381 54.42 28.88 7.64
C HIS C 381 53.24 27.91 7.50
N PRO C 382 52.40 27.82 8.55
CA PRO C 382 51.32 26.82 8.59
C PRO C 382 50.31 26.98 7.47
N HIS C 383 49.86 25.84 6.94
CA HIS C 383 48.89 25.76 5.84
C HIS C 383 48.11 24.47 6.04
N ARG C 384 47.03 24.27 5.27
CA ARG C 384 46.13 23.15 5.55
C ARG C 384 46.77 21.76 5.42
N TYR C 385 47.89 21.65 4.70
CA TYR C 385 48.56 20.36 4.48
C TYR C 385 49.81 20.18 5.35
N VAL C 386 50.02 21.09 6.29
CA VAL C 386 51.27 21.13 7.05
C VAL C 386 51.51 19.85 7.88
N LEU C 387 50.42 19.18 8.26
CA LEU C 387 50.51 17.97 9.08
C LEU C 387 50.34 16.67 8.29
N ASP C 388 50.29 16.81 6.96
CA ASP C 388 50.07 15.69 6.03
C ASP C 388 51.04 14.54 6.25
N ALA C 389 52.34 14.85 6.29
CA ALA C 389 53.36 13.83 6.47
C ALA C 389 53.18 13.08 7.78
N ALA C 390 52.95 13.82 8.88
CA ALA C 390 52.74 13.21 10.19
C ALA C 390 51.47 12.38 10.23
N GLN C 391 50.40 12.90 9.63
CA GLN C 391 49.13 12.20 9.55
C GLN C 391 49.30 10.86 8.83
N THR C 392 49.93 10.90 7.65
CA THR C 392 50.21 9.69 6.87
C THR C 392 51.06 8.70 7.68
N HIS C 393 52.11 9.20 8.33
CA HIS C 393 52.96 8.38 9.18
C HIS C 393 52.14 7.61 10.22
N ILE C 394 51.36 8.33 11.02
CA ILE C 394 50.54 7.72 12.08
C ILE C 394 49.43 6.80 11.53
N TYR C 395 48.79 7.20 10.42
CA TYR C 395 47.75 6.39 9.80
C TYR C 395 48.33 5.03 9.40
N MET C 396 49.45 5.06 8.69
CA MET C 396 50.11 3.86 8.18
C MET C 396 50.62 2.94 9.31
N LEU C 397 51.07 3.55 10.40
CA LEU C 397 51.41 2.80 11.62
C LEU C 397 50.20 2.08 12.23
N MET C 398 49.06 2.77 12.37
CA MET C 398 47.81 2.13 12.84
C MET C 398 47.39 1.02 11.89
N LYS C 399 47.45 1.30 10.59
CA LYS C 399 47.12 0.32 9.55
C LYS C 399 47.91 -0.98 9.67
N LYS C 400 49.22 -0.88 9.88
CA LYS C 400 50.05 -2.09 9.87
C LYS C 400 50.16 -2.80 11.23
N ASP C 401 49.91 -2.07 12.32
CA ASP C 401 50.02 -2.62 13.67
CA ASP C 401 50.02 -2.63 13.66
C ASP C 401 48.67 -2.75 14.38
N SER C 402 48.12 -1.63 14.85
CA SER C 402 46.89 -1.61 15.65
C SER C 402 45.70 -2.32 14.98
N TYR C 403 45.51 -2.05 13.69
CA TYR C 403 44.39 -2.62 12.93
C TYR C 403 44.43 -4.14 12.90
N ALA C 404 45.59 -4.71 12.54
CA ALA C 404 45.77 -6.15 12.46
C ALA C 404 45.51 -6.83 13.81
N ARG C 405 45.99 -6.22 14.88
CA ARG C 405 45.77 -6.71 16.22
C ARG C 405 44.31 -6.51 16.66
N TYR C 406 43.67 -5.43 16.21
CA TYR C 406 42.24 -5.24 16.50
C TYR C 406 41.39 -6.39 15.95
N LEU C 407 41.64 -6.76 14.70
CA LEU C 407 40.88 -7.84 14.04
C LEU C 407 40.98 -9.18 14.75
N LYS C 408 42.10 -9.40 15.46
CA LYS C 408 42.33 -10.62 16.22
C LYS C 408 41.89 -10.54 17.69
N SER C 409 41.36 -9.39 18.11
CA SER C 409 41.03 -9.14 19.51
C SER C 409 39.65 -9.67 19.92
N PRO C 410 39.43 -9.95 21.23
CA PRO C 410 38.11 -10.34 21.70
C PRO C 410 37.06 -9.25 21.45
N ILE C 411 37.52 -7.99 21.37
CA ILE C 411 36.66 -6.86 21.04
C ILE C 411 36.01 -6.97 19.65
N TYR C 412 36.81 -7.21 18.62
CA TYR C 412 36.25 -7.48 17.30
C TYR C 412 35.41 -8.76 17.27
N LYS C 413 35.91 -9.84 17.88
CA LYS C 413 35.18 -11.12 17.91
C LYS C 413 33.79 -10.98 18.54
N GLU C 414 33.71 -10.20 19.62
CA GLU C 414 32.44 -9.94 20.30
C GLU C 414 31.46 -9.10 19.44
N MET C 415 31.98 -8.12 18.71
CA MET C 415 31.17 -7.40 17.70
C MET C 415 30.57 -8.35 16.67
N LEU C 416 31.41 -9.20 16.08
CA LEU C 416 30.96 -10.22 15.13
C LEU C 416 29.88 -11.12 15.71
N ALA C 417 30.11 -11.61 16.92
CA ALA C 417 29.22 -12.57 17.57
C ALA C 417 27.82 -12.04 17.86
N LYS C 418 27.73 -10.77 18.27
CA LYS C 418 26.45 -10.18 18.60
C LYS C 418 25.77 -9.47 17.42
N ALA C 419 26.44 -9.42 16.27
CA ALA C 419 25.95 -8.70 15.10
C ALA C 419 24.65 -9.29 14.55
N ILE C 420 23.77 -8.41 14.06
CA ILE C 420 22.46 -8.80 13.52
C ILE C 420 22.56 -9.52 12.15
N GLU C 421 21.91 -10.68 12.05
CA GLU C 421 21.76 -11.36 10.76
CA GLU C 421 21.76 -11.41 10.79
C GLU C 421 20.28 -11.36 10.34
N PRO C 422 19.89 -10.38 9.48
CA PRO C 422 18.48 -10.19 9.11
C PRO C 422 17.88 -11.35 8.32
N GLN C 423 16.65 -11.74 8.70
CA GLN C 423 15.98 -12.87 8.05
CA GLN C 423 15.91 -12.87 8.13
C GLN C 423 14.82 -12.41 7.15
N GLY D 1 76.89 20.79 -13.64
CA GLY D 1 77.62 19.62 -13.06
C GLY D 1 79.12 19.82 -13.06
N MET D 2 79.77 19.43 -14.14
CA MET D 2 81.09 19.95 -14.43
C MET D 2 81.11 20.38 -15.89
N ALA D 3 80.56 19.57 -16.79
CA ALA D 3 80.51 19.87 -18.22
C ALA D 3 79.39 20.85 -18.56
N THR D 4 79.67 21.76 -19.50
CA THR D 4 78.66 22.70 -19.99
C THR D 4 78.28 22.39 -21.45
N ASP D 5 78.73 21.24 -21.96
CA ASP D 5 78.43 20.78 -23.32
C ASP D 5 76.93 20.81 -23.60
N GLY D 6 76.55 21.39 -24.73
CA GLY D 6 75.14 21.45 -25.16
C GLY D 6 74.28 22.50 -24.47
N LEU D 7 74.92 23.43 -23.76
CA LEU D 7 74.22 24.47 -22.99
C LEU D 7 74.43 25.90 -23.53
N HIS D 8 75.03 26.02 -24.71
CA HIS D 8 75.50 27.33 -25.18
C HIS D 8 74.66 28.04 -26.24
N GLU D 9 73.56 27.42 -26.67
CA GLU D 9 72.67 28.00 -27.70
C GLU D 9 71.43 28.64 -27.08
N ASN D 10 70.99 29.75 -27.66
CA ASN D 10 69.80 30.45 -27.20
C ASN D 10 68.55 29.63 -27.46
N GLU D 11 67.58 29.76 -26.55
CA GLU D 11 66.32 29.03 -26.62
C GLU D 11 65.51 29.39 -27.85
N THR D 12 64.93 28.39 -28.47
CA THR D 12 64.01 28.58 -29.59
C THR D 12 62.79 27.73 -29.31
N LEU D 13 61.64 28.13 -29.86
CA LEU D 13 60.43 27.34 -29.76
C LEU D 13 60.67 25.93 -30.31
N ALA D 14 61.47 25.82 -31.37
CA ALA D 14 61.79 24.53 -31.99
C ALA D 14 62.56 23.61 -31.02
N SER D 15 63.56 24.16 -30.33
CA SER D 15 64.32 23.39 -29.36
C SER D 15 63.49 22.97 -28.14
N LEU D 16 62.61 23.85 -27.68
CA LEU D 16 61.69 23.48 -26.59
C LEU D 16 60.73 22.34 -27.00
N LYS D 17 60.23 22.40 -28.23
CA LYS D 17 59.37 21.34 -28.78
C LYS D 17 60.13 20.03 -28.84
N SER D 18 61.36 20.09 -29.35
CA SER D 18 62.26 18.94 -29.39
C SER D 18 62.49 18.34 -28.00
N GLU D 19 62.65 19.19 -26.99
CA GLU D 19 62.84 18.72 -25.62
C GLU D 19 61.62 17.99 -25.05
N ALA D 20 60.42 18.53 -25.29
CA ALA D 20 59.18 17.89 -24.85
C ALA D 20 59.00 16.52 -25.48
N GLU D 21 59.28 16.44 -26.79
CA GLU D 21 59.18 15.18 -27.52
C GLU D 21 60.17 14.13 -27.01
N SER D 22 61.39 14.57 -26.70
CA SER D 22 62.41 13.68 -26.13
C SER D 22 61.97 13.12 -24.78
N LEU D 23 61.44 14.00 -23.93
CA LEU D 23 60.92 13.60 -22.62
C LEU D 23 59.69 12.70 -22.72
N LYS D 24 58.78 13.03 -23.63
CA LYS D 24 57.58 12.22 -23.88
C LYS D 24 57.99 10.79 -24.25
N GLY D 25 58.95 10.69 -25.15
CA GLY D 25 59.45 9.39 -25.61
C GLY D 25 60.12 8.59 -24.50
N LYS D 26 60.87 9.29 -23.63
CA LYS D 26 61.55 8.62 -22.53
C LYS D 26 60.50 8.09 -21.54
N LEU D 27 59.49 8.91 -21.26
CA LEU D 27 58.39 8.47 -20.38
C LEU D 27 57.72 7.21 -20.89
N GLU D 28 57.30 7.23 -22.15
CA GLU D 28 56.73 6.06 -22.83
C GLU D 28 57.61 4.81 -22.69
N GLU D 29 58.92 4.97 -22.93
CA GLU D 29 59.89 3.88 -22.82
C GLU D 29 59.94 3.30 -21.40
N GLU D 30 60.00 4.17 -20.40
CA GLU D 30 60.14 3.74 -19.00
C GLU D 30 58.89 3.07 -18.41
N ARG D 31 57.72 3.56 -18.80
CA ARG D 31 56.46 2.98 -18.35
C ARG D 31 56.23 1.61 -18.98
N ALA D 32 56.66 1.47 -20.23
CA ALA D 32 56.49 0.24 -21.00
C ALA D 32 57.19 -0.97 -20.37
N LYS D 33 58.27 -0.72 -19.64
CA LYS D 33 59.06 -1.79 -19.02
C LYS D 33 58.28 -2.56 -17.98
N LEU D 34 57.25 -1.92 -17.42
CA LEU D 34 56.46 -2.52 -16.34
C LEU D 34 55.07 -3.00 -16.79
N HIS D 35 54.72 -2.75 -18.05
CA HIS D 35 53.43 -3.17 -18.59
C HIS D 35 53.47 -4.63 -19.01
N ASP D 36 53.38 -5.52 -18.03
CA ASP D 36 53.70 -6.94 -18.25
C ASP D 36 52.50 -7.84 -18.59
N VAL D 37 51.29 -7.35 -18.35
CA VAL D 37 50.10 -8.17 -18.56
C VAL D 37 48.89 -7.30 -18.90
N GLU D 38 47.87 -7.90 -19.53
CA GLU D 38 46.61 -7.19 -19.84
C GLU D 38 45.51 -7.54 -18.84
N LEU D 39 44.52 -6.66 -18.69
CA LEU D 39 43.42 -6.92 -17.77
C LEU D 39 42.66 -8.19 -18.14
N HIS D 40 42.52 -8.46 -19.44
CA HIS D 40 41.80 -9.66 -19.88
C HIS D 40 42.50 -10.96 -19.44
N GLN D 41 43.81 -10.90 -19.24
CA GLN D 41 44.57 -12.04 -18.74
C GLN D 41 44.44 -12.17 -17.21
N VAL D 42 44.60 -11.06 -16.49
CA VAL D 42 44.56 -11.10 -15.02
C VAL D 42 43.20 -11.59 -14.53
N ALA D 43 42.16 -11.24 -15.28
CA ALA D 43 40.78 -11.53 -14.90
C ALA D 43 40.21 -12.78 -15.59
N GLU D 44 41.07 -13.56 -16.25
CA GLU D 44 40.67 -14.79 -16.97
C GLU D 44 39.89 -15.77 -16.10
N ARG D 45 40.28 -15.86 -14.83
CA ARG D 45 39.66 -16.81 -13.89
C ARG D 45 38.46 -16.21 -13.16
N VAL D 46 38.16 -14.94 -13.44
CA VAL D 46 36.97 -14.30 -12.87
C VAL D 46 35.72 -14.80 -13.59
N GLU D 47 34.76 -15.25 -12.80
CA GLU D 47 33.51 -15.78 -13.30
C GLU D 47 32.70 -14.69 -13.97
N ALA D 48 32.20 -14.99 -15.16
CA ALA D 48 31.26 -14.10 -15.85
C ALA D 48 29.99 -13.94 -15.02
N LEU D 49 29.34 -12.79 -15.16
CA LEU D 49 28.15 -12.50 -14.39
C LEU D 49 26.89 -13.09 -15.02
N GLY D 50 25.99 -13.60 -14.17
CA GLY D 50 24.69 -14.09 -14.63
C GLY D 50 23.80 -12.93 -15.09
N GLN D 51 22.59 -13.26 -15.51
CA GLN D 51 21.64 -12.27 -16.01
C GLN D 51 21.34 -11.18 -14.99
N PHE D 52 21.24 -9.96 -15.49
CA PHE D 52 20.89 -8.80 -14.69
C PHE D 52 19.55 -8.28 -15.12
N VAL D 53 18.69 -7.96 -14.16
CA VAL D 53 17.33 -7.51 -14.46
C VAL D 53 16.90 -6.26 -13.67
N MET D 54 17.54 -5.13 -13.91
CA MET D 54 17.19 -3.86 -13.25
C MET D 54 16.03 -3.14 -13.94
N LYS D 55 15.17 -2.49 -13.13
CA LYS D 55 13.95 -1.86 -13.62
C LYS D 55 13.87 -0.46 -13.02
N THR D 56 13.16 0.45 -13.70
CA THR D 56 12.84 1.75 -13.13
C THR D 56 11.89 1.58 -11.94
N ARG D 57 12.31 2.08 -10.79
CA ARG D 57 11.49 1.98 -9.56
C ARG D 57 10.83 3.30 -9.16
N ARG D 58 11.43 4.42 -9.55
CA ARG D 58 10.89 5.75 -9.31
C ARG D 58 11.09 6.59 -10.55
N THR D 59 10.12 7.42 -10.86
CA THR D 59 10.30 8.44 -11.89
C THR D 59 10.06 9.78 -11.20
N LEU D 60 11.06 10.65 -11.23
CA LEU D 60 10.95 11.96 -10.61
C LEU D 60 10.60 13.03 -11.65
N LYS D 61 9.37 13.53 -11.56
CA LYS D 61 8.87 14.52 -12.49
C LYS D 61 8.67 15.83 -11.74
N GLY D 62 9.09 16.94 -12.35
CA GLY D 62 8.93 18.25 -11.73
C GLY D 62 9.78 19.32 -12.40
N HIS D 63 10.92 18.91 -12.94
CA HIS D 63 11.73 19.83 -13.73
C HIS D 63 10.99 20.23 -15.02
N GLY D 64 11.16 21.49 -15.42
CA GLY D 64 10.42 22.03 -16.58
C GLY D 64 11.20 22.02 -17.88
N ASN D 65 12.47 21.59 -17.80
CA ASN D 65 13.34 21.43 -18.97
C ASN D 65 14.39 20.34 -18.73
N LYS D 66 15.37 20.20 -19.63
CA LYS D 66 16.39 19.15 -19.51
C LYS D 66 16.92 19.07 -18.09
N VAL D 67 16.97 17.87 -17.52
CA VAL D 67 17.79 17.63 -16.32
C VAL D 67 19.23 17.51 -16.77
N LEU D 68 20.12 18.21 -16.07
CA LEU D 68 21.53 18.32 -16.47
C LEU D 68 22.53 17.65 -15.51
N CYS D 69 22.16 17.53 -14.25
CA CYS D 69 23.06 16.96 -13.24
C CYS D 69 22.27 16.52 -12.04
N MET D 70 22.77 15.52 -11.33
CA MET D 70 22.17 15.07 -10.06
C MET D 70 23.27 14.54 -9.14
N ASP D 71 22.99 14.51 -7.84
CA ASP D 71 23.92 13.95 -6.85
C ASP D 71 23.10 13.41 -5.68
N TRP D 72 23.52 12.26 -5.15
CA TRP D 72 22.86 11.66 -3.99
C TRP D 72 23.33 12.28 -2.67
N CYS D 73 22.40 12.43 -1.74
CA CYS D 73 22.72 12.66 -0.34
C CYS D 73 23.26 11.38 0.29
N LYS D 74 24.24 11.52 1.18
CA LYS D 74 24.77 10.38 1.95
C LYS D 74 23.73 9.66 2.83
N ASP D 75 22.57 10.27 3.04
CA ASP D 75 21.47 9.57 3.73
C ASP D 75 20.82 8.46 2.89
N LYS D 76 21.24 8.35 1.64
CA LYS D 76 20.91 7.21 0.75
C LYS D 76 19.60 7.35 -0.01
N ARG D 77 18.84 8.42 0.27
CA ARG D 77 17.54 8.57 -0.38
C ARG D 77 17.29 9.95 -0.97
N ARG D 78 17.85 11.00 -0.39
CA ARG D 78 17.69 12.32 -0.97
C ARG D 78 18.59 12.49 -2.18
N ILE D 79 18.10 13.29 -3.13
CA ILE D 79 18.80 13.62 -4.36
C ILE D 79 18.66 15.11 -4.62
N VAL D 80 19.73 15.75 -5.09
CA VAL D 80 19.64 17.09 -5.66
C VAL D 80 19.74 16.98 -7.20
N SER D 81 18.92 17.74 -7.91
CA SER D 81 19.00 17.77 -9.38
C SER D 81 18.82 19.19 -9.89
N SER D 82 19.41 19.46 -11.06
CA SER D 82 19.37 20.80 -11.63
C SER D 82 19.00 20.72 -13.10
N SER D 83 18.39 21.78 -13.60
CA SER D 83 17.77 21.80 -14.92
C SER D 83 18.26 22.99 -15.78
N GLN D 84 18.04 22.87 -17.09
CA GLN D 84 18.30 23.96 -18.03
C GLN D 84 17.51 25.23 -17.72
N ASP D 85 16.33 25.10 -17.11
CA ASP D 85 15.51 26.26 -16.81
C ASP D 85 15.93 27.05 -15.55
N GLY D 86 17.05 26.65 -14.95
CA GLY D 86 17.62 27.37 -13.81
C GLY D 86 17.16 26.83 -12.46
N LYS D 87 16.31 25.82 -12.48
CA LYS D 87 15.69 25.36 -11.26
C LYS D 87 16.41 24.16 -10.67
N VAL D 88 16.55 24.17 -9.35
CA VAL D 88 17.23 23.10 -8.61
C VAL D 88 16.21 22.52 -7.62
N ILE D 89 16.18 21.19 -7.53
CA ILE D 89 15.19 20.49 -6.70
C ILE D 89 15.92 19.49 -5.81
N VAL D 90 15.56 19.46 -4.53
CA VAL D 90 15.97 18.37 -3.63
C VAL D 90 14.76 17.48 -3.39
N TRP D 91 14.91 16.19 -3.70
CA TRP D 91 13.82 15.22 -3.56
C TRP D 91 14.15 14.24 -2.45
N ASP D 92 13.15 13.74 -1.75
CA ASP D 92 13.31 12.44 -1.09
C ASP D 92 12.88 11.45 -2.17
N SER D 93 13.86 10.85 -2.86
CA SER D 93 13.56 10.02 -4.03
C SER D 93 12.80 8.75 -3.68
N PHE D 94 12.87 8.32 -2.42
CA PHE D 94 12.15 7.13 -1.98
C PHE D 94 10.63 7.34 -1.98
N THR D 95 10.20 8.53 -1.56
CA THR D 95 8.77 8.87 -1.58
C THR D 95 8.39 9.68 -2.82
N THR D 96 9.42 10.23 -3.48
CA THR D 96 9.33 11.18 -4.61
C THR D 96 8.95 12.60 -4.16
N ASN D 97 8.68 12.78 -2.87
CA ASN D 97 8.35 14.09 -2.30
C ASN D 97 9.45 15.14 -2.56
N LYS D 98 9.05 16.29 -3.09
CA LYS D 98 9.99 17.40 -3.26
C LYS D 98 10.16 18.06 -1.90
N GLU D 99 11.40 18.23 -1.46
CA GLU D 99 11.68 18.77 -0.12
C GLU D 99 12.24 20.19 -0.13
N HIS D 100 12.98 20.52 -1.18
CA HIS D 100 13.53 21.87 -1.34
C HIS D 100 13.53 22.23 -2.81
N ALA D 101 13.41 23.52 -3.11
CA ALA D 101 13.46 23.98 -4.50
C ALA D 101 13.95 25.41 -4.54
N VAL D 102 14.84 25.68 -5.49
CA VAL D 102 15.38 27.02 -5.68
C VAL D 102 15.55 27.30 -7.17
N THR D 103 15.24 28.52 -7.56
CA THR D 103 15.47 28.99 -8.92
C THR D 103 16.73 29.84 -8.94
N MET D 104 17.68 29.49 -9.79
CA MET D 104 18.93 30.25 -9.90
C MET D 104 18.77 31.43 -10.83
N PRO D 105 19.64 32.47 -10.69
CA PRO D 105 19.57 33.66 -11.54
C PRO D 105 19.88 33.39 -13.01
N CYS D 106 20.34 32.18 -13.31
CA CYS D 106 20.80 31.78 -14.66
CA CYS D 106 20.67 31.86 -14.70
C CYS D 106 20.11 30.51 -15.15
N THR D 107 20.11 30.30 -16.46
CA THR D 107 19.67 29.03 -17.04
C THR D 107 20.89 28.11 -17.12
N TRP D 108 20.68 26.86 -17.55
CA TRP D 108 21.76 25.89 -17.74
C TRP D 108 22.61 25.73 -16.48
N VAL D 109 21.95 25.35 -15.40
CA VAL D 109 22.61 24.96 -14.16
C VAL D 109 23.10 23.53 -14.37
N MET D 110 24.30 23.40 -14.91
CA MET D 110 24.75 22.09 -15.33
C MET D 110 25.54 21.32 -14.28
N ALA D 111 25.75 21.93 -13.12
CA ALA D 111 26.42 21.26 -12.01
C ALA D 111 25.64 21.42 -10.72
N CYS D 112 25.46 20.32 -10.00
CA CYS D 112 24.99 20.41 -8.63
C CYS D 112 25.59 19.29 -7.79
N ALA D 113 25.76 19.54 -6.50
CA ALA D 113 26.39 18.55 -5.62
C ALA D 113 25.79 18.65 -4.24
N TYR D 114 25.77 17.54 -3.52
CA TYR D 114 25.24 17.51 -2.18
C TYR D 114 26.41 17.56 -1.22
N ALA D 115 26.28 18.35 -0.17
CA ALA D 115 27.30 18.44 0.86
C ALA D 115 27.30 17.16 1.67
N PRO D 116 28.49 16.71 2.10
CA PRO D 116 28.55 15.47 2.88
C PRO D 116 27.77 15.48 4.21
N SER D 117 27.53 16.65 4.79
CA SER D 117 26.71 16.74 6.00
C SER D 117 25.21 16.49 5.73
N GLY D 118 24.82 16.59 4.47
CA GLY D 118 23.39 16.55 4.09
C GLY D 118 22.66 17.86 4.40
N CYS D 119 23.40 18.91 4.75
CA CYS D 119 22.80 20.17 5.18
C CYS D 119 22.96 21.32 4.18
N ALA D 120 23.47 21.02 2.99
CA ALA D 120 23.72 22.06 2.01
C ALA D 120 23.91 21.46 0.63
N ILE D 121 23.76 22.30 -0.38
CA ILE D 121 23.99 21.91 -1.77
C ILE D 121 24.84 22.97 -2.45
N ALA D 122 25.52 22.61 -3.52
CA ALA D 122 26.24 23.59 -4.34
C ALA D 122 25.77 23.43 -5.76
N CYS D 123 25.66 24.54 -6.50
CA CYS D 123 25.28 24.48 -7.91
C CYS D 123 25.68 25.72 -8.72
N GLY D 124 25.74 25.56 -10.04
CA GLY D 124 25.95 26.69 -10.95
C GLY D 124 26.00 26.24 -12.39
N GLY D 125 26.27 27.17 -13.28
CA GLY D 125 26.37 26.86 -14.71
C GLY D 125 26.72 28.08 -15.53
N LEU D 126 25.75 28.55 -16.32
CA LEU D 126 25.96 29.74 -17.16
C LEU D 126 26.23 31.04 -16.39
N ASP D 127 25.98 31.06 -15.08
CA ASP D 127 26.31 32.23 -14.24
C ASP D 127 27.82 32.39 -14.00
N ASN D 128 28.61 31.40 -14.45
CA ASN D 128 30.07 31.37 -14.28
C ASN D 128 30.49 31.30 -12.82
N LYS D 129 29.61 30.78 -11.97
CA LYS D 129 29.82 30.76 -10.53
C LYS D 129 29.43 29.39 -9.99
N CYS D 130 29.91 29.09 -8.80
CA CYS D 130 29.32 28.02 -8.01
C CYS D 130 28.86 28.62 -6.69
N SER D 131 27.61 28.36 -6.34
CA SER D 131 27.00 28.90 -5.11
C SER D 131 26.56 27.79 -4.15
N VAL D 132 26.64 28.07 -2.86
CA VAL D 132 26.19 27.10 -1.85
C VAL D 132 24.90 27.58 -1.20
N TYR D 133 23.96 26.66 -1.01
CA TYR D 133 22.72 26.96 -0.30
C TYR D 133 22.57 26.00 0.87
N PRO D 134 22.19 26.52 2.05
CA PRO D 134 21.86 25.65 3.15
C PRO D 134 20.47 25.04 2.98
N LEU D 135 20.30 23.83 3.50
CA LEU D 135 19.00 23.17 3.56
C LEU D 135 18.49 23.26 5.00
N THR D 136 17.25 23.70 5.19
CA THR D 136 16.73 23.95 6.53
C THR D 136 15.40 23.29 6.82
N PHE D 137 14.97 23.36 8.09
CA PHE D 137 13.67 22.88 8.51
C PHE D 137 12.60 23.97 8.39
N ASP D 138 13.00 25.15 7.91
CA ASP D 138 12.13 26.34 7.82
C ASP D 138 10.83 26.08 7.07
N LYS D 139 9.75 26.66 7.59
CA LYS D 139 8.46 26.72 6.89
C LYS D 139 8.55 27.81 5.84
N ASN D 140 7.97 27.56 4.67
CA ASN D 140 8.04 28.49 3.53
C ASN D 140 9.49 28.91 3.30
N GLU D 141 10.34 27.91 3.12
CA GLU D 141 11.78 28.13 3.03
C GLU D 141 12.16 29.06 1.88
N ASN D 142 13.00 30.04 2.18
CA ASN D 142 13.51 30.93 1.14
C ASN D 142 14.98 30.67 0.86
N MET D 143 15.25 29.59 0.11
CA MET D 143 16.63 29.24 -0.25
C MET D 143 17.33 30.34 -1.03
N ALA D 144 16.61 30.96 -1.97
CA ALA D 144 17.15 32.05 -2.79
C ALA D 144 17.80 33.17 -1.95
N ALA D 145 17.22 33.44 -0.79
CA ALA D 145 17.72 34.47 0.14
C ALA D 145 19.04 34.09 0.83
N LYS D 146 19.36 32.80 0.82
CA LYS D 146 20.55 32.31 1.53
C LYS D 146 21.68 31.88 0.58
N LYS D 147 21.53 32.24 -0.70
CA LYS D 147 22.55 31.96 -1.71
C LYS D 147 23.92 32.53 -1.32
N LYS D 148 24.94 31.68 -1.32
CA LYS D 148 26.30 32.13 -1.09
C LYS D 148 27.19 31.81 -2.28
N SER D 149 27.57 32.83 -3.03
CA SER D 149 28.49 32.67 -4.15
C SER D 149 29.87 32.30 -3.61
N VAL D 150 30.41 31.18 -4.08
CA VAL D 150 31.72 30.71 -3.61
C VAL D 150 32.75 30.81 -4.73
N ALA D 151 32.50 30.14 -5.85
CA ALA D 151 33.46 30.14 -6.95
C ALA D 151 33.08 31.17 -8.03
N MET D 152 34.10 31.70 -8.70
CA MET D 152 33.89 32.54 -9.88
C MET D 152 34.91 32.15 -10.94
N HIS D 153 34.41 31.90 -12.14
CA HIS D 153 35.21 31.59 -13.32
C HIS D 153 34.94 32.65 -14.39
N THR D 154 35.70 32.58 -15.48
CA THR D 154 35.55 33.54 -16.57
C THR D 154 34.65 32.98 -17.67
N ASN D 155 34.19 31.76 -17.47
CA ASN D 155 33.16 31.16 -18.32
C ASN D 155 32.38 30.09 -17.55
N TYR D 156 31.52 29.34 -18.23
CA TYR D 156 30.52 28.50 -17.57
C TYR D 156 31.07 27.45 -16.59
N LEU D 157 30.32 27.19 -15.53
CA LEU D 157 30.65 26.12 -14.61
C LEU D 157 30.10 24.84 -15.19
N SER D 158 30.92 23.79 -15.25
CA SER D 158 30.49 22.53 -15.84
C SER D 158 30.28 21.44 -14.80
N ALA D 159 30.96 21.57 -13.66
CA ALA D 159 31.04 20.51 -12.66
C ALA D 159 31.40 21.08 -11.30
N CYS D 160 30.88 20.47 -10.24
CA CYS D 160 31.30 20.84 -8.89
C CYS D 160 31.20 19.67 -7.94
N SER D 161 31.96 19.74 -6.86
CA SER D 161 31.89 18.77 -5.78
C SER D 161 32.38 19.40 -4.49
N PHE D 162 31.78 19.01 -3.38
CA PHE D 162 32.38 19.30 -2.09
C PHE D 162 33.58 18.36 -1.95
N THR D 163 34.52 18.67 -1.06
CA THR D 163 35.59 17.74 -0.76
C THR D 163 35.10 16.80 0.35
N ASN D 164 35.95 16.48 1.32
CA ASN D 164 35.52 15.62 2.43
C ASN D 164 34.81 16.39 3.57
N SER D 165 34.62 17.69 3.38
CA SER D 165 33.86 18.52 4.33
C SER D 165 32.91 19.44 3.56
N ASP D 166 32.00 20.08 4.30
CA ASP D 166 31.12 21.14 3.77
C ASP D 166 31.85 22.44 3.47
N MET D 167 33.12 22.54 3.87
CA MET D 167 33.83 23.84 3.86
C MET D 167 34.68 24.14 2.64
N GLN D 168 34.75 23.19 1.71
CA GLN D 168 35.52 23.36 0.48
C GLN D 168 34.76 22.75 -0.69
N ILE D 169 34.88 23.41 -1.84
CA ILE D 169 34.31 22.91 -3.08
C ILE D 169 35.32 22.93 -4.21
N LEU D 170 35.24 21.93 -5.08
CA LEU D 170 36.02 21.88 -6.30
C LEU D 170 35.11 22.24 -7.49
N THR D 171 35.65 23.00 -8.44
CA THR D 171 34.88 23.37 -9.61
C THR D 171 35.65 23.13 -10.90
N ALA D 172 34.94 22.95 -12.00
CA ALA D 172 35.51 22.83 -13.34
C ALA D 172 34.77 23.78 -14.25
N SER D 173 35.47 24.35 -15.23
CA SER D 173 34.85 25.37 -16.06
C SER D 173 35.16 25.27 -17.55
N GLY D 174 34.24 25.79 -18.36
CA GLY D 174 34.49 26.01 -19.78
C GLY D 174 35.70 26.90 -20.03
N ASP D 175 36.15 27.61 -19.00
CA ASP D 175 37.32 28.49 -19.11
C ASP D 175 38.66 27.73 -19.15
N GLY D 176 38.58 26.41 -19.03
CA GLY D 176 39.76 25.56 -19.17
C GLY D 176 40.44 25.23 -17.86
N THR D 177 39.84 25.67 -16.75
CA THR D 177 40.44 25.47 -15.43
C THR D 177 39.53 24.71 -14.49
N CYS D 178 40.14 24.16 -13.45
CA CYS D 178 39.48 23.71 -12.24
C CYS D 178 40.03 24.56 -11.10
N ALA D 179 39.33 24.57 -9.96
CA ALA D 179 39.72 25.38 -8.82
C ALA D 179 39.11 24.82 -7.53
N LEU D 180 39.86 25.00 -6.44
CA LEU D 180 39.43 24.59 -5.09
C LEU D 180 39.20 25.86 -4.29
N TRP D 181 38.09 25.89 -3.55
CA TRP D 181 37.62 27.12 -2.90
C TRP D 181 37.29 26.87 -1.46
N ASP D 182 37.53 27.89 -0.63
CA ASP D 182 37.10 27.91 0.76
C ASP D 182 35.67 28.46 0.78
N VAL D 183 34.72 27.64 1.21
CA VAL D 183 33.31 28.06 1.24
C VAL D 183 33.08 29.30 2.15
N GLU D 184 33.59 29.27 3.37
CA GLU D 184 33.37 30.35 4.35
C GLU D 184 33.75 31.74 3.84
N SER D 185 34.90 31.84 3.18
CA SER D 185 35.45 33.13 2.75
C SER D 185 35.29 33.38 1.26
N GLY D 186 34.96 32.32 0.52
CA GLY D 186 34.91 32.34 -0.94
C GLY D 186 36.28 32.53 -1.58
N GLN D 187 37.34 32.32 -0.81
CA GLN D 187 38.68 32.56 -1.34
C GLN D 187 39.18 31.37 -2.13
N LEU D 188 39.88 31.65 -3.23
CA LEU D 188 40.51 30.62 -4.05
C LEU D 188 41.66 29.98 -3.29
N LEU D 189 41.60 28.66 -3.12
CA LEU D 189 42.65 27.94 -2.39
C LEU D 189 43.72 27.44 -3.35
N GLN D 190 43.29 26.99 -4.52
CA GLN D 190 44.20 26.48 -5.53
C GLN D 190 43.51 26.46 -6.88
N SER D 191 44.22 26.90 -7.92
CA SER D 191 43.71 26.78 -9.28
C SER D 191 44.48 25.69 -10.03
N PHE D 192 43.82 25.11 -11.03
CA PHE D 192 44.37 23.98 -11.74
C PHE D 192 44.35 24.27 -13.23
N HIS D 193 45.53 24.55 -13.77
CA HIS D 193 45.73 24.94 -15.15
C HIS D 193 46.44 23.86 -15.92
N GLY D 194 45.90 23.53 -17.07
CA GLY D 194 46.52 22.55 -17.90
C GLY D 194 45.73 21.98 -19.04
N HIS D 195 44.43 21.83 -18.91
CA HIS D 195 43.61 21.34 -20.02
C HIS D 195 43.67 22.40 -21.11
N GLY D 196 43.62 22.01 -22.34
CA GLY D 196 43.77 22.95 -23.45
C GLY D 196 42.43 23.39 -24.01
N ALA D 197 41.36 23.16 -23.24
CA ALA D 197 39.99 23.41 -23.68
C ALA D 197 39.00 23.27 -22.52
N ASP D 198 37.72 23.43 -22.82
CA ASP D 198 36.64 23.35 -21.83
C ASP D 198 36.79 22.12 -20.94
N VAL D 199 36.76 22.31 -19.63
CA VAL D 199 36.74 21.19 -18.69
C VAL D 199 35.29 20.85 -18.38
N LEU D 200 34.96 19.56 -18.40
CA LEU D 200 33.54 19.13 -18.40
C LEU D 200 33.13 18.34 -17.17
N CYS D 201 34.10 17.77 -16.46
CA CYS D 201 33.78 16.84 -15.37
C CYS D 201 34.93 16.71 -14.40
N LEU D 202 34.63 16.29 -13.18
CA LEU D 202 35.67 16.03 -12.16
C LEU D 202 35.18 15.01 -11.14
N ASP D 203 36.10 14.36 -10.43
CA ASP D 203 35.76 13.46 -9.32
C ASP D 203 36.89 13.50 -8.29
N LEU D 204 36.54 13.60 -7.01
CA LEU D 204 37.53 13.56 -5.92
C LEU D 204 38.03 12.13 -5.66
N ALA D 205 39.33 11.97 -5.38
CA ALA D 205 39.89 10.64 -5.14
C ALA D 205 39.45 10.10 -3.77
N PRO D 206 39.01 8.83 -3.72
CA PRO D 206 38.60 8.22 -2.44
C PRO D 206 39.75 7.60 -1.65
N SER D 207 40.99 7.95 -2.02
CA SER D 207 42.18 7.33 -1.44
CA SER D 207 42.17 7.32 -1.43
C SER D 207 42.33 7.70 0.04
N GLU D 208 42.92 6.80 0.83
CA GLU D 208 43.06 7.00 2.27
C GLU D 208 44.09 8.05 2.66
N THR D 209 45.06 8.29 1.78
CA THR D 209 46.00 9.42 1.93
C THR D 209 46.12 10.16 0.60
N GLY D 210 46.87 11.25 0.57
CA GLY D 210 47.05 11.98 -0.68
C GLY D 210 45.92 12.94 -0.98
N ASN D 211 46.21 13.94 -1.81
CA ASN D 211 45.27 15.02 -2.03
C ASN D 211 45.05 15.19 -3.51
N THR D 212 44.26 14.31 -4.12
CA THR D 212 44.10 14.35 -5.56
C THR D 212 42.64 14.32 -6.03
N PHE D 213 42.44 14.77 -7.27
CA PHE D 213 41.17 14.60 -7.98
C PHE D 213 41.46 14.45 -9.48
N VAL D 214 40.48 13.97 -10.23
CA VAL D 214 40.65 13.82 -11.67
C VAL D 214 39.64 14.74 -12.37
N SER D 215 40.01 15.23 -13.55
CA SER D 215 39.07 15.99 -14.38
C SER D 215 39.19 15.56 -15.83
N GLY D 216 38.18 15.92 -16.64
CA GLY D 216 38.17 15.53 -18.04
C GLY D 216 37.61 16.66 -18.88
N GLY D 217 38.10 16.78 -20.11
CA GLY D 217 37.63 17.88 -20.94
C GLY D 217 37.66 17.71 -22.44
N CYS D 218 37.48 18.84 -23.12
CA CYS D 218 37.37 18.89 -24.57
C CYS D 218 38.73 18.84 -25.27
N ASP D 219 39.80 18.74 -24.49
CA ASP D 219 41.10 18.45 -25.08
C ASP D 219 41.31 16.94 -25.22
N LYS D 220 40.25 16.17 -24.92
CA LYS D 220 40.27 14.69 -25.02
C LYS D 220 41.13 14.02 -23.95
N LYS D 221 41.44 14.76 -22.89
CA LYS D 221 42.34 14.29 -21.85
C LYS D 221 41.63 14.13 -20.52
N ALA D 222 42.12 13.18 -19.73
CA ALA D 222 41.79 13.10 -18.30
C ALA D 222 43.06 13.41 -17.53
N MET D 223 42.97 14.34 -16.58
CA MET D 223 44.14 14.80 -15.83
C MET D 223 43.92 14.62 -14.34
N VAL D 224 44.92 14.04 -13.67
CA VAL D 224 44.90 13.86 -12.21
C VAL D 224 45.78 14.98 -11.61
N TRP D 225 45.27 15.62 -10.57
CA TRP D 225 45.89 16.81 -10.00
C TRP D 225 46.31 16.62 -8.56
N ASP D 226 47.38 17.29 -8.16
CA ASP D 226 47.78 17.39 -6.77
C ASP D 226 47.19 18.68 -6.21
N MET D 227 46.25 18.54 -5.28
CA MET D 227 45.51 19.69 -4.75
C MET D 227 46.39 20.62 -3.92
N ARG D 228 47.50 20.09 -3.42
CA ARG D 228 48.46 20.90 -2.67
C ARG D 228 49.31 21.82 -3.57
N SER D 229 49.81 21.28 -4.68
CA SER D 229 50.74 22.00 -5.54
C SER D 229 50.04 22.66 -6.73
N GLY D 230 48.86 22.17 -7.07
CA GLY D 230 48.13 22.64 -8.23
C GLY D 230 48.61 22.06 -9.55
N GLN D 231 49.57 21.12 -9.49
CA GLN D 231 50.13 20.54 -10.70
CA GLN D 231 50.12 20.55 -10.71
C GLN D 231 49.42 19.25 -11.12
N CYS D 232 49.39 19.02 -12.43
CA CYS D 232 48.87 17.79 -12.99
C CYS D 232 49.96 16.75 -12.80
N VAL D 233 49.62 15.66 -12.10
CA VAL D 233 50.61 14.62 -11.80
C VAL D 233 50.59 13.44 -12.78
N GLN D 234 49.41 13.19 -13.37
CA GLN D 234 49.23 12.13 -14.36
C GLN D 234 48.20 12.59 -15.37
N ALA D 235 48.49 12.38 -16.65
CA ALA D 235 47.58 12.75 -17.73
C ALA D 235 47.36 11.57 -18.65
N PHE D 236 46.15 11.44 -19.16
CA PHE D 236 45.82 10.36 -20.06
C PHE D 236 45.13 10.92 -21.30
N GLU D 237 45.59 10.48 -22.47
CA GLU D 237 45.12 11.04 -23.74
C GLU D 237 44.89 9.93 -24.75
N THR D 238 43.86 9.12 -24.53
CA THR D 238 43.58 8.01 -25.46
C THR D 238 42.20 8.07 -26.11
N HIS D 239 41.28 8.85 -25.52
CA HIS D 239 39.95 9.02 -26.11
C HIS D 239 40.08 9.75 -27.44
N GLU D 240 39.11 9.52 -28.32
CA GLU D 240 39.15 10.10 -29.67
C GLU D 240 38.28 11.37 -29.78
N SER D 241 37.56 11.69 -28.70
CA SER D 241 36.73 12.88 -28.64
C SER D 241 36.61 13.34 -27.19
N ASP D 242 35.71 14.29 -26.94
CA ASP D 242 35.59 14.94 -25.64
C ASP D 242 35.41 13.95 -24.49
N VAL D 243 36.06 14.22 -23.36
CA VAL D 243 35.85 13.41 -22.15
C VAL D 243 34.72 14.04 -21.32
N ASN D 244 33.56 13.40 -21.32
CA ASN D 244 32.33 13.94 -20.68
C ASN D 244 32.16 13.62 -19.19
N SER D 245 32.75 12.50 -18.76
CA SER D 245 32.59 12.00 -17.40
C SER D 245 33.86 11.30 -16.92
N VAL D 246 34.18 11.47 -15.65
CA VAL D 246 35.29 10.74 -15.01
C VAL D 246 34.84 10.28 -13.63
N ARG D 247 35.33 9.14 -13.20
CA ARG D 247 34.92 8.58 -11.91
C ARG D 247 36.00 7.66 -11.40
N TYR D 248 36.45 7.88 -10.17
CA TYR D 248 37.36 6.94 -9.51
C TYR D 248 36.71 5.59 -9.24
N TYR D 249 37.49 4.54 -9.49
CA TYR D 249 37.20 3.20 -9.00
C TYR D 249 37.33 3.23 -7.46
N PRO D 250 36.48 2.49 -6.74
CA PRO D 250 36.36 2.67 -5.28
C PRO D 250 37.64 2.52 -4.44
N SER D 251 38.62 1.76 -4.92
CA SER D 251 39.90 1.64 -4.22
C SER D 251 40.75 2.90 -4.36
N GLY D 252 40.45 3.70 -5.37
CA GLY D 252 41.23 4.92 -5.65
C GLY D 252 42.44 4.68 -6.54
N ASP D 253 42.65 3.44 -6.98
CA ASP D 253 43.84 3.10 -7.75
C ASP D 253 43.60 3.07 -9.26
N ALA D 254 42.38 3.41 -9.65
CA ALA D 254 41.99 3.47 -11.05
C ALA D 254 40.87 4.47 -11.20
N PHE D 255 40.60 4.91 -12.42
CA PHE D 255 39.40 5.72 -12.67
C PHE D 255 38.87 5.38 -14.06
N ALA D 256 37.59 5.62 -14.27
CA ALA D 256 36.98 5.41 -15.58
C ALA D 256 36.58 6.75 -16.17
N SER D 257 36.53 6.76 -17.50
CA SER D 257 36.02 7.92 -18.23
C SER D 257 34.95 7.50 -19.25
N GLY D 258 34.08 8.43 -19.60
CA GLY D 258 33.10 8.25 -20.66
C GLY D 258 33.27 9.39 -21.64
N SER D 259 33.19 9.09 -22.93
CA SER D 259 33.56 10.06 -23.96
C SER D 259 32.51 10.16 -25.05
N ASP D 260 32.51 11.32 -25.71
CA ASP D 260 31.79 11.52 -26.98
C ASP D 260 32.14 10.47 -28.03
N ASP D 261 33.30 9.82 -27.89
CA ASP D 261 33.74 8.80 -28.86
C ASP D 261 33.01 7.45 -28.72
N ALA D 262 32.01 7.42 -27.84
CA ALA D 262 31.10 6.26 -27.63
C ALA D 262 31.75 5.15 -26.80
N THR D 263 32.95 5.37 -26.30
CA THR D 263 33.62 4.43 -25.41
C THR D 263 33.63 4.89 -23.95
N CYS D 264 33.70 3.95 -23.05
CA CYS D 264 34.22 4.21 -21.73
C CYS D 264 35.57 3.54 -21.56
N ARG D 265 36.41 4.10 -20.73
CA ARG D 265 37.76 3.54 -20.57
C ARG D 265 38.18 3.45 -19.12
N LEU D 266 39.01 2.47 -18.80
CA LEU D 266 39.55 2.35 -17.45
C LEU D 266 41.05 2.64 -17.47
N TYR D 267 41.51 3.47 -16.55
CA TYR D 267 42.92 3.82 -16.43
C TYR D 267 43.46 3.34 -15.10
N ASP D 268 44.60 2.64 -15.15
CA ASP D 268 45.27 2.09 -13.99
C ASP D 268 46.28 3.13 -13.55
N LEU D 269 46.07 3.71 -12.37
CA LEU D 269 46.94 4.79 -11.89
C LEU D 269 48.29 4.35 -11.36
N ARG D 270 48.38 3.10 -10.90
CA ARG D 270 49.62 2.59 -10.29
C ARG D 270 50.61 2.08 -11.32
N ALA D 271 50.11 1.48 -12.40
CA ALA D 271 50.94 1.06 -13.52
C ALA D 271 50.99 2.16 -14.60
N ASP D 272 50.10 3.14 -14.48
CA ASP D 272 50.09 4.36 -15.33
C ASP D 272 49.74 4.09 -16.80
N ARG D 273 48.56 3.53 -17.06
CA ARG D 273 48.15 3.28 -18.45
C ARG D 273 46.67 2.93 -18.56
N GLU D 274 46.14 3.11 -19.76
CA GLU D 274 44.81 2.63 -20.11
C GLU D 274 44.83 1.11 -20.04
N VAL D 275 43.83 0.51 -19.40
CA VAL D 275 43.79 -0.94 -19.28
C VAL D 275 42.54 -1.62 -19.83
N ALA D 276 41.49 -0.84 -20.08
CA ALA D 276 40.26 -1.37 -20.71
C ALA D 276 39.57 -0.33 -21.56
N ILE D 277 38.95 -0.79 -22.65
CA ILE D 277 38.04 0.01 -23.45
C ILE D 277 36.70 -0.73 -23.47
N TYR D 278 35.65 -0.05 -23.02
CA TYR D 278 34.29 -0.61 -23.02
C TYR D 278 33.54 -0.02 -24.20
N SER D 279 33.33 -0.85 -25.21
CA SER D 279 32.68 -0.44 -26.46
C SER D 279 32.02 -1.63 -27.13
N LYS D 280 31.15 -1.31 -28.10
CA LYS D 280 30.43 -2.29 -28.88
C LYS D 280 30.07 -1.59 -30.18
N GLU D 281 30.06 -2.33 -31.29
CA GLU D 281 29.75 -1.76 -32.61
C GLU D 281 28.36 -1.15 -32.69
N SER D 282 27.46 -1.64 -31.84
CA SER D 282 26.06 -1.19 -31.83
C SER D 282 25.87 0.06 -30.98
N ILE D 283 26.93 0.47 -30.30
CA ILE D 283 26.94 1.67 -29.47
C ILE D 283 27.79 2.74 -30.14
N ILE D 284 27.13 3.68 -30.79
CA ILE D 284 27.85 4.68 -31.58
C ILE D 284 27.67 6.11 -31.09
N PHE D 285 26.80 6.31 -30.10
CA PHE D 285 26.60 7.66 -29.53
C PHE D 285 27.40 7.92 -28.25
N GLY D 286 27.59 9.19 -27.91
CA GLY D 286 28.44 9.57 -26.79
C GLY D 286 27.98 9.06 -25.44
N ALA D 287 28.94 8.72 -24.59
CA ALA D 287 28.69 8.47 -23.17
C ALA D 287 28.80 9.81 -22.44
N SER D 288 27.77 10.16 -21.69
CA SER D 288 27.73 11.45 -20.99
C SER D 288 28.16 11.36 -19.52
N SER D 289 28.09 10.16 -18.96
CA SER D 289 28.15 10.01 -17.51
C SER D 289 28.43 8.57 -17.15
N VAL D 290 29.31 8.36 -16.18
CA VAL D 290 29.68 7.01 -15.73
C VAL D 290 29.75 6.93 -14.20
N ASP D 291 29.42 5.76 -13.65
CA ASP D 291 29.63 5.54 -12.22
C ASP D 291 29.80 4.03 -11.98
N PHE D 292 30.52 3.69 -10.91
CA PHE D 292 30.78 2.31 -10.52
C PHE D 292 29.76 1.82 -9.51
N SER D 293 29.46 0.53 -9.57
CA SER D 293 28.76 -0.12 -8.45
C SER D 293 29.70 -0.15 -7.24
N LEU D 294 29.15 -0.45 -6.07
CA LEU D 294 29.92 -0.36 -4.83
C LEU D 294 31.27 -1.10 -4.91
N SER D 295 31.27 -2.32 -5.45
CA SER D 295 32.48 -3.14 -5.53
C SER D 295 33.41 -2.75 -6.68
N GLY D 296 32.95 -1.89 -7.58
CA GLY D 296 33.72 -1.52 -8.76
C GLY D 296 33.64 -2.53 -9.89
N ARG D 297 32.86 -3.59 -9.71
CA ARG D 297 32.77 -4.63 -10.71
C ARG D 297 31.95 -4.18 -11.93
N LEU D 298 30.98 -3.28 -11.71
CA LEU D 298 30.12 -2.79 -12.79
C LEU D 298 30.31 -1.30 -13.01
N LEU D 299 30.28 -0.91 -14.28
CA LEU D 299 30.33 0.50 -14.65
C LEU D 299 29.03 0.79 -15.40
N PHE D 300 28.28 1.73 -14.85
CA PHE D 300 27.05 2.22 -15.44
C PHE D 300 27.36 3.46 -16.24
N ALA D 301 26.82 3.55 -17.46
CA ALA D 301 27.09 4.71 -18.30
C ALA D 301 25.81 5.14 -19.03
N GLY D 302 25.55 6.44 -19.07
CA GLY D 302 24.40 6.96 -19.81
C GLY D 302 24.86 7.52 -21.13
N TYR D 303 24.02 7.42 -22.14
CA TYR D 303 24.40 7.76 -23.50
C TYR D 303 23.46 8.74 -24.17
N ASN D 304 23.99 9.38 -25.20
CA ASN D 304 23.25 10.34 -26.00
C ASN D 304 22.10 9.74 -26.81
N ASP D 305 22.07 8.41 -26.95
CA ASP D 305 20.94 7.74 -27.61
C ASP D 305 19.83 7.29 -26.64
N TYR D 306 19.83 7.86 -25.43
CA TYR D 306 18.75 7.69 -24.43
C TYR D 306 18.88 6.42 -23.59
N THR D 307 19.92 5.62 -23.84
CA THR D 307 20.08 4.32 -23.19
C THR D 307 21.13 4.37 -22.07
N ILE D 308 21.11 3.35 -21.23
CA ILE D 308 22.13 3.13 -20.24
C ILE D 308 22.75 1.79 -20.57
N ASN D 309 24.07 1.73 -20.66
CA ASN D 309 24.77 0.46 -20.86
C ASN D 309 25.56 0.13 -19.61
N VAL D 310 25.53 -1.14 -19.22
CA VAL D 310 26.20 -1.58 -18.01
C VAL D 310 27.32 -2.52 -18.43
N TRP D 311 28.53 -2.26 -17.92
CA TRP D 311 29.74 -2.94 -18.33
C TRP D 311 30.33 -3.75 -17.20
N ASP D 312 30.81 -4.95 -17.52
CA ASP D 312 31.67 -5.71 -16.62
C ASP D 312 33.07 -5.09 -16.70
N VAL D 313 33.46 -4.41 -15.61
CA VAL D 313 34.74 -3.69 -15.53
C VAL D 313 35.96 -4.60 -15.74
N LEU D 314 35.90 -5.82 -15.22
CA LEU D 314 37.02 -6.74 -15.27
C LEU D 314 37.10 -7.56 -16.56
N LYS D 315 35.94 -7.93 -17.10
CA LYS D 315 35.87 -8.83 -18.26
C LYS D 315 35.63 -8.10 -19.57
N GLY D 316 35.10 -6.88 -19.49
CA GLY D 316 34.93 -6.04 -20.68
C GLY D 316 33.56 -6.13 -21.33
N SER D 317 32.80 -7.17 -20.99
CA SER D 317 31.52 -7.43 -21.63
CA SER D 317 31.50 -7.46 -21.60
C SER D 317 30.41 -6.46 -21.20
N ARG D 318 29.52 -6.15 -22.14
CA ARG D 318 28.34 -5.36 -21.86
C ARG D 318 27.41 -6.35 -21.18
N VAL D 319 26.94 -6.00 -19.98
CA VAL D 319 26.08 -6.91 -19.20
C VAL D 319 24.60 -6.59 -19.43
N SER D 320 24.27 -5.31 -19.62
CA SER D 320 22.88 -4.88 -19.81
C SER D 320 22.79 -3.63 -20.66
N ILE D 321 21.71 -3.50 -21.42
CA ILE D 321 21.32 -2.21 -21.96
C ILE D 321 19.93 -1.90 -21.45
N LEU D 322 19.74 -0.67 -20.97
CA LEU D 322 18.47 -0.26 -20.35
C LEU D 322 17.82 0.88 -21.12
N PHE D 323 16.54 0.68 -21.40
CA PHE D 323 15.73 1.60 -22.12
C PHE D 323 14.68 2.18 -21.19
N GLY D 324 14.23 3.38 -21.49
CA GLY D 324 13.28 4.09 -20.68
C GLY D 324 13.19 5.56 -20.96
N HIS D 325 14.30 6.28 -20.93
CA HIS D 325 14.30 7.69 -21.13
C HIS D 325 13.90 8.06 -22.54
N GLU D 326 13.34 9.23 -22.73
CA GLU D 326 12.83 9.66 -24.03
C GLU D 326 13.72 10.73 -24.67
N ASN D 327 14.86 10.97 -24.04
CA ASN D 327 15.90 11.87 -24.55
C ASN D 327 17.24 11.53 -23.89
N ARG D 328 18.31 12.25 -24.23
CA ARG D 328 19.66 11.92 -23.76
C ARG D 328 19.70 11.65 -22.26
N VAL D 329 20.45 10.63 -21.86
CA VAL D 329 20.80 10.51 -20.44
C VAL D 329 22.01 11.41 -20.20
N SER D 330 21.87 12.40 -19.33
CA SER D 330 22.89 13.44 -19.17
C SER D 330 23.73 13.25 -17.92
N THR D 331 23.21 12.44 -17.00
CA THR D 331 23.80 12.32 -15.67
C THR D 331 23.39 10.99 -15.08
N LEU D 332 24.29 10.38 -14.31
CA LEU D 332 24.06 9.05 -13.73
C LEU D 332 24.97 8.86 -12.52
N ARG D 333 24.36 8.55 -11.37
CA ARG D 333 25.13 8.20 -10.15
C ARG D 333 24.53 7.00 -9.44
N VAL D 334 25.39 6.13 -8.97
CA VAL D 334 25.00 4.97 -8.14
C VAL D 334 24.78 5.49 -6.73
N SER D 335 23.78 4.97 -6.02
CA SER D 335 23.44 5.50 -4.70
C SER D 335 24.56 5.18 -3.70
N PRO D 336 24.64 5.95 -2.60
CA PRO D 336 25.69 5.83 -1.58
C PRO D 336 25.86 4.46 -0.96
N ASP D 337 24.78 3.69 -0.87
CA ASP D 337 24.87 2.35 -0.33
C ASP D 337 24.86 1.26 -1.43
N GLY D 338 24.96 1.68 -2.69
CA GLY D 338 25.06 0.78 -3.83
C GLY D 338 23.82 -0.07 -4.13
N THR D 339 22.66 0.37 -3.68
CA THR D 339 21.40 -0.37 -3.89
C THR D 339 20.61 0.03 -5.13
N ALA D 340 21.00 1.15 -5.74
CA ALA D 340 20.28 1.69 -6.89
C ALA D 340 21.19 2.60 -7.67
N PHE D 341 20.74 3.03 -8.85
CA PHE D 341 21.37 4.16 -9.49
C PHE D 341 20.30 5.11 -10.00
N CYS D 342 20.67 6.37 -10.15
CA CYS D 342 19.74 7.35 -10.67
C CYS D 342 20.29 7.89 -11.98
N SER D 343 19.41 8.00 -12.97
CA SER D 343 19.74 8.67 -14.22
C SER D 343 18.88 9.91 -14.39
N GLY D 344 19.48 11.00 -14.86
CA GLY D 344 18.76 12.21 -15.23
C GLY D 344 18.79 12.37 -16.74
N SER D 345 17.79 13.02 -17.30
CA SER D 345 17.64 13.05 -18.74
C SER D 345 17.17 14.38 -19.30
N TRP D 346 17.52 14.63 -20.56
CA TRP D 346 16.99 15.75 -21.30
C TRP D 346 15.47 15.64 -21.52
N ASP D 347 14.87 14.49 -21.17
CA ASP D 347 13.41 14.35 -21.22
C ASP D 347 12.66 14.99 -20.02
N HIS D 348 13.42 15.71 -19.17
CA HIS D 348 12.90 16.50 -18.03
C HIS D 348 12.75 15.67 -16.75
N THR D 349 13.14 14.40 -16.80
CA THR D 349 12.89 13.49 -15.67
C THR D 349 14.15 12.84 -15.13
N LEU D 350 14.03 12.29 -13.92
CA LEU D 350 15.04 11.37 -13.41
C LEU D 350 14.36 10.05 -13.12
N ARG D 351 15.13 8.97 -13.24
CA ARG D 351 14.64 7.63 -12.91
C ARG D 351 15.56 7.01 -11.88
N VAL D 352 14.98 6.32 -10.89
CA VAL D 352 15.78 5.52 -9.97
C VAL D 352 15.57 4.06 -10.32
N TRP D 353 16.66 3.35 -10.55
CA TRP D 353 16.63 1.97 -11.01
C TRP D 353 17.21 1.04 -9.97
N ALA D 354 16.65 -0.16 -9.88
CA ALA D 354 17.20 -1.21 -9.02
C ALA D 354 16.73 -2.56 -9.55
#